data_1TOW
# 
_entry.id   1TOW 
# 
_audit_conform.dict_name       mmcif_pdbx.dic 
_audit_conform.dict_version    5.388 
_audit_conform.dict_location   http://mmcif.pdb.org/dictionaries/ascii/mmcif_pdbx.dic 
# 
loop_
_database_2.database_id 
_database_2.database_code 
_database_2.pdbx_database_accession 
_database_2.pdbx_DOI 
PDB   1TOW         pdb_00001tow 10.2210/pdb1tow/pdb 
RCSB  RCSB022804   ?            ?                   
WWPDB D_1000022804 ?            ?                   
# 
loop_
_pdbx_audit_revision_history.ordinal 
_pdbx_audit_revision_history.data_content_type 
_pdbx_audit_revision_history.major_revision 
_pdbx_audit_revision_history.minor_revision 
_pdbx_audit_revision_history.revision_date 
1 'Structure model' 1 0 2004-08-24 
2 'Structure model' 1 1 2008-04-30 
3 'Structure model' 1 2 2011-07-13 
4 'Structure model' 1 3 2024-03-13 
# 
_pdbx_audit_revision_details.ordinal             1 
_pdbx_audit_revision_details.revision_ordinal    1 
_pdbx_audit_revision_details.data_content_type   'Structure model' 
_pdbx_audit_revision_details.provider            repository 
_pdbx_audit_revision_details.type                'Initial release' 
_pdbx_audit_revision_details.description         ? 
_pdbx_audit_revision_details.details             ? 
# 
loop_
_pdbx_audit_revision_group.ordinal 
_pdbx_audit_revision_group.revision_ordinal 
_pdbx_audit_revision_group.data_content_type 
_pdbx_audit_revision_group.group 
1 2 'Structure model' 'Version format compliance' 
2 3 'Structure model' 'Version format compliance' 
3 4 'Structure model' 'Data collection'           
4 4 'Structure model' 'Database references'       
5 4 'Structure model' 'Derived calculations'      
# 
loop_
_pdbx_audit_revision_category.ordinal 
_pdbx_audit_revision_category.revision_ordinal 
_pdbx_audit_revision_category.data_content_type 
_pdbx_audit_revision_category.category 
1 4 'Structure model' chem_comp_atom 
2 4 'Structure model' chem_comp_bond 
3 4 'Structure model' database_2     
4 4 'Structure model' struct_site    
# 
loop_
_pdbx_audit_revision_item.ordinal 
_pdbx_audit_revision_item.revision_ordinal 
_pdbx_audit_revision_item.data_content_type 
_pdbx_audit_revision_item.item 
1 4 'Structure model' '_database_2.pdbx_DOI'                
2 4 'Structure model' '_database_2.pdbx_database_accession' 
3 4 'Structure model' '_struct_site.pdbx_auth_asym_id'      
4 4 'Structure model' '_struct_site.pdbx_auth_comp_id'      
5 4 'Structure model' '_struct_site.pdbx_auth_seq_id'       
# 
_pdbx_database_status.status_code                     REL 
_pdbx_database_status.entry_id                        1TOW 
_pdbx_database_status.recvd_initial_deposition_date   2004-06-15 
_pdbx_database_status.deposit_site                    RCSB 
_pdbx_database_status.process_site                    PDBJ 
_pdbx_database_status.status_code_sf                  REL 
_pdbx_database_status.SG_entry                        . 
_pdbx_database_status.pdb_format_compatible           Y 
_pdbx_database_status.status_code_mr                  ? 
_pdbx_database_status.status_code_cs                  ? 
_pdbx_database_status.status_code_nmr_data            ? 
_pdbx_database_status.methods_development_category    ? 
# 
_pdbx_database_related.db_name        PDB 
_pdbx_database_related.db_id          1TOU 
_pdbx_database_related.details        'the same protein complexed with different ligand' 
_pdbx_database_related.content_type   unspecified 
# 
loop_
_audit_author.name 
_audit_author.pdbx_ordinal 
'Lehmann, F.'   1 
'Haile, S.'     2 
'Axen, E.'      3 
'Medina, C.'    4 
'Uppenberg, J.' 5 
'Svensson, S.'  6 
'Lundback, T.'  7 
'Rondahl, L.'   8 
'Barf, T.'      9 
# 
_citation.id                        primary 
_citation.title                     
'Discovery of inhibitors of human adipocyte fatty acid-binding protein, a potential type 2 diabetes target.' 
_citation.journal_abbrev            Bioorg.Med.Chem.Lett. 
_citation.journal_volume            14 
_citation.page_first                4445 
_citation.page_last                 4448 
_citation.year                      2004 
_citation.journal_id_ASTM           BMCLE8 
_citation.country                   UK 
_citation.journal_id_ISSN           0960-894X 
_citation.journal_id_CSD            1127 
_citation.book_publisher            ? 
_citation.pdbx_database_id_PubMed   15357969 
_citation.pdbx_database_id_DOI      10.1016/j.bmcl.2004.06.057 
# 
loop_
_citation_author.citation_id 
_citation_author.name 
_citation_author.ordinal 
_citation_author.identifier_ORCID 
primary 'Lehmann, F.'   1 ? 
primary 'Haile, S.'     2 ? 
primary 'Axen, E.'      3 ? 
primary 'Medina, C.'    4 ? 
primary 'Uppenberg, J.' 5 ? 
primary 'Svensson, S.'  6 ? 
primary 'Lundback, T.'  7 ? 
primary 'Rondahl, L.'   8 ? 
primary 'Barf, T.'      9 ? 
# 
loop_
_entity.id 
_entity.type 
_entity.src_method 
_entity.pdbx_description 
_entity.formula_weight 
_entity.pdbx_number_of_molecules 
_entity.pdbx_ec 
_entity.pdbx_mutation 
_entity.pdbx_fragment 
_entity.details 
1 polymer     man 'Fatty acid-binding protein, adipocyte' 14608.702 1   ? ? ? ? 
2 non-polymer syn '4-(9H-CARBAZOL-9-YL)BUTANOIC ACID'     253.296   1   ? ? ? ? 
3 water       nat water                                   18.015    174 ? ? ? ? 
# 
_entity_name_com.entity_id   1 
_entity_name_com.name        'AFABP, Adipocyte lipid-binding protein, ALBP, A-FABP' 
# 
_entity_poly.entity_id                      1 
_entity_poly.type                           'polypeptide(L)' 
_entity_poly.nstd_linkage                   no 
_entity_poly.nstd_monomer                   no 
_entity_poly.pdbx_seq_one_letter_code       
;CDAFVGTWKLVSSENFDDYMKEVGVGFATRKVAGMAKPNMIISVNGDVITIKSESTFKNTEISFILGQEFDEVTADDRKV
KSTITLDGGVLVHVQKWDGKSTTIKRKREDDKLVVECVMKGVTSTRVYERA
;
_entity_poly.pdbx_seq_one_letter_code_can   
;CDAFVGTWKLVSSENFDDYMKEVGVGFATRKVAGMAKPNMIISVNGDVITIKSESTFKNTEISFILGQEFDEVTADDRKV
KSTITLDGGVLVHVQKWDGKSTTIKRKREDDKLVVECVMKGVTSTRVYERA
;
_entity_poly.pdbx_strand_id                 A 
_entity_poly.pdbx_target_identifier         ? 
# 
loop_
_pdbx_entity_nonpoly.entity_id 
_pdbx_entity_nonpoly.name 
_pdbx_entity_nonpoly.comp_id 
2 '4-(9H-CARBAZOL-9-YL)BUTANOIC ACID' CRZ 
3 water                               HOH 
# 
loop_
_entity_poly_seq.entity_id 
_entity_poly_seq.num 
_entity_poly_seq.mon_id 
_entity_poly_seq.hetero 
1 1   CYS n 
1 2   ASP n 
1 3   ALA n 
1 4   PHE n 
1 5   VAL n 
1 6   GLY n 
1 7   THR n 
1 8   TRP n 
1 9   LYS n 
1 10  LEU n 
1 11  VAL n 
1 12  SER n 
1 13  SER n 
1 14  GLU n 
1 15  ASN n 
1 16  PHE n 
1 17  ASP n 
1 18  ASP n 
1 19  TYR n 
1 20  MET n 
1 21  LYS n 
1 22  GLU n 
1 23  VAL n 
1 24  GLY n 
1 25  VAL n 
1 26  GLY n 
1 27  PHE n 
1 28  ALA n 
1 29  THR n 
1 30  ARG n 
1 31  LYS n 
1 32  VAL n 
1 33  ALA n 
1 34  GLY n 
1 35  MET n 
1 36  ALA n 
1 37  LYS n 
1 38  PRO n 
1 39  ASN n 
1 40  MET n 
1 41  ILE n 
1 42  ILE n 
1 43  SER n 
1 44  VAL n 
1 45  ASN n 
1 46  GLY n 
1 47  ASP n 
1 48  VAL n 
1 49  ILE n 
1 50  THR n 
1 51  ILE n 
1 52  LYS n 
1 53  SER n 
1 54  GLU n 
1 55  SER n 
1 56  THR n 
1 57  PHE n 
1 58  LYS n 
1 59  ASN n 
1 60  THR n 
1 61  GLU n 
1 62  ILE n 
1 63  SER n 
1 64  PHE n 
1 65  ILE n 
1 66  LEU n 
1 67  GLY n 
1 68  GLN n 
1 69  GLU n 
1 70  PHE n 
1 71  ASP n 
1 72  GLU n 
1 73  VAL n 
1 74  THR n 
1 75  ALA n 
1 76  ASP n 
1 77  ASP n 
1 78  ARG n 
1 79  LYS n 
1 80  VAL n 
1 81  LYS n 
1 82  SER n 
1 83  THR n 
1 84  ILE n 
1 85  THR n 
1 86  LEU n 
1 87  ASP n 
1 88  GLY n 
1 89  GLY n 
1 90  VAL n 
1 91  LEU n 
1 92  VAL n 
1 93  HIS n 
1 94  VAL n 
1 95  GLN n 
1 96  LYS n 
1 97  TRP n 
1 98  ASP n 
1 99  GLY n 
1 100 LYS n 
1 101 SER n 
1 102 THR n 
1 103 THR n 
1 104 ILE n 
1 105 LYS n 
1 106 ARG n 
1 107 LYS n 
1 108 ARG n 
1 109 GLU n 
1 110 ASP n 
1 111 ASP n 
1 112 LYS n 
1 113 LEU n 
1 114 VAL n 
1 115 VAL n 
1 116 GLU n 
1 117 CYS n 
1 118 VAL n 
1 119 MET n 
1 120 LYS n 
1 121 GLY n 
1 122 VAL n 
1 123 THR n 
1 124 SER n 
1 125 THR n 
1 126 ARG n 
1 127 VAL n 
1 128 TYR n 
1 129 GLU n 
1 130 ARG n 
1 131 ALA n 
# 
_entity_src_gen.entity_id                          1 
_entity_src_gen.pdbx_src_id                        1 
_entity_src_gen.pdbx_alt_source_flag               sample 
_entity_src_gen.pdbx_seq_type                      ? 
_entity_src_gen.pdbx_beg_seq_num                   ? 
_entity_src_gen.pdbx_end_seq_num                   ? 
_entity_src_gen.gene_src_common_name               human 
_entity_src_gen.gene_src_genus                     Homo 
_entity_src_gen.pdbx_gene_src_gene                 ? 
_entity_src_gen.gene_src_species                   ? 
_entity_src_gen.gene_src_strain                    ? 
_entity_src_gen.gene_src_tissue                    ? 
_entity_src_gen.gene_src_tissue_fraction           ? 
_entity_src_gen.gene_src_details                   ? 
_entity_src_gen.pdbx_gene_src_fragment             ? 
_entity_src_gen.pdbx_gene_src_scientific_name      'Homo sapiens' 
_entity_src_gen.pdbx_gene_src_ncbi_taxonomy_id     9606 
_entity_src_gen.pdbx_gene_src_variant              ? 
_entity_src_gen.pdbx_gene_src_cell_line            ? 
_entity_src_gen.pdbx_gene_src_atcc                 ? 
_entity_src_gen.pdbx_gene_src_organ                ? 
_entity_src_gen.pdbx_gene_src_organelle            ? 
_entity_src_gen.pdbx_gene_src_cell                 ? 
_entity_src_gen.pdbx_gene_src_cellular_location    ? 
_entity_src_gen.host_org_common_name               ? 
_entity_src_gen.pdbx_host_org_scientific_name      'Escherichia coli' 
_entity_src_gen.pdbx_host_org_ncbi_taxonomy_id     562 
_entity_src_gen.host_org_genus                     Escherichia 
_entity_src_gen.pdbx_host_org_gene                 ? 
_entity_src_gen.pdbx_host_org_organ                ? 
_entity_src_gen.host_org_species                   ? 
_entity_src_gen.pdbx_host_org_tissue               ? 
_entity_src_gen.pdbx_host_org_tissue_fraction      ? 
_entity_src_gen.pdbx_host_org_strain               ? 
_entity_src_gen.pdbx_host_org_variant              ? 
_entity_src_gen.pdbx_host_org_cell_line            ? 
_entity_src_gen.pdbx_host_org_atcc                 ? 
_entity_src_gen.pdbx_host_org_culture_collection   ? 
_entity_src_gen.pdbx_host_org_cell                 ? 
_entity_src_gen.pdbx_host_org_organelle            ? 
_entity_src_gen.pdbx_host_org_cellular_location    ? 
_entity_src_gen.pdbx_host_org_vector_type          ? 
_entity_src_gen.pdbx_host_org_vector               ? 
_entity_src_gen.host_org_details                   ? 
_entity_src_gen.expression_system_id               ? 
_entity_src_gen.plasmid_name                       ? 
_entity_src_gen.plasmid_details                    ? 
_entity_src_gen.pdbx_description                   ? 
# 
loop_
_chem_comp.id 
_chem_comp.type 
_chem_comp.mon_nstd_flag 
_chem_comp.name 
_chem_comp.pdbx_synonyms 
_chem_comp.formula 
_chem_comp.formula_weight 
ALA 'L-peptide linking' y ALANINE                             ?                         'C3 H7 N O2'     89.093  
ARG 'L-peptide linking' y ARGININE                            ?                         'C6 H15 N4 O2 1' 175.209 
ASN 'L-peptide linking' y ASPARAGINE                          ?                         'C4 H8 N2 O3'    132.118 
ASP 'L-peptide linking' y 'ASPARTIC ACID'                     ?                         'C4 H7 N O4'     133.103 
CRZ non-polymer         . '4-(9H-CARBAZOL-9-YL)BUTANOIC ACID' 'CARBAZOLE BUTANOIC ACID' 'C16 H15 N O2'   253.296 
CYS 'L-peptide linking' y CYSTEINE                            ?                         'C3 H7 N O2 S'   121.158 
GLN 'L-peptide linking' y GLUTAMINE                           ?                         'C5 H10 N2 O3'   146.144 
GLU 'L-peptide linking' y 'GLUTAMIC ACID'                     ?                         'C5 H9 N O4'     147.129 
GLY 'peptide linking'   y GLYCINE                             ?                         'C2 H5 N O2'     75.067  
HIS 'L-peptide linking' y HISTIDINE                           ?                         'C6 H10 N3 O2 1' 156.162 
HOH non-polymer         . WATER                               ?                         'H2 O'           18.015  
ILE 'L-peptide linking' y ISOLEUCINE                          ?                         'C6 H13 N O2'    131.173 
LEU 'L-peptide linking' y LEUCINE                             ?                         'C6 H13 N O2'    131.173 
LYS 'L-peptide linking' y LYSINE                              ?                         'C6 H15 N2 O2 1' 147.195 
MET 'L-peptide linking' y METHIONINE                          ?                         'C5 H11 N O2 S'  149.211 
PHE 'L-peptide linking' y PHENYLALANINE                       ?                         'C9 H11 N O2'    165.189 
PRO 'L-peptide linking' y PROLINE                             ?                         'C5 H9 N O2'     115.130 
SER 'L-peptide linking' y SERINE                              ?                         'C3 H7 N O3'     105.093 
THR 'L-peptide linking' y THREONINE                           ?                         'C4 H9 N O3'     119.119 
TRP 'L-peptide linking' y TRYPTOPHAN                          ?                         'C11 H12 N2 O2'  204.225 
TYR 'L-peptide linking' y TYROSINE                            ?                         'C9 H11 N O3'    181.189 
VAL 'L-peptide linking' y VALINE                              ?                         'C5 H11 N O2'    117.146 
# 
loop_
_pdbx_poly_seq_scheme.asym_id 
_pdbx_poly_seq_scheme.entity_id 
_pdbx_poly_seq_scheme.seq_id 
_pdbx_poly_seq_scheme.mon_id 
_pdbx_poly_seq_scheme.ndb_seq_num 
_pdbx_poly_seq_scheme.pdb_seq_num 
_pdbx_poly_seq_scheme.auth_seq_num 
_pdbx_poly_seq_scheme.pdb_mon_id 
_pdbx_poly_seq_scheme.auth_mon_id 
_pdbx_poly_seq_scheme.pdb_strand_id 
_pdbx_poly_seq_scheme.pdb_ins_code 
_pdbx_poly_seq_scheme.hetero 
A 1 1   CYS 1   1   1   CYS CYS A . n 
A 1 2   ASP 2   2   2   ASP ASP A . n 
A 1 3   ALA 3   3   3   ALA ALA A . n 
A 1 4   PHE 4   4   4   PHE PHE A . n 
A 1 5   VAL 5   5   5   VAL VAL A . n 
A 1 6   GLY 6   6   6   GLY GLY A . n 
A 1 7   THR 7   7   7   THR THR A . n 
A 1 8   TRP 8   8   8   TRP TRP A . n 
A 1 9   LYS 9   9   9   LYS LYS A . n 
A 1 10  LEU 10  10  10  LEU LEU A . n 
A 1 11  VAL 11  11  11  VAL VAL A . n 
A 1 12  SER 12  12  12  SER SER A . n 
A 1 13  SER 13  13  13  SER SER A . n 
A 1 14  GLU 14  14  14  GLU GLU A . n 
A 1 15  ASN 15  15  15  ASN ASN A . n 
A 1 16  PHE 16  16  16  PHE PHE A . n 
A 1 17  ASP 17  17  17  ASP ASP A . n 
A 1 18  ASP 18  18  18  ASP ASP A . n 
A 1 19  TYR 19  19  19  TYR TYR A . n 
A 1 20  MET 20  20  20  MET MET A . n 
A 1 21  LYS 21  21  21  LYS LYS A . n 
A 1 22  GLU 22  22  22  GLU GLU A . n 
A 1 23  VAL 23  23  23  VAL VAL A . n 
A 1 24  GLY 24  24  24  GLY GLY A . n 
A 1 25  VAL 25  25  25  VAL VAL A . n 
A 1 26  GLY 26  26  26  GLY GLY A . n 
A 1 27  PHE 27  27  27  PHE PHE A . n 
A 1 28  ALA 28  28  28  ALA ALA A . n 
A 1 29  THR 29  29  29  THR THR A . n 
A 1 30  ARG 30  30  30  ARG ARG A . n 
A 1 31  LYS 31  31  31  LYS LYS A . n 
A 1 32  VAL 32  32  32  VAL VAL A . n 
A 1 33  ALA 33  33  33  ALA ALA A . n 
A 1 34  GLY 34  34  34  GLY GLY A . n 
A 1 35  MET 35  35  35  MET MET A . n 
A 1 36  ALA 36  36  36  ALA ALA A . n 
A 1 37  LYS 37  37  37  LYS LYS A . n 
A 1 38  PRO 38  38  38  PRO PRO A . n 
A 1 39  ASN 39  39  39  ASN ASN A . n 
A 1 40  MET 40  40  40  MET MET A . n 
A 1 41  ILE 41  41  41  ILE ILE A . n 
A 1 42  ILE 42  42  42  ILE ILE A . n 
A 1 43  SER 43  43  43  SER SER A . n 
A 1 44  VAL 44  44  44  VAL VAL A . n 
A 1 45  ASN 45  45  45  ASN ASN A . n 
A 1 46  GLY 46  46  46  GLY GLY A . n 
A 1 47  ASP 47  47  47  ASP ASP A . n 
A 1 48  VAL 48  48  48  VAL VAL A . n 
A 1 49  ILE 49  49  49  ILE ILE A . n 
A 1 50  THR 50  50  50  THR THR A . n 
A 1 51  ILE 51  51  51  ILE ILE A . n 
A 1 52  LYS 52  52  52  LYS LYS A . n 
A 1 53  SER 53  53  53  SER SER A . n 
A 1 54  GLU 54  54  54  GLU GLU A . n 
A 1 55  SER 55  55  55  SER SER A . n 
A 1 56  THR 56  56  56  THR THR A . n 
A 1 57  PHE 57  57  57  PHE PHE A . n 
A 1 58  LYS 58  58  58  LYS LYS A . n 
A 1 59  ASN 59  59  59  ASN ASN A . n 
A 1 60  THR 60  60  60  THR THR A . n 
A 1 61  GLU 61  61  61  GLU GLU A . n 
A 1 62  ILE 62  62  62  ILE ILE A . n 
A 1 63  SER 63  63  63  SER SER A . n 
A 1 64  PHE 64  64  64  PHE PHE A . n 
A 1 65  ILE 65  65  65  ILE ILE A . n 
A 1 66  LEU 66  66  66  LEU LEU A . n 
A 1 67  GLY 67  67  67  GLY GLY A . n 
A 1 68  GLN 68  68  68  GLN GLN A . n 
A 1 69  GLU 69  69  69  GLU GLU A . n 
A 1 70  PHE 70  70  70  PHE PHE A . n 
A 1 71  ASP 71  71  71  ASP ASP A . n 
A 1 72  GLU 72  72  72  GLU GLU A . n 
A 1 73  VAL 73  73  73  VAL VAL A . n 
A 1 74  THR 74  74  74  THR THR A . n 
A 1 75  ALA 75  75  75  ALA ALA A . n 
A 1 76  ASP 76  76  76  ASP ASP A . n 
A 1 77  ASP 77  77  77  ASP ASP A . n 
A 1 78  ARG 78  78  78  ARG ARG A . n 
A 1 79  LYS 79  79  79  LYS LYS A . n 
A 1 80  VAL 80  80  80  VAL VAL A . n 
A 1 81  LYS 81  81  81  LYS LYS A . n 
A 1 82  SER 82  82  82  SER SER A . n 
A 1 83  THR 83  83  83  THR THR A . n 
A 1 84  ILE 84  84  84  ILE ILE A . n 
A 1 85  THR 85  85  85  THR THR A . n 
A 1 86  LEU 86  86  86  LEU LEU A . n 
A 1 87  ASP 87  87  87  ASP ASP A . n 
A 1 88  GLY 88  88  88  GLY GLY A . n 
A 1 89  GLY 89  89  89  GLY GLY A . n 
A 1 90  VAL 90  90  90  VAL VAL A . n 
A 1 91  LEU 91  91  91  LEU LEU A . n 
A 1 92  VAL 92  92  92  VAL VAL A . n 
A 1 93  HIS 93  93  93  HIS HIS A . n 
A 1 94  VAL 94  94  94  VAL VAL A . n 
A 1 95  GLN 95  95  95  GLN GLN A . n 
A 1 96  LYS 96  96  96  LYS LYS A . n 
A 1 97  TRP 97  97  97  TRP TRP A . n 
A 1 98  ASP 98  98  98  ASP ASP A . n 
A 1 99  GLY 99  99  99  GLY GLY A . n 
A 1 100 LYS 100 100 100 LYS LYS A . n 
A 1 101 SER 101 101 101 SER SER A . n 
A 1 102 THR 102 102 102 THR THR A . n 
A 1 103 THR 103 103 103 THR THR A . n 
A 1 104 ILE 104 104 104 ILE ILE A . n 
A 1 105 LYS 105 105 105 LYS LYS A . n 
A 1 106 ARG 106 106 106 ARG ARG A . n 
A 1 107 LYS 107 107 107 LYS LYS A . n 
A 1 108 ARG 108 108 108 ARG ARG A . n 
A 1 109 GLU 109 109 109 GLU GLU A . n 
A 1 110 ASP 110 110 110 ASP ASP A . n 
A 1 111 ASP 111 111 111 ASP ASP A . n 
A 1 112 LYS 112 112 112 LYS LYS A . n 
A 1 113 LEU 113 113 113 LEU LEU A . n 
A 1 114 VAL 114 114 114 VAL VAL A . n 
A 1 115 VAL 115 115 115 VAL VAL A . n 
A 1 116 GLU 116 116 116 GLU GLU A . n 
A 1 117 CYS 117 117 117 CYS CYS A . n 
A 1 118 VAL 118 118 118 VAL VAL A . n 
A 1 119 MET 119 119 119 MET MET A . n 
A 1 120 LYS 120 120 120 LYS LYS A . n 
A 1 121 GLY 121 121 121 GLY GLY A . n 
A 1 122 VAL 122 122 122 VAL VAL A . n 
A 1 123 THR 123 123 123 THR THR A . n 
A 1 124 SER 124 124 124 SER SER A . n 
A 1 125 THR 125 125 125 THR THR A . n 
A 1 126 ARG 126 126 126 ARG ARG A . n 
A 1 127 VAL 127 127 127 VAL VAL A . n 
A 1 128 TYR 128 128 128 TYR TYR A . n 
A 1 129 GLU 129 129 129 GLU GLU A . n 
A 1 130 ARG 130 130 130 ARG ARG A . n 
A 1 131 ALA 131 131 131 ALA ALA A . n 
# 
loop_
_pdbx_nonpoly_scheme.asym_id 
_pdbx_nonpoly_scheme.entity_id 
_pdbx_nonpoly_scheme.mon_id 
_pdbx_nonpoly_scheme.ndb_seq_num 
_pdbx_nonpoly_scheme.pdb_seq_num 
_pdbx_nonpoly_scheme.auth_seq_num 
_pdbx_nonpoly_scheme.pdb_mon_id 
_pdbx_nonpoly_scheme.auth_mon_id 
_pdbx_nonpoly_scheme.pdb_strand_id 
_pdbx_nonpoly_scheme.pdb_ins_code 
B 2 CRZ 1   501 501 CRZ B2V A . 
C 3 HOH 1   502 1   HOH HOH A . 
C 3 HOH 2   503 2   HOH HOH A . 
C 3 HOH 3   504 3   HOH HOH A . 
C 3 HOH 4   505 4   HOH HOH A . 
C 3 HOH 5   506 5   HOH HOH A . 
C 3 HOH 6   507 6   HOH HOH A . 
C 3 HOH 7   508 7   HOH HOH A . 
C 3 HOH 8   509 8   HOH HOH A . 
C 3 HOH 9   510 11  HOH HOH A . 
C 3 HOH 10  511 13  HOH HOH A . 
C 3 HOH 11  512 14  HOH HOH A . 
C 3 HOH 12  513 15  HOH HOH A . 
C 3 HOH 13  514 16  HOH HOH A . 
C 3 HOH 14  515 17  HOH HOH A . 
C 3 HOH 15  516 18  HOH HOH A . 
C 3 HOH 16  517 19  HOH HOH A . 
C 3 HOH 17  518 20  HOH HOH A . 
C 3 HOH 18  519 21  HOH HOH A . 
C 3 HOH 19  520 22  HOH HOH A . 
C 3 HOH 20  521 23  HOH HOH A . 
C 3 HOH 21  522 24  HOH HOH A . 
C 3 HOH 22  523 26  HOH HOH A . 
C 3 HOH 23  524 27  HOH HOH A . 
C 3 HOH 24  525 28  HOH HOH A . 
C 3 HOH 25  526 29  HOH HOH A . 
C 3 HOH 26  527 30  HOH HOH A . 
C 3 HOH 27  528 31  HOH HOH A . 
C 3 HOH 28  529 32  HOH HOH A . 
C 3 HOH 29  530 33  HOH HOH A . 
C 3 HOH 30  531 34  HOH HOH A . 
C 3 HOH 31  532 35  HOH HOH A . 
C 3 HOH 32  533 37  HOH HOH A . 
C 3 HOH 33  534 38  HOH HOH A . 
C 3 HOH 34  535 39  HOH HOH A . 
C 3 HOH 35  536 40  HOH HOH A . 
C 3 HOH 36  537 41  HOH HOH A . 
C 3 HOH 37  538 42  HOH HOH A . 
C 3 HOH 38  539 44  HOH HOH A . 
C 3 HOH 39  540 45  HOH HOH A . 
C 3 HOH 40  541 46  HOH HOH A . 
C 3 HOH 41  542 47  HOH HOH A . 
C 3 HOH 42  543 48  HOH HOH A . 
C 3 HOH 43  544 49  HOH HOH A . 
C 3 HOH 44  545 50  HOH HOH A . 
C 3 HOH 45  546 51  HOH HOH A . 
C 3 HOH 46  547 52  HOH HOH A . 
C 3 HOH 47  548 53  HOH HOH A . 
C 3 HOH 48  549 54  HOH HOH A . 
C 3 HOH 49  550 55  HOH HOH A . 
C 3 HOH 50  551 56  HOH HOH A . 
C 3 HOH 51  552 57  HOH HOH A . 
C 3 HOH 52  553 58  HOH HOH A . 
C 3 HOH 53  554 59  HOH HOH A . 
C 3 HOH 54  555 60  HOH HOH A . 
C 3 HOH 55  556 62  HOH HOH A . 
C 3 HOH 56  557 64  HOH HOH A . 
C 3 HOH 57  558 65  HOH HOH A . 
C 3 HOH 58  559 66  HOH HOH A . 
C 3 HOH 59  560 67  HOH HOH A . 
C 3 HOH 60  561 68  HOH HOH A . 
C 3 HOH 61  562 69  HOH HOH A . 
C 3 HOH 62  563 70  HOH HOH A . 
C 3 HOH 63  564 71  HOH HOH A . 
C 3 HOH 64  565 72  HOH HOH A . 
C 3 HOH 65  566 73  HOH HOH A . 
C 3 HOH 66  567 74  HOH HOH A . 
C 3 HOH 67  568 75  HOH HOH A . 
C 3 HOH 68  569 76  HOH HOH A . 
C 3 HOH 69  570 77  HOH HOH A . 
C 3 HOH 70  571 78  HOH HOH A . 
C 3 HOH 71  572 79  HOH HOH A . 
C 3 HOH 72  573 80  HOH HOH A . 
C 3 HOH 73  574 81  HOH HOH A . 
C 3 HOH 74  575 82  HOH HOH A . 
C 3 HOH 75  576 83  HOH HOH A . 
C 3 HOH 76  577 84  HOH HOH A . 
C 3 HOH 77  578 85  HOH HOH A . 
C 3 HOH 78  579 86  HOH HOH A . 
C 3 HOH 79  580 87  HOH HOH A . 
C 3 HOH 80  581 88  HOH HOH A . 
C 3 HOH 81  582 89  HOH HOH A . 
C 3 HOH 82  583 90  HOH HOH A . 
C 3 HOH 83  584 91  HOH HOH A . 
C 3 HOH 84  585 92  HOH HOH A . 
C 3 HOH 85  586 93  HOH HOH A . 
C 3 HOH 86  587 94  HOH HOH A . 
C 3 HOH 87  588 95  HOH HOH A . 
C 3 HOH 88  589 96  HOH HOH A . 
C 3 HOH 89  590 97  HOH HOH A . 
C 3 HOH 90  591 98  HOH HOH A . 
C 3 HOH 91  592 100 HOH HOH A . 
C 3 HOH 92  593 101 HOH HOH A . 
C 3 HOH 93  594 102 HOH HOH A . 
C 3 HOH 94  595 103 HOH HOH A . 
C 3 HOH 95  596 104 HOH HOH A . 
C 3 HOH 96  597 105 HOH HOH A . 
C 3 HOH 97  598 106 HOH HOH A . 
C 3 HOH 98  599 107 HOH HOH A . 
C 3 HOH 99  600 108 HOH HOH A . 
C 3 HOH 100 601 109 HOH HOH A . 
C 3 HOH 101 602 110 HOH HOH A . 
C 3 HOH 102 603 111 HOH HOH A . 
C 3 HOH 103 604 112 HOH HOH A . 
C 3 HOH 104 605 114 HOH HOH A . 
C 3 HOH 105 606 115 HOH HOH A . 
C 3 HOH 106 607 116 HOH HOH A . 
C 3 HOH 107 608 117 HOH HOH A . 
C 3 HOH 108 609 118 HOH HOH A . 
C 3 HOH 109 610 119 HOH HOH A . 
C 3 HOH 110 611 120 HOH HOH A . 
C 3 HOH 111 612 121 HOH HOH A . 
C 3 HOH 112 613 122 HOH HOH A . 
C 3 HOH 113 614 124 HOH HOH A . 
C 3 HOH 114 615 125 HOH HOH A . 
C 3 HOH 115 616 126 HOH HOH A . 
C 3 HOH 116 617 130 HOH HOH A . 
C 3 HOH 117 618 131 HOH HOH A . 
C 3 HOH 118 619 133 HOH HOH A . 
C 3 HOH 119 620 134 HOH HOH A . 
C 3 HOH 120 621 135 HOH HOH A . 
C 3 HOH 121 622 136 HOH HOH A . 
C 3 HOH 122 623 137 HOH HOH A . 
C 3 HOH 123 624 138 HOH HOH A . 
C 3 HOH 124 625 141 HOH HOH A . 
C 3 HOH 125 626 142 HOH HOH A . 
C 3 HOH 126 627 143 HOH HOH A . 
C 3 HOH 127 628 145 HOH HOH A . 
C 3 HOH 128 629 146 HOH HOH A . 
C 3 HOH 129 630 147 HOH HOH A . 
C 3 HOH 130 631 148 HOH HOH A . 
C 3 HOH 131 632 149 HOH HOH A . 
C 3 HOH 132 633 150 HOH HOH A . 
C 3 HOH 133 634 151 HOH HOH A . 
C 3 HOH 134 635 152 HOH HOH A . 
C 3 HOH 135 636 153 HOH HOH A . 
C 3 HOH 136 637 154 HOH HOH A . 
C 3 HOH 137 638 155 HOH HOH A . 
C 3 HOH 138 639 158 HOH HOH A . 
C 3 HOH 139 640 160 HOH HOH A . 
C 3 HOH 140 641 161 HOH HOH A . 
C 3 HOH 141 642 162 HOH HOH A . 
C 3 HOH 142 643 163 HOH HOH A . 
C 3 HOH 143 644 165 HOH HOH A . 
C 3 HOH 144 645 166 HOH HOH A . 
C 3 HOH 145 646 167 HOH HOH A . 
C 3 HOH 146 647 168 HOH HOH A . 
C 3 HOH 147 648 169 HOH HOH A . 
C 3 HOH 148 649 170 HOH HOH A . 
C 3 HOH 149 650 171 HOH HOH A . 
C 3 HOH 150 651 172 HOH HOH A . 
C 3 HOH 151 652 173 HOH HOH A . 
C 3 HOH 152 653 174 HOH HOH A . 
C 3 HOH 153 654 175 HOH HOH A . 
C 3 HOH 154 655 176 HOH HOH A . 
C 3 HOH 155 656 177 HOH HOH A . 
C 3 HOH 156 657 178 HOH HOH A . 
C 3 HOH 157 658 179 HOH HOH A . 
C 3 HOH 158 659 180 HOH HOH A . 
C 3 HOH 159 660 181 HOH HOH A . 
C 3 HOH 160 661 182 HOH HOH A . 
C 3 HOH 161 662 183 HOH HOH A . 
C 3 HOH 162 663 184 HOH HOH A . 
C 3 HOH 163 664 185 HOH HOH A . 
C 3 HOH 164 665 186 HOH HOH A . 
C 3 HOH 165 666 187 HOH HOH A . 
C 3 HOH 166 667 188 HOH HOH A . 
C 3 HOH 167 668 189 HOH HOH A . 
C 3 HOH 168 669 190 HOH HOH A . 
C 3 HOH 169 670 191 HOH HOH A . 
C 3 HOH 170 671 193 HOH HOH A . 
C 3 HOH 171 672 194 HOH HOH A . 
C 3 HOH 172 673 195 HOH HOH A . 
C 3 HOH 173 674 196 HOH HOH A . 
C 3 HOH 174 675 197 HOH HOH A . 
# 
loop_
_software.name 
_software.classification 
_software.version 
_software.citation_id 
_software.pdbx_ordinal 
REFMAC    refinement       5.2.0003 ? 1 
DENZO     'data reduction' .        ? 2 
SCALEPACK 'data scaling'   .        ? 3 
AMoRE     phasing          .        ? 4 
# 
_cell.entry_id           1TOW 
_cell.length_a           72.050 
_cell.length_b           53.045 
_cell.length_c           31.782 
_cell.angle_alpha        90.00 
_cell.angle_beta         90.00 
_cell.angle_gamma        90.00 
_cell.Z_PDB              4 
_cell.pdbx_unique_axis   ? 
# 
_symmetry.entry_id                         1TOW 
_symmetry.space_group_name_H-M             'P 21 21 2' 
_symmetry.pdbx_full_space_group_name_H-M   ? 
_symmetry.cell_setting                     ? 
_symmetry.Int_Tables_number                18 
# 
_exptl.entry_id          1TOW 
_exptl.method            'X-RAY DIFFRACTION' 
_exptl.crystals_number   1 
# 
_exptl_crystal.id                    1 
_exptl_crystal.density_meas          ? 
_exptl_crystal.density_Matthews      2.08 
_exptl_crystal.density_percent_sol   41 
_exptl_crystal.description           ? 
# 
_exptl_crystal_grow.crystal_id      1 
_exptl_crystal_grow.method          'VAPOR DIFFUSION, HANGING DROP' 
_exptl_crystal_grow.temp            293 
_exptl_crystal_grow.temp_details    ? 
_exptl_crystal_grow.pH              7.0 
_exptl_crystal_grow.pdbx_details    'PEG2000, DMSO, TRIS, pH 7.0, VAPOR DIFFUSION, HANGING DROP, temperature 293K' 
_exptl_crystal_grow.pdbx_pH_range   . 
# 
_diffrn.id                     1 
_diffrn.ambient_temp           100 
_diffrn.ambient_temp_details   ? 
_diffrn.crystal_id             1 
# 
_diffrn_detector.diffrn_id              1 
_diffrn_detector.detector               'IMAGE PLATE' 
_diffrn_detector.type                   'RIGAKU RAXIS IV' 
_diffrn_detector.pdbx_collection_date   2000-11-05 
_diffrn_detector.details                ? 
# 
_diffrn_radiation.diffrn_id                        1 
_diffrn_radiation.wavelength_id                    1 
_diffrn_radiation.pdbx_monochromatic_or_laue_m_l   M 
_diffrn_radiation.monochromator                    'osmic mirrors' 
_diffrn_radiation.pdbx_diffrn_protocol             'SINGLE WAVELENGTH' 
_diffrn_radiation.pdbx_scattering_type             x-ray 
# 
_diffrn_radiation_wavelength.id           1 
_diffrn_radiation_wavelength.wavelength   1.5418 
_diffrn_radiation_wavelength.wt           1.0 
# 
_diffrn_source.diffrn_id                   1 
_diffrn_source.source                      'ROTATING ANODE' 
_diffrn_source.type                        RIGAKU 
_diffrn_source.pdbx_synchrotron_site       ? 
_diffrn_source.pdbx_synchrotron_beamline   ? 
_diffrn_source.pdbx_wavelength             ? 
_diffrn_source.pdbx_wavelength_list        1.5418 
# 
_reflns.entry_id                     1TOW 
_reflns.observed_criterion_sigma_F   0 
_reflns.observed_criterion_sigma_I   0 
_reflns.d_resolution_high            2.00 
_reflns.d_resolution_low             25.0 
_reflns.number_all                   ? 
_reflns.number_obs                   8190 
_reflns.percent_possible_obs         93.2 
_reflns.pdbx_Rmerge_I_obs            0.058 
_reflns.pdbx_Rsym_value              ? 
_reflns.pdbx_netI_over_sigmaI        55.9 
_reflns.B_iso_Wilson_estimate        ? 
_reflns.pdbx_redundancy              4.3 
_reflns.R_free_details               ? 
_reflns.limit_h_max                  ? 
_reflns.limit_h_min                  ? 
_reflns.limit_k_max                  ? 
_reflns.limit_k_min                  ? 
_reflns.limit_l_max                  ? 
_reflns.limit_l_min                  ? 
_reflns.observed_criterion_F_max     ? 
_reflns.observed_criterion_F_min     ? 
_reflns.pdbx_diffrn_id               1 
_reflns.pdbx_ordinal                 1 
# 
_reflns_shell.d_res_high             2.00 
_reflns_shell.d_res_low              2.07 
_reflns_shell.percent_possible_all   67.2 
_reflns_shell.Rmerge_I_obs           0.165 
_reflns_shell.pdbx_Rsym_value        ? 
_reflns_shell.meanI_over_sigI_obs    7.0 
_reflns_shell.pdbx_redundancy        ? 
_reflns_shell.percent_possible_obs   ? 
_reflns_shell.number_unique_all      577 
_reflns_shell.pdbx_diffrn_id         ? 
_reflns_shell.pdbx_ordinal           1 
# 
_refine.entry_id                                 1TOW 
_refine.ls_number_reflns_obs                     7757 
_refine.ls_number_reflns_all                     7757 
_refine.pdbx_ls_sigma_I                          ? 
_refine.pdbx_ls_sigma_F                          0 
_refine.pdbx_data_cutoff_high_absF               ? 
_refine.pdbx_data_cutoff_low_absF                ? 
_refine.pdbx_data_cutoff_high_rms_absF           ? 
_refine.ls_d_res_low                             15.00 
_refine.ls_d_res_high                            2.00 
_refine.ls_percent_reflns_obs                    93.78 
_refine.ls_R_factor_obs                          0.19151 
_refine.ls_R_factor_all                          ? 
_refine.ls_R_factor_R_work                       0.18848 
_refine.ls_R_factor_R_free                       0.25651 
_refine.ls_R_factor_R_free_error                 ? 
_refine.ls_R_factor_R_free_error_details         ? 
_refine.ls_percent_reflns_R_free                 4.5 
_refine.ls_number_reflns_R_free                  368 
_refine.ls_number_parameters                     ? 
_refine.ls_number_restraints                     ? 
_refine.occupancy_min                            ? 
_refine.occupancy_max                            ? 
_refine.correlation_coeff_Fo_to_Fc               0.943 
_refine.correlation_coeff_Fo_to_Fc_free          0.904 
_refine.B_iso_mean                               20.363 
_refine.aniso_B[1][1]                            -0.70 
_refine.aniso_B[2][2]                            -1.28 
_refine.aniso_B[3][3]                            1.98 
_refine.aniso_B[1][2]                            0.00 
_refine.aniso_B[1][3]                            0.00 
_refine.aniso_B[2][3]                            0.00 
_refine.solvent_model_details                    'BABINET MODEL WITH MASK' 
_refine.solvent_model_param_ksol                 ? 
_refine.solvent_model_param_bsol                 ? 
_refine.pdbx_solvent_vdw_probe_radii             1.20 
_refine.pdbx_solvent_ion_probe_radii             0.80 
_refine.pdbx_solvent_shrinkage_radii             0.80 
_refine.pdbx_ls_cross_valid_method               THROUGHOUT 
_refine.details                                  ? 
_refine.pdbx_starting_model                      ? 
_refine.pdbx_method_to_determine_struct          'FOURIER SYNTHESIS' 
_refine.pdbx_isotropic_thermal_model             ? 
_refine.pdbx_stereochemistry_target_values       'MAXIMUM LIKELIHOOD' 
_refine.pdbx_stereochem_target_val_spec_case     ? 
_refine.pdbx_R_Free_selection_details            RANDOM 
_refine.pdbx_overall_ESU_R                       0.253 
_refine.pdbx_overall_ESU_R_Free                  0.211 
_refine.overall_SU_ML                            0.132 
_refine.overall_SU_B                             4.656 
_refine.ls_redundancy_reflns_obs                 ? 
_refine.B_iso_min                                ? 
_refine.B_iso_max                                ? 
_refine.overall_SU_R_Cruickshank_DPI             ? 
_refine.overall_SU_R_free                        ? 
_refine.pdbx_refine_id                           'X-RAY DIFFRACTION' 
_refine.pdbx_diffrn_id                           1 
_refine.pdbx_TLS_residual_ADP_flag               ? 
_refine.pdbx_overall_phase_error                 ? 
_refine.pdbx_overall_SU_R_free_Cruickshank_DPI   ? 
_refine.pdbx_overall_SU_R_Blow_DPI               ? 
_refine.pdbx_overall_SU_R_free_Blow_DPI          ? 
# 
_refine_hist.pdbx_refine_id                   'X-RAY DIFFRACTION' 
_refine_hist.cycle_id                         LAST 
_refine_hist.pdbx_number_atoms_protein        1022 
_refine_hist.pdbx_number_atoms_nucleic_acid   0 
_refine_hist.pdbx_number_atoms_ligand         19 
_refine_hist.number_atoms_solvent             174 
_refine_hist.number_atoms_total               1215 
_refine_hist.d_res_high                       2.00 
_refine_hist.d_res_low                        15.00 
# 
loop_
_refine_ls_restr.type 
_refine_ls_restr.dev_ideal 
_refine_ls_restr.dev_ideal_target 
_refine_ls_restr.weight 
_refine_ls_restr.number 
_refine_ls_restr.pdbx_refine_id 
_refine_ls_restr.pdbx_restraint_function 
r_bond_refined_d         0.010  0.022  ? 1056 'X-RAY DIFFRACTION' ? 
r_angle_refined_deg      1.288  1.966  ? 1421 'X-RAY DIFFRACTION' ? 
r_dihedral_angle_1_deg   6.012  5.000  ? 130  'X-RAY DIFFRACTION' ? 
r_dihedral_angle_2_deg   39.496 24.651 ? 43   'X-RAY DIFFRACTION' ? 
r_dihedral_angle_3_deg   13.772 15.000 ? 200  'X-RAY DIFFRACTION' ? 
r_dihedral_angle_4_deg   18.525 15.000 ? 6    'X-RAY DIFFRACTION' ? 
r_chiral_restr           0.075  0.200  ? 163  'X-RAY DIFFRACTION' ? 
r_gen_planes_refined     0.004  0.020  ? 763  'X-RAY DIFFRACTION' ? 
r_nbd_refined            0.189  0.200  ? 461  'X-RAY DIFFRACTION' ? 
r_nbtor_refined          0.300  0.200  ? 706  'X-RAY DIFFRACTION' ? 
r_xyhbond_nbd_refined    0.165  0.200  ? 145  'X-RAY DIFFRACTION' ? 
r_symmetry_vdw_refined   0.285  0.200  ? 44   'X-RAY DIFFRACTION' ? 
r_symmetry_hbond_refined 0.126  0.200  ? 19   'X-RAY DIFFRACTION' ? 
r_mcbond_it              0.764  1.500  ? 673  'X-RAY DIFFRACTION' ? 
r_mcangle_it             1.192  2.000  ? 1051 'X-RAY DIFFRACTION' ? 
r_scbond_it              1.672  3.000  ? 464  'X-RAY DIFFRACTION' ? 
r_scangle_it             2.790  4.500  ? 370  'X-RAY DIFFRACTION' ? 
# 
_refine_ls_shell.pdbx_total_number_of_bins_used   20 
_refine_ls_shell.d_res_high                       2.000 
_refine_ls_shell.d_res_low                        2.051 
_refine_ls_shell.number_reflns_R_work             402 
_refine_ls_shell.R_factor_R_work                  0.226 
_refine_ls_shell.percent_reflns_obs               68.26 
_refine_ls_shell.R_factor_R_free                  0.347 
_refine_ls_shell.R_factor_R_free_error            ? 
_refine_ls_shell.percent_reflns_R_free            ? 
_refine_ls_shell.number_reflns_R_free             13 
_refine_ls_shell.number_reflns_obs                ? 
_refine_ls_shell.redundancy_reflns_obs            ? 
_refine_ls_shell.number_reflns_all                ? 
_refine_ls_shell.pdbx_refine_id                   'X-RAY DIFFRACTION' 
_refine_ls_shell.R_factor_all                     ? 
# 
_struct.entry_id                  1TOW 
_struct.title                     
'Crystal structure of human adipocyte fatty acid binding protein in complex with a carboxylic acid ligand' 
_struct.pdbx_model_details        ? 
_struct.pdbx_CASP_flag            ? 
_struct.pdbx_model_type_details   ? 
# 
_struct_keywords.entry_id        1TOW 
_struct_keywords.pdbx_keywords   'LIPID TRANSPORT' 
_struct_keywords.text            'Transport, Lipid-binding, LIPID TRANSPORT' 
# 
loop_
_struct_asym.id 
_struct_asym.pdbx_blank_PDB_chainid_flag 
_struct_asym.pdbx_modified 
_struct_asym.entity_id 
_struct_asym.details 
A N N 1 ? 
B N N 2 ? 
C N N 3 ? 
# 
_struct_ref.id                         1 
_struct_ref.db_name                    UNP 
_struct_ref.db_code                    FABPA_HUMAN 
_struct_ref.pdbx_db_accession          P15090 
_struct_ref.entity_id                  1 
_struct_ref.pdbx_seq_one_letter_code   
;CDAFVGTWKLVSSENFDDYMKEVGVGFATRKVAGMAKPNMIISVNGDVITIKSESTFKNTEISFILGQEFDEVTADDRKV
KSTITLDGGVLVHVQKWDGKSTTIKRKREDDKLVVECVMKGVTSTRVYERA
;
_struct_ref.pdbx_align_begin           1 
_struct_ref.pdbx_db_isoform            ? 
# 
_struct_ref_seq.align_id                      1 
_struct_ref_seq.ref_id                        1 
_struct_ref_seq.pdbx_PDB_id_code              1TOW 
_struct_ref_seq.pdbx_strand_id                A 
_struct_ref_seq.seq_align_beg                 1 
_struct_ref_seq.pdbx_seq_align_beg_ins_code   ? 
_struct_ref_seq.seq_align_end                 131 
_struct_ref_seq.pdbx_seq_align_end_ins_code   ? 
_struct_ref_seq.pdbx_db_accession             P15090 
_struct_ref_seq.db_align_beg                  1 
_struct_ref_seq.pdbx_db_align_beg_ins_code    ? 
_struct_ref_seq.db_align_end                  131 
_struct_ref_seq.pdbx_db_align_end_ins_code    ? 
_struct_ref_seq.pdbx_auth_seq_align_beg       1 
_struct_ref_seq.pdbx_auth_seq_align_end       131 
# 
_pdbx_struct_assembly.id                   1 
_pdbx_struct_assembly.details              author_defined_assembly 
_pdbx_struct_assembly.method_details       ? 
_pdbx_struct_assembly.oligomeric_details   monomeric 
_pdbx_struct_assembly.oligomeric_count     1 
# 
_pdbx_struct_assembly_gen.assembly_id       1 
_pdbx_struct_assembly_gen.oper_expression   1 
_pdbx_struct_assembly_gen.asym_id_list      A,B,C 
# 
_pdbx_struct_oper_list.id                   1 
_pdbx_struct_oper_list.type                 'identity operation' 
_pdbx_struct_oper_list.name                 1_555 
_pdbx_struct_oper_list.symmetry_operation   x,y,z 
_pdbx_struct_oper_list.matrix[1][1]         1.0000000000 
_pdbx_struct_oper_list.matrix[1][2]         0.0000000000 
_pdbx_struct_oper_list.matrix[1][3]         0.0000000000 
_pdbx_struct_oper_list.vector[1]            0.0000000000 
_pdbx_struct_oper_list.matrix[2][1]         0.0000000000 
_pdbx_struct_oper_list.matrix[2][2]         1.0000000000 
_pdbx_struct_oper_list.matrix[2][3]         0.0000000000 
_pdbx_struct_oper_list.vector[2]            0.0000000000 
_pdbx_struct_oper_list.matrix[3][1]         0.0000000000 
_pdbx_struct_oper_list.matrix[3][2]         0.0000000000 
_pdbx_struct_oper_list.matrix[3][3]         1.0000000000 
_pdbx_struct_oper_list.vector[3]            0.0000000000 
# 
_struct_biol.id                    1 
_struct_biol.pdbx_parent_biol_id   ? 
_struct_biol.details               ? 
# 
loop_
_struct_conf.conf_type_id 
_struct_conf.id 
_struct_conf.pdbx_PDB_helix_id 
_struct_conf.beg_label_comp_id 
_struct_conf.beg_label_asym_id 
_struct_conf.beg_label_seq_id 
_struct_conf.pdbx_beg_PDB_ins_code 
_struct_conf.end_label_comp_id 
_struct_conf.end_label_asym_id 
_struct_conf.end_label_seq_id 
_struct_conf.pdbx_end_PDB_ins_code 
_struct_conf.beg_auth_comp_id 
_struct_conf.beg_auth_asym_id 
_struct_conf.beg_auth_seq_id 
_struct_conf.end_auth_comp_id 
_struct_conf.end_auth_asym_id 
_struct_conf.end_auth_seq_id 
_struct_conf.pdbx_PDB_helix_class 
_struct_conf.details 
_struct_conf.pdbx_PDB_helix_length 
HELX_P HELX_P1 1 ASN A 15 ? GLY A 24 ? ASN A 15 GLY A 24 1 ? 10 
HELX_P HELX_P2 2 GLY A 26 ? ALA A 36 ? GLY A 26 ALA A 36 1 ? 11 
# 
_struct_conf_type.id          HELX_P 
_struct_conf_type.criteria    ? 
_struct_conf_type.reference   ? 
# 
_struct_sheet.id               A 
_struct_sheet.type             ? 
_struct_sheet.number_strands   10 
_struct_sheet.details          ? 
# 
loop_
_struct_sheet_order.sheet_id 
_struct_sheet_order.range_id_1 
_struct_sheet_order.range_id_2 
_struct_sheet_order.offset 
_struct_sheet_order.sense 
A 1 2  ? anti-parallel 
A 2 3  ? anti-parallel 
A 3 4  ? anti-parallel 
A 4 5  ? anti-parallel 
A 5 6  ? anti-parallel 
A 6 7  ? anti-parallel 
A 7 8  ? anti-parallel 
A 8 9  ? anti-parallel 
A 9 10 ? anti-parallel 
# 
loop_
_struct_sheet_range.sheet_id 
_struct_sheet_range.id 
_struct_sheet_range.beg_label_comp_id 
_struct_sheet_range.beg_label_asym_id 
_struct_sheet_range.beg_label_seq_id 
_struct_sheet_range.pdbx_beg_PDB_ins_code 
_struct_sheet_range.end_label_comp_id 
_struct_sheet_range.end_label_asym_id 
_struct_sheet_range.end_label_seq_id 
_struct_sheet_range.pdbx_end_PDB_ins_code 
_struct_sheet_range.beg_auth_comp_id 
_struct_sheet_range.beg_auth_asym_id 
_struct_sheet_range.beg_auth_seq_id 
_struct_sheet_range.end_auth_comp_id 
_struct_sheet_range.end_auth_asym_id 
_struct_sheet_range.end_auth_seq_id 
A 1  THR A 60  ? PHE A 64  ? THR A 60  PHE A 64  
A 2  VAL A 48  ? GLU A 54  ? VAL A 48  GLU A 54  
A 3  ASN A 39  ? ASN A 45  ? ASN A 39  ASN A 45  
A 4  GLY A 6   ? GLU A 14  ? GLY A 6   GLU A 14  
A 5  VAL A 122 ? ARG A 130 ? VAL A 122 ARG A 130 
A 6  LYS A 112 ? MET A 119 ? LYS A 112 MET A 119 
A 7  LYS A 100 ? GLU A 109 ? LYS A 100 GLU A 109 
A 8  VAL A 90  ? TRP A 97  ? VAL A 90  TRP A 97  
A 9  LYS A 79  ? ASP A 87  ? LYS A 79  ASP A 87  
A 10 PHE A 70  ? VAL A 73  ? PHE A 70  VAL A 73  
# 
loop_
_pdbx_struct_sheet_hbond.sheet_id 
_pdbx_struct_sheet_hbond.range_id_1 
_pdbx_struct_sheet_hbond.range_id_2 
_pdbx_struct_sheet_hbond.range_1_label_atom_id 
_pdbx_struct_sheet_hbond.range_1_label_comp_id 
_pdbx_struct_sheet_hbond.range_1_label_asym_id 
_pdbx_struct_sheet_hbond.range_1_label_seq_id 
_pdbx_struct_sheet_hbond.range_1_PDB_ins_code 
_pdbx_struct_sheet_hbond.range_1_auth_atom_id 
_pdbx_struct_sheet_hbond.range_1_auth_comp_id 
_pdbx_struct_sheet_hbond.range_1_auth_asym_id 
_pdbx_struct_sheet_hbond.range_1_auth_seq_id 
_pdbx_struct_sheet_hbond.range_2_label_atom_id 
_pdbx_struct_sheet_hbond.range_2_label_comp_id 
_pdbx_struct_sheet_hbond.range_2_label_asym_id 
_pdbx_struct_sheet_hbond.range_2_label_seq_id 
_pdbx_struct_sheet_hbond.range_2_PDB_ins_code 
_pdbx_struct_sheet_hbond.range_2_auth_atom_id 
_pdbx_struct_sheet_hbond.range_2_auth_comp_id 
_pdbx_struct_sheet_hbond.range_2_auth_asym_id 
_pdbx_struct_sheet_hbond.range_2_auth_seq_id 
A 1 2  O THR A 60  ? O THR A 60  N SER A 53  ? N SER A 53  
A 2 3  O GLU A 54  ? O GLU A 54  N ASN A 39  ? N ASN A 39  
A 3 4  O MET A 40  ? O MET A 40  N TRP A 8   ? N TRP A 8   
A 4 5  N VAL A 11  ? N VAL A 11  O VAL A 127 ? O VAL A 127 
A 5 6  O ARG A 126 ? O ARG A 126 N VAL A 115 ? N VAL A 115 
A 6 7  O VAL A 114 ? O VAL A 114 N LYS A 107 ? N LYS A 107 
A 7 8  O ILE A 104 ? O ILE A 104 N HIS A 93  ? N HIS A 93  
A 8 9  O VAL A 90  ? O VAL A 90  N ASP A 87  ? N ASP A 87  
A 9 10 O SER A 82  ? O SER A 82  N PHE A 70  ? N PHE A 70  
# 
_struct_site.id                   AC1 
_struct_site.pdbx_evidence_code   Software 
_struct_site.pdbx_auth_asym_id    A 
_struct_site.pdbx_auth_comp_id    CRZ 
_struct_site.pdbx_auth_seq_id     501 
_struct_site.pdbx_auth_ins_code   ? 
_struct_site.pdbx_num_residues    7 
_struct_site.details              'BINDING SITE FOR RESIDUE CRZ A 501' 
# 
loop_
_struct_site_gen.id 
_struct_site_gen.site_id 
_struct_site_gen.pdbx_num_res 
_struct_site_gen.label_comp_id 
_struct_site_gen.label_asym_id 
_struct_site_gen.label_seq_id 
_struct_site_gen.pdbx_auth_ins_code 
_struct_site_gen.auth_comp_id 
_struct_site_gen.auth_asym_id 
_struct_site_gen.auth_seq_id 
_struct_site_gen.label_atom_id 
_struct_site_gen.label_alt_id 
_struct_site_gen.symmetry 
_struct_site_gen.details 
1 AC1 7 PHE A 16  ? PHE A 16  . ? 1_555 ? 
2 AC1 7 PRO A 38  ? PRO A 38  . ? 1_555 ? 
3 AC1 7 ASP A 76  ? ASP A 76  . ? 1_555 ? 
4 AC1 7 ARG A 78  ? ARG A 78  . ? 1_555 ? 
5 AC1 7 ARG A 126 ? ARG A 126 . ? 1_555 ? 
6 AC1 7 TYR A 128 ? TYR A 128 . ? 1_555 ? 
7 AC1 7 HOH C .   ? HOH A 571 . ? 1_555 ? 
# 
_pdbx_validate_close_contact.id               1 
_pdbx_validate_close_contact.PDB_model_num    1 
_pdbx_validate_close_contact.auth_atom_id_1   N 
_pdbx_validate_close_contact.auth_asym_id_1   A 
_pdbx_validate_close_contact.auth_comp_id_1   CYS 
_pdbx_validate_close_contact.auth_seq_id_1    1 
_pdbx_validate_close_contact.PDB_ins_code_1   ? 
_pdbx_validate_close_contact.label_alt_id_1   ? 
_pdbx_validate_close_contact.auth_atom_id_2   O 
_pdbx_validate_close_contact.auth_asym_id_2   A 
_pdbx_validate_close_contact.auth_comp_id_2   HOH 
_pdbx_validate_close_contact.auth_seq_id_2    518 
_pdbx_validate_close_contact.PDB_ins_code_2   ? 
_pdbx_validate_close_contact.label_alt_id_2   ? 
_pdbx_validate_close_contact.dist             2.15 
# 
loop_
_pdbx_validate_rmsd_angle.id 
_pdbx_validate_rmsd_angle.PDB_model_num 
_pdbx_validate_rmsd_angle.auth_atom_id_1 
_pdbx_validate_rmsd_angle.auth_asym_id_1 
_pdbx_validate_rmsd_angle.auth_comp_id_1 
_pdbx_validate_rmsd_angle.auth_seq_id_1 
_pdbx_validate_rmsd_angle.PDB_ins_code_1 
_pdbx_validate_rmsd_angle.label_alt_id_1 
_pdbx_validate_rmsd_angle.auth_atom_id_2 
_pdbx_validate_rmsd_angle.auth_asym_id_2 
_pdbx_validate_rmsd_angle.auth_comp_id_2 
_pdbx_validate_rmsd_angle.auth_seq_id_2 
_pdbx_validate_rmsd_angle.PDB_ins_code_2 
_pdbx_validate_rmsd_angle.label_alt_id_2 
_pdbx_validate_rmsd_angle.auth_atom_id_3 
_pdbx_validate_rmsd_angle.auth_asym_id_3 
_pdbx_validate_rmsd_angle.auth_comp_id_3 
_pdbx_validate_rmsd_angle.auth_seq_id_3 
_pdbx_validate_rmsd_angle.PDB_ins_code_3 
_pdbx_validate_rmsd_angle.label_alt_id_3 
_pdbx_validate_rmsd_angle.angle_value 
_pdbx_validate_rmsd_angle.angle_target_value 
_pdbx_validate_rmsd_angle.angle_deviation 
_pdbx_validate_rmsd_angle.angle_standard_deviation 
_pdbx_validate_rmsd_angle.linker_flag 
1 1 CB A ASP 2  ? ? CG A ASP 2  ? ? OD2 A ASP 2  ? ? 123.88 118.30 5.58 0.90 N 
2 1 CB A ASP 87 ? ? CG A ASP 87 ? ? OD2 A ASP 87 ? ? 125.09 118.30 6.79 0.90 N 
# 
loop_
_pdbx_validate_torsion.id 
_pdbx_validate_torsion.PDB_model_num 
_pdbx_validate_torsion.auth_comp_id 
_pdbx_validate_torsion.auth_asym_id 
_pdbx_validate_torsion.auth_seq_id 
_pdbx_validate_torsion.PDB_ins_code 
_pdbx_validate_torsion.label_alt_id 
_pdbx_validate_torsion.phi 
_pdbx_validate_torsion.psi 
1 1 ASP A 2   ? ? -156.61 -2.78   
2 1 LYS A 37  ? ? -118.34 79.88   
3 1 ASP A 110 ? ? 60.24   -122.47 
4 1 LYS A 120 ? ? 52.49   -117.13 
# 
loop_
_chem_comp_atom.comp_id 
_chem_comp_atom.atom_id 
_chem_comp_atom.type_symbol 
_chem_comp_atom.pdbx_aromatic_flag 
_chem_comp_atom.pdbx_stereo_config 
_chem_comp_atom.pdbx_ordinal 
ALA N    N N N 1   
ALA CA   C N S 2   
ALA C    C N N 3   
ALA O    O N N 4   
ALA CB   C N N 5   
ALA OXT  O N N 6   
ALA H    H N N 7   
ALA H2   H N N 8   
ALA HA   H N N 9   
ALA HB1  H N N 10  
ALA HB2  H N N 11  
ALA HB3  H N N 12  
ALA HXT  H N N 13  
ARG N    N N N 14  
ARG CA   C N S 15  
ARG C    C N N 16  
ARG O    O N N 17  
ARG CB   C N N 18  
ARG CG   C N N 19  
ARG CD   C N N 20  
ARG NE   N N N 21  
ARG CZ   C N N 22  
ARG NH1  N N N 23  
ARG NH2  N N N 24  
ARG OXT  O N N 25  
ARG H    H N N 26  
ARG H2   H N N 27  
ARG HA   H N N 28  
ARG HB2  H N N 29  
ARG HB3  H N N 30  
ARG HG2  H N N 31  
ARG HG3  H N N 32  
ARG HD2  H N N 33  
ARG HD3  H N N 34  
ARG HE   H N N 35  
ARG HH11 H N N 36  
ARG HH12 H N N 37  
ARG HH21 H N N 38  
ARG HH22 H N N 39  
ARG HXT  H N N 40  
ASN N    N N N 41  
ASN CA   C N S 42  
ASN C    C N N 43  
ASN O    O N N 44  
ASN CB   C N N 45  
ASN CG   C N N 46  
ASN OD1  O N N 47  
ASN ND2  N N N 48  
ASN OXT  O N N 49  
ASN H    H N N 50  
ASN H2   H N N 51  
ASN HA   H N N 52  
ASN HB2  H N N 53  
ASN HB3  H N N 54  
ASN HD21 H N N 55  
ASN HD22 H N N 56  
ASN HXT  H N N 57  
ASP N    N N N 58  
ASP CA   C N S 59  
ASP C    C N N 60  
ASP O    O N N 61  
ASP CB   C N N 62  
ASP CG   C N N 63  
ASP OD1  O N N 64  
ASP OD2  O N N 65  
ASP OXT  O N N 66  
ASP H    H N N 67  
ASP H2   H N N 68  
ASP HA   H N N 69  
ASP HB2  H N N 70  
ASP HB3  H N N 71  
ASP HD2  H N N 72  
ASP HXT  H N N 73  
CRZ O19  O N N 74  
CRZ C1   C N N 75  
CRZ O18  O N N 76  
CRZ C2   C N N 77  
CRZ C3   C N N 78  
CRZ C4   C N N 79  
CRZ N5   N Y N 80  
CRZ C6   C Y N 81  
CRZ C17  C Y N 82  
CRZ C7   C Y N 83  
CRZ C14  C Y N 84  
CRZ C15  C Y N 85  
CRZ C16  C Y N 86  
CRZ C8   C Y N 87  
CRZ C9   C Y N 88  
CRZ C10  C Y N 89  
CRZ C13  C Y N 90  
CRZ C12  C Y N 91  
CRZ C11  C Y N 92  
CRZ H19  H N N 93  
CRZ H21  H N N 94  
CRZ H22  H N N 95  
CRZ H31  H N N 96  
CRZ H32  H N N 97  
CRZ H41  H N N 98  
CRZ H42  H N N 99  
CRZ H17  H N N 100 
CRZ H14  H N N 101 
CRZ H15  H N N 102 
CRZ H16  H N N 103 
CRZ H10  H N N 104 
CRZ H13  H N N 105 
CRZ H12  H N N 106 
CRZ H11  H N N 107 
CYS N    N N N 108 
CYS CA   C N R 109 
CYS C    C N N 110 
CYS O    O N N 111 
CYS CB   C N N 112 
CYS SG   S N N 113 
CYS OXT  O N N 114 
CYS H    H N N 115 
CYS H2   H N N 116 
CYS HA   H N N 117 
CYS HB2  H N N 118 
CYS HB3  H N N 119 
CYS HG   H N N 120 
CYS HXT  H N N 121 
GLN N    N N N 122 
GLN CA   C N S 123 
GLN C    C N N 124 
GLN O    O N N 125 
GLN CB   C N N 126 
GLN CG   C N N 127 
GLN CD   C N N 128 
GLN OE1  O N N 129 
GLN NE2  N N N 130 
GLN OXT  O N N 131 
GLN H    H N N 132 
GLN H2   H N N 133 
GLN HA   H N N 134 
GLN HB2  H N N 135 
GLN HB3  H N N 136 
GLN HG2  H N N 137 
GLN HG3  H N N 138 
GLN HE21 H N N 139 
GLN HE22 H N N 140 
GLN HXT  H N N 141 
GLU N    N N N 142 
GLU CA   C N S 143 
GLU C    C N N 144 
GLU O    O N N 145 
GLU CB   C N N 146 
GLU CG   C N N 147 
GLU CD   C N N 148 
GLU OE1  O N N 149 
GLU OE2  O N N 150 
GLU OXT  O N N 151 
GLU H    H N N 152 
GLU H2   H N N 153 
GLU HA   H N N 154 
GLU HB2  H N N 155 
GLU HB3  H N N 156 
GLU HG2  H N N 157 
GLU HG3  H N N 158 
GLU HE2  H N N 159 
GLU HXT  H N N 160 
GLY N    N N N 161 
GLY CA   C N N 162 
GLY C    C N N 163 
GLY O    O N N 164 
GLY OXT  O N N 165 
GLY H    H N N 166 
GLY H2   H N N 167 
GLY HA2  H N N 168 
GLY HA3  H N N 169 
GLY HXT  H N N 170 
HIS N    N N N 171 
HIS CA   C N S 172 
HIS C    C N N 173 
HIS O    O N N 174 
HIS CB   C N N 175 
HIS CG   C Y N 176 
HIS ND1  N Y N 177 
HIS CD2  C Y N 178 
HIS CE1  C Y N 179 
HIS NE2  N Y N 180 
HIS OXT  O N N 181 
HIS H    H N N 182 
HIS H2   H N N 183 
HIS HA   H N N 184 
HIS HB2  H N N 185 
HIS HB3  H N N 186 
HIS HD1  H N N 187 
HIS HD2  H N N 188 
HIS HE1  H N N 189 
HIS HE2  H N N 190 
HIS HXT  H N N 191 
HOH O    O N N 192 
HOH H1   H N N 193 
HOH H2   H N N 194 
ILE N    N N N 195 
ILE CA   C N S 196 
ILE C    C N N 197 
ILE O    O N N 198 
ILE CB   C N S 199 
ILE CG1  C N N 200 
ILE CG2  C N N 201 
ILE CD1  C N N 202 
ILE OXT  O N N 203 
ILE H    H N N 204 
ILE H2   H N N 205 
ILE HA   H N N 206 
ILE HB   H N N 207 
ILE HG12 H N N 208 
ILE HG13 H N N 209 
ILE HG21 H N N 210 
ILE HG22 H N N 211 
ILE HG23 H N N 212 
ILE HD11 H N N 213 
ILE HD12 H N N 214 
ILE HD13 H N N 215 
ILE HXT  H N N 216 
LEU N    N N N 217 
LEU CA   C N S 218 
LEU C    C N N 219 
LEU O    O N N 220 
LEU CB   C N N 221 
LEU CG   C N N 222 
LEU CD1  C N N 223 
LEU CD2  C N N 224 
LEU OXT  O N N 225 
LEU H    H N N 226 
LEU H2   H N N 227 
LEU HA   H N N 228 
LEU HB2  H N N 229 
LEU HB3  H N N 230 
LEU HG   H N N 231 
LEU HD11 H N N 232 
LEU HD12 H N N 233 
LEU HD13 H N N 234 
LEU HD21 H N N 235 
LEU HD22 H N N 236 
LEU HD23 H N N 237 
LEU HXT  H N N 238 
LYS N    N N N 239 
LYS CA   C N S 240 
LYS C    C N N 241 
LYS O    O N N 242 
LYS CB   C N N 243 
LYS CG   C N N 244 
LYS CD   C N N 245 
LYS CE   C N N 246 
LYS NZ   N N N 247 
LYS OXT  O N N 248 
LYS H    H N N 249 
LYS H2   H N N 250 
LYS HA   H N N 251 
LYS HB2  H N N 252 
LYS HB3  H N N 253 
LYS HG2  H N N 254 
LYS HG3  H N N 255 
LYS HD2  H N N 256 
LYS HD3  H N N 257 
LYS HE2  H N N 258 
LYS HE3  H N N 259 
LYS HZ1  H N N 260 
LYS HZ2  H N N 261 
LYS HZ3  H N N 262 
LYS HXT  H N N 263 
MET N    N N N 264 
MET CA   C N S 265 
MET C    C N N 266 
MET O    O N N 267 
MET CB   C N N 268 
MET CG   C N N 269 
MET SD   S N N 270 
MET CE   C N N 271 
MET OXT  O N N 272 
MET H    H N N 273 
MET H2   H N N 274 
MET HA   H N N 275 
MET HB2  H N N 276 
MET HB3  H N N 277 
MET HG2  H N N 278 
MET HG3  H N N 279 
MET HE1  H N N 280 
MET HE2  H N N 281 
MET HE3  H N N 282 
MET HXT  H N N 283 
PHE N    N N N 284 
PHE CA   C N S 285 
PHE C    C N N 286 
PHE O    O N N 287 
PHE CB   C N N 288 
PHE CG   C Y N 289 
PHE CD1  C Y N 290 
PHE CD2  C Y N 291 
PHE CE1  C Y N 292 
PHE CE2  C Y N 293 
PHE CZ   C Y N 294 
PHE OXT  O N N 295 
PHE H    H N N 296 
PHE H2   H N N 297 
PHE HA   H N N 298 
PHE HB2  H N N 299 
PHE HB3  H N N 300 
PHE HD1  H N N 301 
PHE HD2  H N N 302 
PHE HE1  H N N 303 
PHE HE2  H N N 304 
PHE HZ   H N N 305 
PHE HXT  H N N 306 
PRO N    N N N 307 
PRO CA   C N S 308 
PRO C    C N N 309 
PRO O    O N N 310 
PRO CB   C N N 311 
PRO CG   C N N 312 
PRO CD   C N N 313 
PRO OXT  O N N 314 
PRO H    H N N 315 
PRO HA   H N N 316 
PRO HB2  H N N 317 
PRO HB3  H N N 318 
PRO HG2  H N N 319 
PRO HG3  H N N 320 
PRO HD2  H N N 321 
PRO HD3  H N N 322 
PRO HXT  H N N 323 
SER N    N N N 324 
SER CA   C N S 325 
SER C    C N N 326 
SER O    O N N 327 
SER CB   C N N 328 
SER OG   O N N 329 
SER OXT  O N N 330 
SER H    H N N 331 
SER H2   H N N 332 
SER HA   H N N 333 
SER HB2  H N N 334 
SER HB3  H N N 335 
SER HG   H N N 336 
SER HXT  H N N 337 
THR N    N N N 338 
THR CA   C N S 339 
THR C    C N N 340 
THR O    O N N 341 
THR CB   C N R 342 
THR OG1  O N N 343 
THR CG2  C N N 344 
THR OXT  O N N 345 
THR H    H N N 346 
THR H2   H N N 347 
THR HA   H N N 348 
THR HB   H N N 349 
THR HG1  H N N 350 
THR HG21 H N N 351 
THR HG22 H N N 352 
THR HG23 H N N 353 
THR HXT  H N N 354 
TRP N    N N N 355 
TRP CA   C N S 356 
TRP C    C N N 357 
TRP O    O N N 358 
TRP CB   C N N 359 
TRP CG   C Y N 360 
TRP CD1  C Y N 361 
TRP CD2  C Y N 362 
TRP NE1  N Y N 363 
TRP CE2  C Y N 364 
TRP CE3  C Y N 365 
TRP CZ2  C Y N 366 
TRP CZ3  C Y N 367 
TRP CH2  C Y N 368 
TRP OXT  O N N 369 
TRP H    H N N 370 
TRP H2   H N N 371 
TRP HA   H N N 372 
TRP HB2  H N N 373 
TRP HB3  H N N 374 
TRP HD1  H N N 375 
TRP HE1  H N N 376 
TRP HE3  H N N 377 
TRP HZ2  H N N 378 
TRP HZ3  H N N 379 
TRP HH2  H N N 380 
TRP HXT  H N N 381 
TYR N    N N N 382 
TYR CA   C N S 383 
TYR C    C N N 384 
TYR O    O N N 385 
TYR CB   C N N 386 
TYR CG   C Y N 387 
TYR CD1  C Y N 388 
TYR CD2  C Y N 389 
TYR CE1  C Y N 390 
TYR CE2  C Y N 391 
TYR CZ   C Y N 392 
TYR OH   O N N 393 
TYR OXT  O N N 394 
TYR H    H N N 395 
TYR H2   H N N 396 
TYR HA   H N N 397 
TYR HB2  H N N 398 
TYR HB3  H N N 399 
TYR HD1  H N N 400 
TYR HD2  H N N 401 
TYR HE1  H N N 402 
TYR HE2  H N N 403 
TYR HH   H N N 404 
TYR HXT  H N N 405 
VAL N    N N N 406 
VAL CA   C N S 407 
VAL C    C N N 408 
VAL O    O N N 409 
VAL CB   C N N 410 
VAL CG1  C N N 411 
VAL CG2  C N N 412 
VAL OXT  O N N 413 
VAL H    H N N 414 
VAL H2   H N N 415 
VAL HA   H N N 416 
VAL HB   H N N 417 
VAL HG11 H N N 418 
VAL HG12 H N N 419 
VAL HG13 H N N 420 
VAL HG21 H N N 421 
VAL HG22 H N N 422 
VAL HG23 H N N 423 
VAL HXT  H N N 424 
# 
loop_
_chem_comp_bond.comp_id 
_chem_comp_bond.atom_id_1 
_chem_comp_bond.atom_id_2 
_chem_comp_bond.value_order 
_chem_comp_bond.pdbx_aromatic_flag 
_chem_comp_bond.pdbx_stereo_config 
_chem_comp_bond.pdbx_ordinal 
ALA N   CA   sing N N 1   
ALA N   H    sing N N 2   
ALA N   H2   sing N N 3   
ALA CA  C    sing N N 4   
ALA CA  CB   sing N N 5   
ALA CA  HA   sing N N 6   
ALA C   O    doub N N 7   
ALA C   OXT  sing N N 8   
ALA CB  HB1  sing N N 9   
ALA CB  HB2  sing N N 10  
ALA CB  HB3  sing N N 11  
ALA OXT HXT  sing N N 12  
ARG N   CA   sing N N 13  
ARG N   H    sing N N 14  
ARG N   H2   sing N N 15  
ARG CA  C    sing N N 16  
ARG CA  CB   sing N N 17  
ARG CA  HA   sing N N 18  
ARG C   O    doub N N 19  
ARG C   OXT  sing N N 20  
ARG CB  CG   sing N N 21  
ARG CB  HB2  sing N N 22  
ARG CB  HB3  sing N N 23  
ARG CG  CD   sing N N 24  
ARG CG  HG2  sing N N 25  
ARG CG  HG3  sing N N 26  
ARG CD  NE   sing N N 27  
ARG CD  HD2  sing N N 28  
ARG CD  HD3  sing N N 29  
ARG NE  CZ   sing N N 30  
ARG NE  HE   sing N N 31  
ARG CZ  NH1  sing N N 32  
ARG CZ  NH2  doub N N 33  
ARG NH1 HH11 sing N N 34  
ARG NH1 HH12 sing N N 35  
ARG NH2 HH21 sing N N 36  
ARG NH2 HH22 sing N N 37  
ARG OXT HXT  sing N N 38  
ASN N   CA   sing N N 39  
ASN N   H    sing N N 40  
ASN N   H2   sing N N 41  
ASN CA  C    sing N N 42  
ASN CA  CB   sing N N 43  
ASN CA  HA   sing N N 44  
ASN C   O    doub N N 45  
ASN C   OXT  sing N N 46  
ASN CB  CG   sing N N 47  
ASN CB  HB2  sing N N 48  
ASN CB  HB3  sing N N 49  
ASN CG  OD1  doub N N 50  
ASN CG  ND2  sing N N 51  
ASN ND2 HD21 sing N N 52  
ASN ND2 HD22 sing N N 53  
ASN OXT HXT  sing N N 54  
ASP N   CA   sing N N 55  
ASP N   H    sing N N 56  
ASP N   H2   sing N N 57  
ASP CA  C    sing N N 58  
ASP CA  CB   sing N N 59  
ASP CA  HA   sing N N 60  
ASP C   O    doub N N 61  
ASP C   OXT  sing N N 62  
ASP CB  CG   sing N N 63  
ASP CB  HB2  sing N N 64  
ASP CB  HB3  sing N N 65  
ASP CG  OD1  doub N N 66  
ASP CG  OD2  sing N N 67  
ASP OD2 HD2  sing N N 68  
ASP OXT HXT  sing N N 69  
CRZ O19 C1   sing N N 70  
CRZ O19 H19  sing N N 71  
CRZ C1  O18  doub N N 72  
CRZ C1  C2   sing N N 73  
CRZ C2  C3   sing N N 74  
CRZ C2  H21  sing N N 75  
CRZ C2  H22  sing N N 76  
CRZ C3  C4   sing N N 77  
CRZ C3  H31  sing N N 78  
CRZ C3  H32  sing N N 79  
CRZ C4  N5   sing N N 80  
CRZ C4  H41  sing N N 81  
CRZ C4  H42  sing N N 82  
CRZ N5  C6   sing Y N 83  
CRZ N5  C9   sing Y N 84  
CRZ C6  C17  doub Y N 85  
CRZ C6  C7   sing Y N 86  
CRZ C17 C16  sing Y N 87  
CRZ C17 H17  sing N N 88  
CRZ C7  C14  doub Y N 89  
CRZ C7  C8   sing Y N 90  
CRZ C14 C15  sing Y N 91  
CRZ C14 H14  sing N N 92  
CRZ C15 C16  doub Y N 93  
CRZ C15 H15  sing N N 94  
CRZ C16 H16  sing N N 95  
CRZ C8  C9   doub Y N 96  
CRZ C8  C13  sing Y N 97  
CRZ C9  C10  sing Y N 98  
CRZ C10 C11  doub Y N 99  
CRZ C10 H10  sing N N 100 
CRZ C13 C12  doub Y N 101 
CRZ C13 H13  sing N N 102 
CRZ C12 C11  sing Y N 103 
CRZ C12 H12  sing N N 104 
CRZ C11 H11  sing N N 105 
CYS N   CA   sing N N 106 
CYS N   H    sing N N 107 
CYS N   H2   sing N N 108 
CYS CA  C    sing N N 109 
CYS CA  CB   sing N N 110 
CYS CA  HA   sing N N 111 
CYS C   O    doub N N 112 
CYS C   OXT  sing N N 113 
CYS CB  SG   sing N N 114 
CYS CB  HB2  sing N N 115 
CYS CB  HB3  sing N N 116 
CYS SG  HG   sing N N 117 
CYS OXT HXT  sing N N 118 
GLN N   CA   sing N N 119 
GLN N   H    sing N N 120 
GLN N   H2   sing N N 121 
GLN CA  C    sing N N 122 
GLN CA  CB   sing N N 123 
GLN CA  HA   sing N N 124 
GLN C   O    doub N N 125 
GLN C   OXT  sing N N 126 
GLN CB  CG   sing N N 127 
GLN CB  HB2  sing N N 128 
GLN CB  HB3  sing N N 129 
GLN CG  CD   sing N N 130 
GLN CG  HG2  sing N N 131 
GLN CG  HG3  sing N N 132 
GLN CD  OE1  doub N N 133 
GLN CD  NE2  sing N N 134 
GLN NE2 HE21 sing N N 135 
GLN NE2 HE22 sing N N 136 
GLN OXT HXT  sing N N 137 
GLU N   CA   sing N N 138 
GLU N   H    sing N N 139 
GLU N   H2   sing N N 140 
GLU CA  C    sing N N 141 
GLU CA  CB   sing N N 142 
GLU CA  HA   sing N N 143 
GLU C   O    doub N N 144 
GLU C   OXT  sing N N 145 
GLU CB  CG   sing N N 146 
GLU CB  HB2  sing N N 147 
GLU CB  HB3  sing N N 148 
GLU CG  CD   sing N N 149 
GLU CG  HG2  sing N N 150 
GLU CG  HG3  sing N N 151 
GLU CD  OE1  doub N N 152 
GLU CD  OE2  sing N N 153 
GLU OE2 HE2  sing N N 154 
GLU OXT HXT  sing N N 155 
GLY N   CA   sing N N 156 
GLY N   H    sing N N 157 
GLY N   H2   sing N N 158 
GLY CA  C    sing N N 159 
GLY CA  HA2  sing N N 160 
GLY CA  HA3  sing N N 161 
GLY C   O    doub N N 162 
GLY C   OXT  sing N N 163 
GLY OXT HXT  sing N N 164 
HIS N   CA   sing N N 165 
HIS N   H    sing N N 166 
HIS N   H2   sing N N 167 
HIS CA  C    sing N N 168 
HIS CA  CB   sing N N 169 
HIS CA  HA   sing N N 170 
HIS C   O    doub N N 171 
HIS C   OXT  sing N N 172 
HIS CB  CG   sing N N 173 
HIS CB  HB2  sing N N 174 
HIS CB  HB3  sing N N 175 
HIS CG  ND1  sing Y N 176 
HIS CG  CD2  doub Y N 177 
HIS ND1 CE1  doub Y N 178 
HIS ND1 HD1  sing N N 179 
HIS CD2 NE2  sing Y N 180 
HIS CD2 HD2  sing N N 181 
HIS CE1 NE2  sing Y N 182 
HIS CE1 HE1  sing N N 183 
HIS NE2 HE2  sing N N 184 
HIS OXT HXT  sing N N 185 
HOH O   H1   sing N N 186 
HOH O   H2   sing N N 187 
ILE N   CA   sing N N 188 
ILE N   H    sing N N 189 
ILE N   H2   sing N N 190 
ILE CA  C    sing N N 191 
ILE CA  CB   sing N N 192 
ILE CA  HA   sing N N 193 
ILE C   O    doub N N 194 
ILE C   OXT  sing N N 195 
ILE CB  CG1  sing N N 196 
ILE CB  CG2  sing N N 197 
ILE CB  HB   sing N N 198 
ILE CG1 CD1  sing N N 199 
ILE CG1 HG12 sing N N 200 
ILE CG1 HG13 sing N N 201 
ILE CG2 HG21 sing N N 202 
ILE CG2 HG22 sing N N 203 
ILE CG2 HG23 sing N N 204 
ILE CD1 HD11 sing N N 205 
ILE CD1 HD12 sing N N 206 
ILE CD1 HD13 sing N N 207 
ILE OXT HXT  sing N N 208 
LEU N   CA   sing N N 209 
LEU N   H    sing N N 210 
LEU N   H2   sing N N 211 
LEU CA  C    sing N N 212 
LEU CA  CB   sing N N 213 
LEU CA  HA   sing N N 214 
LEU C   O    doub N N 215 
LEU C   OXT  sing N N 216 
LEU CB  CG   sing N N 217 
LEU CB  HB2  sing N N 218 
LEU CB  HB3  sing N N 219 
LEU CG  CD1  sing N N 220 
LEU CG  CD2  sing N N 221 
LEU CG  HG   sing N N 222 
LEU CD1 HD11 sing N N 223 
LEU CD1 HD12 sing N N 224 
LEU CD1 HD13 sing N N 225 
LEU CD2 HD21 sing N N 226 
LEU CD2 HD22 sing N N 227 
LEU CD2 HD23 sing N N 228 
LEU OXT HXT  sing N N 229 
LYS N   CA   sing N N 230 
LYS N   H    sing N N 231 
LYS N   H2   sing N N 232 
LYS CA  C    sing N N 233 
LYS CA  CB   sing N N 234 
LYS CA  HA   sing N N 235 
LYS C   O    doub N N 236 
LYS C   OXT  sing N N 237 
LYS CB  CG   sing N N 238 
LYS CB  HB2  sing N N 239 
LYS CB  HB3  sing N N 240 
LYS CG  CD   sing N N 241 
LYS CG  HG2  sing N N 242 
LYS CG  HG3  sing N N 243 
LYS CD  CE   sing N N 244 
LYS CD  HD2  sing N N 245 
LYS CD  HD3  sing N N 246 
LYS CE  NZ   sing N N 247 
LYS CE  HE2  sing N N 248 
LYS CE  HE3  sing N N 249 
LYS NZ  HZ1  sing N N 250 
LYS NZ  HZ2  sing N N 251 
LYS NZ  HZ3  sing N N 252 
LYS OXT HXT  sing N N 253 
MET N   CA   sing N N 254 
MET N   H    sing N N 255 
MET N   H2   sing N N 256 
MET CA  C    sing N N 257 
MET CA  CB   sing N N 258 
MET CA  HA   sing N N 259 
MET C   O    doub N N 260 
MET C   OXT  sing N N 261 
MET CB  CG   sing N N 262 
MET CB  HB2  sing N N 263 
MET CB  HB3  sing N N 264 
MET CG  SD   sing N N 265 
MET CG  HG2  sing N N 266 
MET CG  HG3  sing N N 267 
MET SD  CE   sing N N 268 
MET CE  HE1  sing N N 269 
MET CE  HE2  sing N N 270 
MET CE  HE3  sing N N 271 
MET OXT HXT  sing N N 272 
PHE N   CA   sing N N 273 
PHE N   H    sing N N 274 
PHE N   H2   sing N N 275 
PHE CA  C    sing N N 276 
PHE CA  CB   sing N N 277 
PHE CA  HA   sing N N 278 
PHE C   O    doub N N 279 
PHE C   OXT  sing N N 280 
PHE CB  CG   sing N N 281 
PHE CB  HB2  sing N N 282 
PHE CB  HB3  sing N N 283 
PHE CG  CD1  doub Y N 284 
PHE CG  CD2  sing Y N 285 
PHE CD1 CE1  sing Y N 286 
PHE CD1 HD1  sing N N 287 
PHE CD2 CE2  doub Y N 288 
PHE CD2 HD2  sing N N 289 
PHE CE1 CZ   doub Y N 290 
PHE CE1 HE1  sing N N 291 
PHE CE2 CZ   sing Y N 292 
PHE CE2 HE2  sing N N 293 
PHE CZ  HZ   sing N N 294 
PHE OXT HXT  sing N N 295 
PRO N   CA   sing N N 296 
PRO N   CD   sing N N 297 
PRO N   H    sing N N 298 
PRO CA  C    sing N N 299 
PRO CA  CB   sing N N 300 
PRO CA  HA   sing N N 301 
PRO C   O    doub N N 302 
PRO C   OXT  sing N N 303 
PRO CB  CG   sing N N 304 
PRO CB  HB2  sing N N 305 
PRO CB  HB3  sing N N 306 
PRO CG  CD   sing N N 307 
PRO CG  HG2  sing N N 308 
PRO CG  HG3  sing N N 309 
PRO CD  HD2  sing N N 310 
PRO CD  HD3  sing N N 311 
PRO OXT HXT  sing N N 312 
SER N   CA   sing N N 313 
SER N   H    sing N N 314 
SER N   H2   sing N N 315 
SER CA  C    sing N N 316 
SER CA  CB   sing N N 317 
SER CA  HA   sing N N 318 
SER C   O    doub N N 319 
SER C   OXT  sing N N 320 
SER CB  OG   sing N N 321 
SER CB  HB2  sing N N 322 
SER CB  HB3  sing N N 323 
SER OG  HG   sing N N 324 
SER OXT HXT  sing N N 325 
THR N   CA   sing N N 326 
THR N   H    sing N N 327 
THR N   H2   sing N N 328 
THR CA  C    sing N N 329 
THR CA  CB   sing N N 330 
THR CA  HA   sing N N 331 
THR C   O    doub N N 332 
THR C   OXT  sing N N 333 
THR CB  OG1  sing N N 334 
THR CB  CG2  sing N N 335 
THR CB  HB   sing N N 336 
THR OG1 HG1  sing N N 337 
THR CG2 HG21 sing N N 338 
THR CG2 HG22 sing N N 339 
THR CG2 HG23 sing N N 340 
THR OXT HXT  sing N N 341 
TRP N   CA   sing N N 342 
TRP N   H    sing N N 343 
TRP N   H2   sing N N 344 
TRP CA  C    sing N N 345 
TRP CA  CB   sing N N 346 
TRP CA  HA   sing N N 347 
TRP C   O    doub N N 348 
TRP C   OXT  sing N N 349 
TRP CB  CG   sing N N 350 
TRP CB  HB2  sing N N 351 
TRP CB  HB3  sing N N 352 
TRP CG  CD1  doub Y N 353 
TRP CG  CD2  sing Y N 354 
TRP CD1 NE1  sing Y N 355 
TRP CD1 HD1  sing N N 356 
TRP CD2 CE2  doub Y N 357 
TRP CD2 CE3  sing Y N 358 
TRP NE1 CE2  sing Y N 359 
TRP NE1 HE1  sing N N 360 
TRP CE2 CZ2  sing Y N 361 
TRP CE3 CZ3  doub Y N 362 
TRP CE3 HE3  sing N N 363 
TRP CZ2 CH2  doub Y N 364 
TRP CZ2 HZ2  sing N N 365 
TRP CZ3 CH2  sing Y N 366 
TRP CZ3 HZ3  sing N N 367 
TRP CH2 HH2  sing N N 368 
TRP OXT HXT  sing N N 369 
TYR N   CA   sing N N 370 
TYR N   H    sing N N 371 
TYR N   H2   sing N N 372 
TYR CA  C    sing N N 373 
TYR CA  CB   sing N N 374 
TYR CA  HA   sing N N 375 
TYR C   O    doub N N 376 
TYR C   OXT  sing N N 377 
TYR CB  CG   sing N N 378 
TYR CB  HB2  sing N N 379 
TYR CB  HB3  sing N N 380 
TYR CG  CD1  doub Y N 381 
TYR CG  CD2  sing Y N 382 
TYR CD1 CE1  sing Y N 383 
TYR CD1 HD1  sing N N 384 
TYR CD2 CE2  doub Y N 385 
TYR CD2 HD2  sing N N 386 
TYR CE1 CZ   doub Y N 387 
TYR CE1 HE1  sing N N 388 
TYR CE2 CZ   sing Y N 389 
TYR CE2 HE2  sing N N 390 
TYR CZ  OH   sing N N 391 
TYR OH  HH   sing N N 392 
TYR OXT HXT  sing N N 393 
VAL N   CA   sing N N 394 
VAL N   H    sing N N 395 
VAL N   H2   sing N N 396 
VAL CA  C    sing N N 397 
VAL CA  CB   sing N N 398 
VAL CA  HA   sing N N 399 
VAL C   O    doub N N 400 
VAL C   OXT  sing N N 401 
VAL CB  CG1  sing N N 402 
VAL CB  CG2  sing N N 403 
VAL CB  HB   sing N N 404 
VAL CG1 HG11 sing N N 405 
VAL CG1 HG12 sing N N 406 
VAL CG1 HG13 sing N N 407 
VAL CG2 HG21 sing N N 408 
VAL CG2 HG22 sing N N 409 
VAL CG2 HG23 sing N N 410 
VAL OXT HXT  sing N N 411 
# 
_atom_sites.entry_id                    1TOW 
_atom_sites.fract_transf_matrix[1][1]   0.00785944 
_atom_sites.fract_transf_matrix[1][2]   0.00749089 
_atom_sites.fract_transf_matrix[1][3]   -0.00864536 
_atom_sites.fract_transf_matrix[2][1]   -0.00853997 
_atom_sites.fract_transf_matrix[2][2]   -0.00806047 
_atom_sites.fract_transf_matrix[2][3]   -0.01474773 
_atom_sites.fract_transf_matrix[3][1]   -0.02166483 
_atom_sites.fract_transf_matrix[3][2]   0.02281694 
_atom_sites.fract_transf_matrix[3][3]   0.00007470 
_atom_sites.fract_transf_vector[1]      0.241887 
_atom_sites.fract_transf_vector[2]      0.071338 
_atom_sites.fract_transf_vector[3]      0.176374 
# 
loop_
_atom_type.symbol 
C 
N 
O 
S 
# 
loop_
_atom_site.group_PDB 
_atom_site.id 
_atom_site.type_symbol 
_atom_site.label_atom_id 
_atom_site.label_alt_id 
_atom_site.label_comp_id 
_atom_site.label_asym_id 
_atom_site.label_entity_id 
_atom_site.label_seq_id 
_atom_site.pdbx_PDB_ins_code 
_atom_site.Cartn_x 
_atom_site.Cartn_y 
_atom_site.Cartn_z 
_atom_site.occupancy 
_atom_site.B_iso_or_equiv 
_atom_site.pdbx_formal_charge 
_atom_site.auth_seq_id 
_atom_site.auth_comp_id 
_atom_site.auth_asym_id 
_atom_site.auth_atom_id 
_atom_site.pdbx_PDB_model_num 
ATOM   1    N N   . CYS A 1 1   ? -10.391 0.694   11.874  1.00 43.29 ? 1   CYS A N   1 
ATOM   2    C CA  . CYS A 1 1   ? -10.162 -0.480  10.988  1.00 43.34 ? 1   CYS A CA  1 
ATOM   3    C C   . CYS A 1 1   ? -9.497  -1.584  11.780  1.00 42.17 ? 1   CYS A C   1 
ATOM   4    O O   . CYS A 1 1   ? -8.460  -1.363  12.405  1.00 42.54 ? 1   CYS A O   1 
ATOM   5    C CB  . CYS A 1 1   ? -9.245  -0.104  9.823   1.00 43.72 ? 1   CYS A CB  1 
ATOM   6    S SG  . CYS A 1 1   ? -7.656  -0.984  9.840   1.00 47.44 ? 1   CYS A SG  1 
ATOM   7    N N   . ASP A 1 2   ? -10.095 -2.770  11.760  1.00 40.87 ? 2   ASP A N   1 
ATOM   8    C CA  . ASP A 1 2   ? -9.471  -3.950  12.354  1.00 39.16 ? 2   ASP A CA  1 
ATOM   9    C C   . ASP A 1 2   ? -9.964  -5.306  11.788  1.00 37.40 ? 2   ASP A C   1 
ATOM   10   O O   . ASP A 1 2   ? -9.463  -6.372  12.171  1.00 37.08 ? 2   ASP A O   1 
ATOM   11   C CB  . ASP A 1 2   ? -9.454  -3.901  13.904  1.00 39.75 ? 2   ASP A CB  1 
ATOM   12   C CG  . ASP A 1 2   ? -10.378 -2.811  14.514  1.00 41.63 ? 2   ASP A CG  1 
ATOM   13   O OD1 . ASP A 1 2   ? -9.899  -1.673  14.748  1.00 42.53 ? 2   ASP A OD1 1 
ATOM   14   O OD2 . ASP A 1 2   ? -11.570 -3.015  14.859  1.00 43.35 ? 2   ASP A OD2 1 
ATOM   15   N N   . ALA A 1 3   ? -10.938 -5.261  10.870  1.00 34.91 ? 3   ALA A N   1 
ATOM   16   C CA  . ALA A 1 3   ? -11.260 -6.414  10.012  1.00 31.96 ? 3   ALA A CA  1 
ATOM   17   C C   . ALA A 1 3   ? -10.104 -6.644  9.035   1.00 29.75 ? 3   ALA A C   1 
ATOM   18   O O   . ALA A 1 3   ? -10.115 -7.584  8.241   1.00 29.66 ? 3   ALA A O   1 
ATOM   19   C CB  . ALA A 1 3   ? -12.551 -6.166  9.246   1.00 32.35 ? 3   ALA A CB  1 
ATOM   20   N N   . PHE A 1 4   ? -9.114  -5.757  9.115   1.00 26.70 ? 4   PHE A N   1 
ATOM   21   C CA  . PHE A 1 4   ? -7.913  -5.791  8.291   1.00 24.25 ? 4   PHE A CA  1 
ATOM   22   C C   . PHE A 1 4   ? -6.774  -6.508  8.999   1.00 22.55 ? 4   PHE A C   1 
ATOM   23   O O   . PHE A 1 4   ? -5.778  -6.860  8.367   1.00 21.46 ? 4   PHE A O   1 
ATOM   24   C CB  . PHE A 1 4   ? -7.478  -4.361  7.963   1.00 23.76 ? 4   PHE A CB  1 
ATOM   25   C CG  . PHE A 1 4   ? -8.394  -3.660  7.013   1.00 23.35 ? 4   PHE A CG  1 
ATOM   26   C CD1 . PHE A 1 4   ? -8.177  -3.732  5.641   1.00 22.40 ? 4   PHE A CD1 1 
ATOM   27   C CD2 . PHE A 1 4   ? -9.470  -2.925  7.480   1.00 23.50 ? 4   PHE A CD2 1 
ATOM   28   C CE1 . PHE A 1 4   ? -9.020  -3.090  4.759   1.00 22.51 ? 4   PHE A CE1 1 
ATOM   29   C CE2 . PHE A 1 4   ? -10.324 -2.268  6.592   1.00 23.54 ? 4   PHE A CE2 1 
ATOM   30   C CZ  . PHE A 1 4   ? -10.096 -2.356  5.232   1.00 23.14 ? 4   PHE A CZ  1 
ATOM   31   N N   . VAL A 1 5   ? -6.928  -6.708  10.313  1.00 21.01 ? 5   VAL A N   1 
ATOM   32   C CA  . VAL A 1 5   ? -5.887  -7.321  11.140  1.00 19.12 ? 5   VAL A CA  1 
ATOM   33   C C   . VAL A 1 5   ? -5.538  -8.722  10.652  1.00 18.45 ? 5   VAL A C   1 
ATOM   34   O O   . VAL A 1 5   ? -6.412  -9.562  10.408  1.00 18.32 ? 5   VAL A O   1 
ATOM   35   C CB  . VAL A 1 5   ? -6.253  -7.329  12.663  1.00 19.35 ? 5   VAL A CB  1 
ATOM   36   C CG1 . VAL A 1 5   ? -5.284  -8.209  13.468  1.00 17.12 ? 5   VAL A CG1 1 
ATOM   37   C CG2 . VAL A 1 5   ? -6.250  -5.915  13.222  1.00 18.49 ? 5   VAL A CG2 1 
ATOM   38   N N   . GLY A 1 6   ? -4.248  -8.966  10.506  1.00 17.55 ? 6   GLY A N   1 
ATOM   39   C CA  . GLY A 1 6   ? -3.781  -10.293 10.146  1.00 16.92 ? 6   GLY A CA  1 
ATOM   40   C C   . GLY A 1 6   ? -2.505  -10.226 9.341   1.00 16.84 ? 6   GLY A C   1 
ATOM   41   O O   . GLY A 1 6   ? -1.896  -9.148  9.180   1.00 15.48 ? 6   GLY A O   1 
ATOM   42   N N   . THR A 1 7   ? -2.094  -11.394 8.862   1.00 16.49 ? 7   THR A N   1 
ATOM   43   C CA  . THR A 1 7   ? -0.947  -11.513 7.987   1.00 17.11 ? 7   THR A CA  1 
ATOM   44   C C   . THR A 1 7   ? -1.449  -11.971 6.614   1.00 16.87 ? 7   THR A C   1 
ATOM   45   O O   . THR A 1 7   ? -2.191  -12.962 6.510   1.00 16.54 ? 7   THR A O   1 
ATOM   46   C CB  . THR A 1 7   ? 0.062   -12.496 8.608   1.00 17.27 ? 7   THR A CB  1 
ATOM   47   O OG1 . THR A 1 7   ? 0.626   -11.885 9.778   1.00 18.21 ? 7   THR A OG1 1 
ATOM   48   C CG2 . THR A 1 7   ? 1.259   -12.733 7.674   1.00 18.18 ? 7   THR A CG2 1 
ATOM   49   N N   . TRP A 1 8   ? -1.030  -11.242 5.583   1.00 15.73 ? 8   TRP A N   1 
ATOM   50   C CA  . TRP A 1 8   ? -1.603  -11.351 4.246   1.00 15.66 ? 8   TRP A CA  1 
ATOM   51   C C   . TRP A 1 8   ? -0.502  -11.563 3.211   1.00 15.69 ? 8   TRP A C   1 
ATOM   52   O O   . TRP A 1 8   ? 0.514   -10.865 3.237   1.00 15.19 ? 8   TRP A O   1 
ATOM   53   C CB  . TRP A 1 8   ? -2.404  -10.084 3.918   1.00 15.31 ? 8   TRP A CB  1 
ATOM   54   C CG  . TRP A 1 8   ? -3.510  -9.771  4.882   1.00 15.30 ? 8   TRP A CG  1 
ATOM   55   C CD1 . TRP A 1 8   ? -3.432  -8.984  6.009   1.00 15.77 ? 8   TRP A CD1 1 
ATOM   56   C CD2 . TRP A 1 8   ? -4.861  -10.242 4.820   1.00 14.93 ? 8   TRP A CD2 1 
ATOM   57   N NE1 . TRP A 1 8   ? -4.654  -8.933  6.639   1.00 15.73 ? 8   TRP A NE1 1 
ATOM   58   C CE2 . TRP A 1 8   ? -5.551  -9.698  5.934   1.00 16.30 ? 8   TRP A CE2 1 
ATOM   59   C CE3 . TRP A 1 8   ? -5.563  -11.079 3.939   1.00 15.66 ? 8   TRP A CE3 1 
ATOM   60   C CZ2 . TRP A 1 8   ? -6.909  -9.952  6.182   1.00 15.96 ? 8   TRP A CZ2 1 
ATOM   61   C CZ3 . TRP A 1 8   ? -6.914  -11.328 4.177   1.00 16.18 ? 8   TRP A CZ3 1 
ATOM   62   C CH2 . TRP A 1 8   ? -7.571  -10.764 5.295   1.00 16.36 ? 8   TRP A CH2 1 
ATOM   63   N N   . LYS A 1 9   ? -0.700  -12.530 2.312   1.00 15.19 ? 9   LYS A N   1 
ATOM   64   C CA  . LYS A 1 9   ? 0.292   -12.825 1.282   1.00 16.01 ? 9   LYS A CA  1 
ATOM   65   C C   . LYS A 1 9   ? -0.221  -12.402 -0.096  1.00 14.96 ? 9   LYS A C   1 
ATOM   66   O O   . LYS A 1 9   ? -1.385  -12.624 -0.417  1.00 14.71 ? 9   LYS A O   1 
ATOM   67   C CB  . LYS A 1 9   ? 0.662   -14.320 1.281   1.00 15.94 ? 9   LYS A CB  1 
ATOM   68   C CG  . LYS A 1 9   ? 1.835   -14.656 0.352   1.00 17.39 ? 9   LYS A CG  1 
ATOM   69   C CD  . LYS A 1 9   ? 2.292   -16.091 0.526   1.00 19.56 ? 9   LYS A CD  1 
ATOM   70   C CE  . LYS A 1 9   ? 3.318   -16.500 -0.548  1.00 24.50 ? 9   LYS A CE  1 
ATOM   71   N NZ  . LYS A 1 9   ? 4.136   -17.701 -0.151  1.00 26.00 ? 9   LYS A NZ  1 
ATOM   72   N N   . LEU A 1 10  ? 0.640   -11.779 -0.898  1.00 14.54 ? 10  LEU A N   1 
ATOM   73   C CA  . LEU A 1 10  ? 0.243   -11.371 -2.238  1.00 13.95 ? 10  LEU A CA  1 
ATOM   74   C C   . LEU A 1 10  ? 0.049   -12.621 -3.096  1.00 13.70 ? 10  LEU A C   1 
ATOM   75   O O   . LEU A 1 10  ? 0.964   -13.456 -3.187  1.00 13.56 ? 10  LEU A O   1 
ATOM   76   C CB  . LEU A 1 10  ? 1.302   -10.461 -2.866  1.00 14.58 ? 10  LEU A CB  1 
ATOM   77   C CG  . LEU A 1 10  ? 0.996   -9.998  -4.312  1.00 14.65 ? 10  LEU A CG  1 
ATOM   78   C CD1 . LEU A 1 10  ? 0.028   -8.827  -4.309  1.00 16.07 ? 10  LEU A CD1 1 
ATOM   79   C CD2 . LEU A 1 10  ? 2.254   -9.622  -5.061  1.00 16.71 ? 10  LEU A CD2 1 
ATOM   80   N N   . VAL A 1 11  ? -1.127  -12.752 -3.717  1.00 13.38 ? 11  VAL A N   1 
ATOM   81   C CA  . VAL A 1 11  ? -1.396  -13.895 -4.617  1.00 13.66 ? 11  VAL A CA  1 
ATOM   82   C C   . VAL A 1 11  ? -1.640  -13.513 -6.084  1.00 13.99 ? 11  VAL A C   1 
ATOM   83   O O   . VAL A 1 11  ? -1.471  -14.351 -6.974  1.00 13.81 ? 11  VAL A O   1 
ATOM   84   C CB  . VAL A 1 11  ? -2.530  -14.852 -4.091  1.00 13.59 ? 11  VAL A CB  1 
ATOM   85   C CG1 . VAL A 1 11  ? -2.156  -15.450 -2.714  1.00 12.46 ? 11  VAL A CG1 1 
ATOM   86   C CG2 . VAL A 1 11  ? -3.881  -14.150 -4.056  1.00 13.29 ? 11  VAL A CG2 1 
ATOM   87   N N   . SER A 1 12  ? -2.051  -12.263 -6.335  1.00 13.95 ? 12  SER A N   1 
ATOM   88   C CA  . SER A 1 12  ? -2.143  -11.760 -7.709  1.00 13.83 ? 12  SER A CA  1 
ATOM   89   C C   . SER A 1 12  ? -1.918  -10.247 -7.813  1.00 13.89 ? 12  SER A C   1 
ATOM   90   O O   . SER A 1 12  ? -2.170  -9.501  -6.862  1.00 13.78 ? 12  SER A O   1 
ATOM   91   C CB  . SER A 1 12  ? -3.484  -12.145 -8.329  1.00 13.76 ? 12  SER A CB  1 
ATOM   92   O OG  . SER A 1 12  ? -4.533  -11.450 -7.702  1.00 13.86 ? 12  SER A OG  1 
ATOM   93   N N   . SER A 1 13  ? -1.445  -9.802  -8.973  1.00 13.98 ? 13  SER A N   1 
ATOM   94   C CA  . SER A 1 13  ? -1.152  -8.388  -9.196  1.00 13.79 ? 13  SER A CA  1 
ATOM   95   C C   . SER A 1 13  ? -1.345  -8.062  -10.676 1.00 14.24 ? 13  SER A C   1 
ATOM   96   O O   . SER A 1 13  ? -0.890  -8.819  -11.538 1.00 15.15 ? 13  SER A O   1 
ATOM   97   C CB  . SER A 1 13  ? 0.283   -8.082  -8.750  1.00 13.66 ? 13  SER A CB  1 
ATOM   98   O OG  . SER A 1 13  ? 0.675   -6.746  -9.034  1.00 12.74 ? 13  SER A OG  1 
ATOM   99   N N   . GLU A 1 14  ? -2.047  -6.964  -10.960 1.00 14.16 ? 14  GLU A N   1 
ATOM   100  C CA  . GLU A 1 14  ? -2.280  -6.512  -12.332 1.00 14.48 ? 14  GLU A CA  1 
ATOM   101  C C   . GLU A 1 14  ? -1.825  -5.063  -12.479 1.00 14.09 ? 14  GLU A C   1 
ATOM   102  O O   . GLU A 1 14  ? -2.177  -4.223  -11.654 1.00 13.48 ? 14  GLU A O   1 
ATOM   103  C CB  . GLU A 1 14  ? -3.766  -6.629  -12.692 1.00 15.13 ? 14  GLU A CB  1 
ATOM   104  C CG  . GLU A 1 14  ? -4.278  -8.066  -12.833 1.00 17.07 ? 14  GLU A CG  1 
ATOM   105  C CD  . GLU A 1 14  ? -5.525  -8.329  -12.017 1.00 20.74 ? 14  GLU A CD  1 
ATOM   106  O OE1 . GLU A 1 14  ? -5.610  -9.414  -11.399 1.00 23.88 ? 14  GLU A OE1 1 
ATOM   107  O OE2 . GLU A 1 14  ? -6.417  -7.462  -11.974 1.00 21.53 ? 14  GLU A OE2 1 
ATOM   108  N N   . ASN A 1 15  ? -1.035  -4.786  -13.514 1.00 13.59 ? 15  ASN A N   1 
ATOM   109  C CA  . ASN A 1 15  ? -0.637  -3.406  -13.884 1.00 13.61 ? 15  ASN A CA  1 
ATOM   110  C C   . ASN A 1 15  ? 0.323   -2.734  -12.915 1.00 13.58 ? 15  ASN A C   1 
ATOM   111  O O   . ASN A 1 15  ? 0.517   -1.512  -12.973 1.00 13.24 ? 15  ASN A O   1 
ATOM   112  C CB  . ASN A 1 15  ? -1.862  -2.495  -14.091 1.00 13.54 ? 15  ASN A CB  1 
ATOM   113  C CG  . ASN A 1 15  ? -2.836  -3.039  -15.119 1.00 14.47 ? 15  ASN A CG  1 
ATOM   114  O OD1 . ASN A 1 15  ? -2.447  -3.742  -16.047 1.00 15.37 ? 15  ASN A OD1 1 
ATOM   115  N ND2 . ASN A 1 15  ? -4.119  -2.710  -14.951 1.00 15.54 ? 15  ASN A ND2 1 
ATOM   116  N N   . PHE A 1 16  ? 0.944   -3.519  -12.036 1.00 14.08 ? 16  PHE A N   1 
ATOM   117  C CA  . PHE A 1 16  ? 1.830   -2.919  -11.038 1.00 14.28 ? 16  PHE A CA  1 
ATOM   118  C C   . PHE A 1 16  ? 3.070   -2.255  -11.632 1.00 14.21 ? 16  PHE A C   1 
ATOM   119  O O   . PHE A 1 16  ? 3.502   -1.227  -11.121 1.00 14.46 ? 16  PHE A O   1 
ATOM   120  C CB  . PHE A 1 16  ? 2.226   -3.884  -9.922  1.00 13.81 ? 16  PHE A CB  1 
ATOM   121  C CG  . PHE A 1 16  ? 2.733   -3.180  -8.693  1.00 15.34 ? 16  PHE A CG  1 
ATOM   122  C CD1 . PHE A 1 16  ? 1.976   -2.150  -8.106  1.00 14.18 ? 16  PHE A CD1 1 
ATOM   123  C CD2 . PHE A 1 16  ? 3.955   -3.523  -8.128  1.00 13.69 ? 16  PHE A CD2 1 
ATOM   124  C CE1 . PHE A 1 16  ? 2.435   -1.483  -6.964  1.00 15.90 ? 16  PHE A CE1 1 
ATOM   125  C CE2 . PHE A 1 16  ? 4.426   -2.855  -6.960  1.00 15.77 ? 16  PHE A CE2 1 
ATOM   126  C CZ  . PHE A 1 16  ? 3.658   -1.840  -6.390  1.00 14.73 ? 16  PHE A CZ  1 
ATOM   127  N N   . ASP A 1 17  ? 3.625   -2.822  -12.706 1.00 14.35 ? 17  ASP A N   1 
ATOM   128  C CA  . ASP A 1 17  ? 4.768   -2.181  -13.391 1.00 14.82 ? 17  ASP A CA  1 
ATOM   129  C C   . ASP A 1 17  ? 4.370   -0.818  -13.988 1.00 15.01 ? 17  ASP A C   1 
ATOM   130  O O   . ASP A 1 17  ? 5.049   0.190   -13.765 1.00 14.78 ? 17  ASP A O   1 
ATOM   131  C CB  . ASP A 1 17  ? 5.379   -3.098  -14.451 1.00 14.77 ? 17  ASP A CB  1 
ATOM   132  C CG  . ASP A 1 17  ? 6.628   -2.506  -15.085 1.00 16.98 ? 17  ASP A CG  1 
ATOM   133  O OD1 . ASP A 1 17  ? 7.593   -2.166  -14.353 1.00 20.97 ? 17  ASP A OD1 1 
ATOM   134  O OD2 . ASP A 1 17  ? 6.730   -2.322  -16.309 1.00 18.34 ? 17  ASP A OD2 1 
ATOM   135  N N   . ASP A 1 18  ? 3.272   -0.794  -14.746 1.00 14.98 ? 18  ASP A N   1 
ATOM   136  C CA  . ASP A 1 18  ? 2.689   0.465   -15.229 1.00 15.04 ? 18  ASP A CA  1 
ATOM   137  C C   . ASP A 1 18  ? 2.501   1.488   -14.105 1.00 14.69 ? 18  ASP A C   1 
ATOM   138  O O   . ASP A 1 18  ? 2.877   2.654   -14.261 1.00 14.22 ? 18  ASP A O   1 
ATOM   139  C CB  . ASP A 1 18  ? 1.355   0.215   -15.946 1.00 15.43 ? 18  ASP A CB  1 
ATOM   140  C CG  . ASP A 1 18  ? 1.530   -0.504  -17.273 1.00 16.67 ? 18  ASP A CG  1 
ATOM   141  O OD1 . ASP A 1 18  ? 2.669   -0.508  -17.810 1.00 15.29 ? 18  ASP A OD1 1 
ATOM   142  O OD2 . ASP A 1 18  ? 0.584   -1.098  -17.843 1.00 16.31 ? 18  ASP A OD2 1 
ATOM   143  N N   . TYR A 1 19  ? 1.949   1.047   -12.968 1.00 14.23 ? 19  TYR A N   1 
ATOM   144  C CA  . TYR A 1 19  ? 1.743   1.934   -11.816 1.00 13.71 ? 19  TYR A CA  1 
ATOM   145  C C   . TYR A 1 19  ? 3.055   2.507   -11.304 1.00 13.28 ? 19  TYR A C   1 
ATOM   146  O O   . TYR A 1 19  ? 3.186   3.710   -11.167 1.00 13.16 ? 19  TYR A O   1 
ATOM   147  C CB  . TYR A 1 19  ? 0.969   1.242   -10.676 1.00 13.38 ? 19  TYR A CB  1 
ATOM   148  C CG  . TYR A 1 19  ? 0.934   2.067   -9.394  1.00 14.71 ? 19  TYR A CG  1 
ATOM   149  C CD1 . TYR A 1 19  ? 0.005   3.104   -9.220  1.00 14.27 ? 19  TYR A CD1 1 
ATOM   150  C CD2 . TYR A 1 19  ? 1.853   1.826   -8.363  1.00 14.40 ? 19  TYR A CD2 1 
ATOM   151  C CE1 . TYR A 1 19  ? -0.018  3.865   -8.052  1.00 13.94 ? 19  TYR A CE1 1 
ATOM   152  C CE2 . TYR A 1 19  ? 1.835   2.572   -7.196  1.00 13.46 ? 19  TYR A CE2 1 
ATOM   153  C CZ  . TYR A 1 19  ? 0.904   3.601   -7.046  1.00 14.73 ? 19  TYR A CZ  1 
ATOM   154  O OH  . TYR A 1 19  ? 0.901   4.351   -5.879  1.00 14.79 ? 19  TYR A OH  1 
ATOM   155  N N   . MET A 1 20  ? 4.025   1.647   -11.020 1.00 13.54 ? 20  MET A N   1 
ATOM   156  C CA  . MET A 1 20  ? 5.329   2.118   -10.544 1.00 13.75 ? 20  MET A CA  1 
ATOM   157  C C   . MET A 1 20  ? 5.953   3.093   -11.542 1.00 14.39 ? 20  MET A C   1 
ATOM   158  O O   . MET A 1 20  ? 6.501   4.131   -11.153 1.00 14.51 ? 20  MET A O   1 
ATOM   159  C CB  . MET A 1 20  ? 6.273   0.940   -10.286 1.00 13.31 ? 20  MET A CB  1 
ATOM   160  C CG  . MET A 1 20  ? 5.921   0.110   -9.066  1.00 12.24 ? 20  MET A CG  1 
ATOM   161  S SD  . MET A 1 20  ? 7.178   -1.127  -8.666  1.00 13.60 ? 20  MET A SD  1 
ATOM   162  C CE  . MET A 1 20  ? 6.893   -2.344  -9.949  1.00 12.61 ? 20  MET A CE  1 
ATOM   163  N N   . LYS A 1 21  ? 5.862   2.764   -12.826 1.00 14.55 ? 21  LYS A N   1 
ATOM   164  C CA  . LYS A 1 21  ? 6.421   3.622   -13.867 1.00 15.99 ? 21  LYS A CA  1 
ATOM   165  C C   . LYS A 1 21  ? 5.790   5.014   -13.805 1.00 16.52 ? 21  LYS A C   1 
ATOM   166  O O   . LYS A 1 21  ? 6.497   6.029   -13.808 1.00 15.76 ? 21  LYS A O   1 
ATOM   167  C CB  . LYS A 1 21  ? 6.216   3.000   -15.245 1.00 15.90 ? 21  LYS A CB  1 
ATOM   168  C CG  . LYS A 1 21  ? 7.044   3.661   -16.323 1.00 18.20 ? 21  LYS A CG  1 
ATOM   169  C CD  . LYS A 1 21  ? 6.873   3.001   -17.678 1.00 20.43 ? 21  LYS A CD  1 
ATOM   170  C CE  . LYS A 1 21  ? 7.778   3.719   -18.701 1.00 24.23 ? 21  LYS A CE  1 
ATOM   171  N NZ  . LYS A 1 21  ? 7.731   3.080   -20.051 1.00 28.15 ? 21  LYS A NZ  1 
ATOM   172  N N   . GLU A 1 22  ? 4.457   5.040   -13.717 1.00 16.80 ? 22  GLU A N   1 
ATOM   173  C CA  . GLU A 1 22  ? 3.687   6.283   -13.632 1.00 17.89 ? 22  GLU A CA  1 
ATOM   174  C C   . GLU A 1 22  ? 4.024   7.092   -12.381 1.00 17.61 ? 22  GLU A C   1 
ATOM   175  O O   . GLU A 1 22  ? 4.016   8.319   -12.401 1.00 17.68 ? 22  GLU A O   1 
ATOM   176  C CB  . GLU A 1 22  ? 2.182   5.970   -13.665 1.00 18.29 ? 22  GLU A CB  1 
ATOM   177  C CG  . GLU A 1 22  ? 1.328   7.107   -14.196 1.00 20.99 ? 22  GLU A CG  1 
ATOM   178  C CD  . GLU A 1 22  ? 1.550   7.365   -15.675 1.00 23.73 ? 22  GLU A CD  1 
ATOM   179  O OE1 . GLU A 1 22  ? 1.883   6.419   -16.411 1.00 25.93 ? 22  GLU A OE1 1 
ATOM   180  O OE2 . GLU A 1 22  ? 1.399   8.520   -16.097 1.00 26.79 ? 22  GLU A OE2 1 
ATOM   181  N N   . VAL A 1 23  ? 4.330   6.398   -11.293 1.00 17.65 ? 23  VAL A N   1 
ATOM   182  C CA  . VAL A 1 23  ? 4.757   7.062   -10.062 1.00 18.22 ? 23  VAL A CA  1 
ATOM   183  C C   . VAL A 1 23  ? 6.181   7.621   -10.175 1.00 18.73 ? 23  VAL A C   1 
ATOM   184  O O   . VAL A 1 23  ? 6.558   8.550   -9.453  1.00 19.58 ? 23  VAL A O   1 
ATOM   185  C CB  . VAL A 1 23  ? 4.668   6.105   -8.856  1.00 18.12 ? 23  VAL A CB  1 
ATOM   186  C CG1 . VAL A 1 23  ? 5.412   6.668   -7.688  1.00 18.46 ? 23  VAL A CG1 1 
ATOM   187  C CG2 . VAL A 1 23  ? 3.214   5.864   -8.487  1.00 18.03 ? 23  VAL A CG2 1 
ATOM   188  N N   . GLY A 1 24  ? 6.982   7.054   -11.064 1.00 18.60 ? 24  GLY A N   1 
ATOM   189  C CA  . GLY A 1 24  ? 8.304   7.609   -11.309 1.00 18.67 ? 24  GLY A CA  1 
ATOM   190  C C   . GLY A 1 24  ? 9.391   6.658   -10.902 1.00 18.63 ? 24  GLY A C   1 
ATOM   191  O O   . GLY A 1 24  ? 10.564  7.022   -10.886 1.00 19.14 ? 24  GLY A O   1 
ATOM   192  N N   . VAL A 1 25  ? 9.003   5.426   -10.595 1.00 18.51 ? 25  VAL A N   1 
ATOM   193  C CA  . VAL A 1 25  ? 9.957   4.404   -10.178 1.00 18.74 ? 25  VAL A CA  1 
ATOM   194  C C   . VAL A 1 25  ? 10.887  4.044   -11.331 1.00 19.55 ? 25  VAL A C   1 
ATOM   195  O O   . VAL A 1 25  ? 10.438  3.713   -12.436 1.00 19.44 ? 25  VAL A O   1 
ATOM   196  C CB  . VAL A 1 25  ? 9.253   3.142   -9.619  1.00 18.56 ? 25  VAL A CB  1 
ATOM   197  C CG1 . VAL A 1 25  ? 10.266  2.124   -9.152  1.00 18.76 ? 25  VAL A CG1 1 
ATOM   198  C CG2 . VAL A 1 25  ? 8.326   3.523   -8.474  1.00 16.93 ? 25  VAL A CG2 1 
ATOM   199  N N   . GLY A 1 26  ? 12.188  4.133   -11.060 1.00 20.36 ? 26  GLY A N   1 
ATOM   200  C CA  . GLY A 1 26  ? 13.215  3.764   -12.023 1.00 21.35 ? 26  GLY A CA  1 
ATOM   201  C C   . GLY A 1 26  ? 13.170  2.288   -12.348 1.00 21.92 ? 26  GLY A C   1 
ATOM   202  O O   . GLY A 1 26  ? 12.621  1.492   -11.582 1.00 21.77 ? 26  GLY A O   1 
ATOM   203  N N   . PHE A 1 27  ? 13.762  1.921   -13.481 1.00 22.69 ? 27  PHE A N   1 
ATOM   204  C CA  . PHE A 1 27  ? 13.671  0.557   -14.000 1.00 23.51 ? 27  PHE A CA  1 
ATOM   205  C C   . PHE A 1 27  ? 14.298  -0.504  -13.102 1.00 23.68 ? 27  PHE A C   1 
ATOM   206  O O   . PHE A 1 27  ? 13.792  -1.631  -13.030 1.00 23.71 ? 27  PHE A O   1 
ATOM   207  C CB  . PHE A 1 27  ? 14.281  0.456   -15.395 1.00 24.13 ? 27  PHE A CB  1 
ATOM   208  C CG  . PHE A 1 27  ? 14.211  -0.934  -15.995 1.00 25.57 ? 27  PHE A CG  1 
ATOM   209  C CD1 . PHE A 1 27  ? 13.157  -1.288  -16.837 1.00 27.18 ? 27  PHE A CD1 1 
ATOM   210  C CD2 . PHE A 1 27  ? 15.199  -1.879  -15.728 1.00 26.30 ? 27  PHE A CD2 1 
ATOM   211  C CE1 . PHE A 1 27  ? 13.085  -2.564  -17.403 1.00 26.88 ? 27  PHE A CE1 1 
ATOM   212  C CE2 . PHE A 1 27  ? 15.137  -3.163  -16.279 1.00 26.71 ? 27  PHE A CE2 1 
ATOM   213  C CZ  . PHE A 1 27  ? 14.080  -3.502  -17.125 1.00 27.20 ? 27  PHE A CZ  1 
ATOM   214  N N   . ALA A 1 28  ? 15.409  -0.154  -12.455 1.00 23.78 ? 28  ALA A N   1 
ATOM   215  C CA  . ALA A 1 28  ? 16.138  -1.110  -11.630 1.00 23.71 ? 28  ALA A CA  1 
ATOM   216  C C   . ALA A 1 28  ? 15.269  -1.521  -10.458 1.00 23.10 ? 28  ALA A C   1 
ATOM   217  O O   . ALA A 1 28  ? 15.229  -2.692  -10.093 1.00 23.89 ? 28  ALA A O   1 
ATOM   218  C CB  . ALA A 1 28  ? 17.450  -0.514  -11.134 1.00 23.98 ? 28  ALA A CB  1 
ATOM   219  N N   . THR A 1 29  ? 14.568  -0.550  -9.889  1.00 22.44 ? 29  THR A N   1 
ATOM   220  C CA  . THR A 1 29  ? 13.677  -0.785  -8.765  1.00 21.72 ? 29  THR A CA  1 
ATOM   221  C C   . THR A 1 29  ? 12.420  -1.567  -9.173  1.00 21.31 ? 29  THR A C   1 
ATOM   222  O O   . THR A 1 29  ? 12.055  -2.529  -8.497  1.00 20.52 ? 29  THR A O   1 
ATOM   223  C CB  . THR A 1 29  ? 13.339  0.546   -8.093  1.00 21.70 ? 29  THR A CB  1 
ATOM   224  O OG1 . THR A 1 29  ? 14.543  1.092   -7.544  1.00 21.85 ? 29  THR A OG1 1 
ATOM   225  C CG2 . THR A 1 29  ? 12.428  0.349   -6.865  1.00 20.59 ? 29  THR A CG2 1 
ATOM   226  N N   . ARG A 1 30  ? 11.794  -1.172  -10.287 1.00 20.91 ? 30  ARG A N   1 
ATOM   227  C CA  . ARG A 1 30  ? 10.596  -1.851  -10.808 1.00 20.64 ? 30  ARG A CA  1 
ATOM   228  C C   . ARG A 1 30  ? 10.808  -3.341  -11.027 1.00 20.88 ? 30  ARG A C   1 
ATOM   229  O O   . ARG A 1 30  ? 9.930   -4.158  -10.733 1.00 20.07 ? 30  ARG A O   1 
ATOM   230  C CB  . ARG A 1 30  ? 10.135  -1.219  -12.122 1.00 20.38 ? 30  ARG A CB  1 
ATOM   231  C CG  . ARG A 1 30  ? 9.567   0.166   -11.983 1.00 19.99 ? 30  ARG A CG  1 
ATOM   232  C CD  . ARG A 1 30  ? 8.656   0.601   -13.121 1.00 22.67 ? 30  ARG A CD  1 
ATOM   233  N NE  . ARG A 1 30  ? 9.113   0.114   -14.423 1.00 26.32 ? 30  ARG A NE  1 
ATOM   234  C CZ  . ARG A 1 30  ? 9.922   0.773   -15.245 1.00 26.48 ? 30  ARG A CZ  1 
ATOM   235  N NH1 . ARG A 1 30  ? 10.394  1.966   -14.925 1.00 26.95 ? 30  ARG A NH1 1 
ATOM   236  N NH2 . ARG A 1 30  ? 10.261  0.225   -16.400 1.00 27.41 ? 30  ARG A NH2 1 
ATOM   237  N N   . LYS A 1 31  ? 11.982  -3.673  -11.559 1.00 21.27 ? 31  LYS A N   1 
ATOM   238  C CA  . LYS A 1 31  ? 12.394  -5.036  -11.829 1.00 21.84 ? 31  LYS A CA  1 
ATOM   239  C C   . LYS A 1 31  ? 12.267  -5.908  -10.571 1.00 21.73 ? 31  LYS A C   1 
ATOM   240  O O   . LYS A 1 31  ? 11.625  -6.953  -10.593 1.00 22.31 ? 31  LYS A O   1 
ATOM   241  C CB  . LYS A 1 31  ? 13.846  -5.024  -12.347 1.00 22.41 ? 31  LYS A CB  1 
ATOM   242  C CG  . LYS A 1 31  ? 14.556  -6.380  -12.317 1.00 23.81 ? 31  LYS A CG  1 
ATOM   243  C CD  . LYS A 1 31  ? 14.570  -7.011  -13.687 1.00 27.35 ? 31  LYS A CD  1 
ATOM   244  C CE  . LYS A 1 31  ? 15.018  -8.471  -13.657 1.00 27.68 ? 31  LYS A CE  1 
ATOM   245  N NZ  . LYS A 1 31  ? 15.214  -8.991  -15.052 1.00 28.14 ? 31  LYS A NZ  1 
ATOM   246  N N   . VAL A 1 32  ? 12.859  -5.463  -9.470  1.00 21.28 ? 32  VAL A N   1 
ATOM   247  C CA  . VAL A 1 32  ? 12.869  -6.273  -8.248  1.00 21.38 ? 32  VAL A CA  1 
ATOM   248  C C   . VAL A 1 32  ? 11.527  -6.194  -7.512  1.00 21.53 ? 32  VAL A C   1 
ATOM   249  O O   . VAL A 1 32  ? 10.983  -7.223  -7.089  1.00 21.91 ? 32  VAL A O   1 
ATOM   250  C CB  . VAL A 1 32  ? 14.057  -5.893  -7.346  1.00 21.03 ? 32  VAL A CB  1 
ATOM   251  C CG1 . VAL A 1 32  ? 14.141  -6.800  -6.142  1.00 21.72 ? 32  VAL A CG1 1 
ATOM   252  C CG2 . VAL A 1 32  ? 15.346  -5.973  -8.142  1.00 21.21 ? 32  VAL A CG2 1 
ATOM   253  N N   . ALA A 1 33  ? 10.987  -4.980  -7.392  1.00 21.49 ? 33  ALA A N   1 
ATOM   254  C CA  . ALA A 1 33  ? 9.683   -4.754  -6.773  1.00 21.80 ? 33  ALA A CA  1 
ATOM   255  C C   . ALA A 1 33  ? 8.571   -5.541  -7.457  1.00 22.58 ? 33  ALA A C   1 
ATOM   256  O O   . ALA A 1 33  ? 7.648   -6.010  -6.793  1.00 22.64 ? 33  ALA A O   1 
ATOM   257  C CB  . ALA A 1 33  ? 9.345   -3.275  -6.774  1.00 21.40 ? 33  ALA A CB  1 
ATOM   258  N N   . GLY A 1 34  ? 8.664   -5.672  -8.780  1.00 23.39 ? 34  GLY A N   1 
ATOM   259  C CA  . GLY A 1 34  ? 7.642   -6.334  -9.582  1.00 25.22 ? 34  GLY A CA  1 
ATOM   260  C C   . GLY A 1 34  ? 7.594   -7.836  -9.394  1.00 26.68 ? 34  GLY A C   1 
ATOM   261  O O   . GLY A 1 34  ? 6.531   -8.442  -9.506  1.00 26.91 ? 34  GLY A O   1 
ATOM   262  N N   . MET A 1 35  ? 8.750   -8.435  -9.116  1.00 28.01 ? 35  MET A N   1 
ATOM   263  C CA  . MET A 1 35  ? 8.845   -9.872  -8.851  1.00 29.64 ? 35  MET A CA  1 
ATOM   264  C C   . MET A 1 35  ? 8.457   -10.196 -7.411  1.00 28.21 ? 35  MET A C   1 
ATOM   265  O O   . MET A 1 35  ? 8.275   -11.362 -7.068  1.00 28.13 ? 35  MET A O   1 
ATOM   266  C CB  . MET A 1 35  ? 10.263  -10.388 -9.102  1.00 29.37 ? 35  MET A CB  1 
ATOM   267  C CG  . MET A 1 35  ? 10.727  -10.367 -10.547 1.00 31.88 ? 35  MET A CG  1 
ATOM   268  S SD  . MET A 1 35  ? 12.441  -10.951 -10.710 1.00 34.68 ? 35  MET A SD  1 
ATOM   269  C CE  . MET A 1 35  ? 13.387  -9.524  -10.153 1.00 35.80 ? 35  MET A CE  1 
ATOM   270  N N   . ALA A 1 36  ? 8.344   -9.163  -6.578  1.00 27.37 ? 36  ALA A N   1 
ATOM   271  C CA  . ALA A 1 36  ? 8.079   -9.338  -5.150  1.00 26.13 ? 36  ALA A CA  1 
ATOM   272  C C   . ALA A 1 36  ? 6.689   -9.900  -4.861  1.00 25.25 ? 36  ALA A C   1 
ATOM   273  O O   . ALA A 1 36  ? 5.686   -9.481  -5.454  1.00 25.04 ? 36  ALA A O   1 
ATOM   274  C CB  . ALA A 1 36  ? 8.304   -8.025  -4.392  1.00 26.07 ? 36  ALA A CB  1 
ATOM   275  N N   . LYS A 1 37  ? 6.650   -10.871 -3.957  1.00 24.52 ? 37  LYS A N   1 
ATOM   276  C CA  . LYS A 1 37  ? 5.400   -11.374 -3.396  1.00 24.37 ? 37  LYS A CA  1 
ATOM   277  C C   . LYS A 1 37  ? 5.423   -11.110 -1.877  1.00 23.01 ? 37  LYS A C   1 
ATOM   278  O O   . LYS A 1 37  ? 5.738   -12.002 -1.074  1.00 22.45 ? 37  LYS A O   1 
ATOM   279  C CB  . LYS A 1 37  ? 5.212   -12.865 -3.731  1.00 24.84 ? 37  LYS A CB  1 
ATOM   280  C CG  . LYS A 1 37  ? 4.990   -13.162 -5.233  1.00 26.06 ? 37  LYS A CG  1 
ATOM   281  C CD  . LYS A 1 37  ? 5.320   -14.633 -5.560  1.00 26.74 ? 37  LYS A CD  1 
ATOM   282  C CE  . LYS A 1 37  ? 4.417   -15.213 -6.684  1.00 30.48 ? 37  LYS A CE  1 
ATOM   283  N NZ  . LYS A 1 37  ? 4.802   -16.629 -7.105  1.00 28.66 ? 37  LYS A NZ  1 
ATOM   284  N N   . PRO A 1 38  ? 5.121   -9.871  -1.489  1.00 22.14 ? 38  PRO A N   1 
ATOM   285  C CA  . PRO A 1 38  ? 5.273   -9.444  -0.099  1.00 21.41 ? 38  PRO A CA  1 
ATOM   286  C C   . PRO A 1 38  ? 4.290   -10.080 0.870   1.00 20.57 ? 38  PRO A C   1 
ATOM   287  O O   . PRO A 1 38  ? 3.197   -10.516 0.472   1.00 20.19 ? 38  PRO A O   1 
ATOM   288  C CB  . PRO A 1 38  ? 5.002   -7.936  -0.172  1.00 21.25 ? 38  PRO A CB  1 
ATOM   289  C CG  . PRO A 1 38  ? 4.146   -7.772  -1.353  1.00 22.23 ? 38  PRO A CG  1 
ATOM   290  C CD  . PRO A 1 38  ? 4.627   -8.772  -2.342  1.00 22.01 ? 38  PRO A CD  1 
ATOM   291  N N   . ASN A 1 39  ? 4.682   -10.122 2.136   1.00 19.74 ? 39  ASN A N   1 
ATOM   292  C CA  . ASN A 1 39  ? 3.745   -10.420 3.201   1.00 19.74 ? 39  ASN A CA  1 
ATOM   293  C C   . ASN A 1 39  ? 3.361   -9.120  3.879   1.00 19.28 ? 39  ASN A C   1 
ATOM   294  O O   . ASN A 1 39  ? 4.233   -8.347  4.279   1.00 20.12 ? 39  ASN A O   1 
ATOM   295  C CB  . ASN A 1 39  ? 4.346   -11.410 4.198   1.00 19.85 ? 39  ASN A CB  1 
ATOM   296  C CG  . ASN A 1 39  ? 4.334   -12.831 3.670   1.00 21.61 ? 39  ASN A CG  1 
ATOM   297  O OD1 . ASN A 1 39  ? 3.270   -13.415 3.467   1.00 23.91 ? 39  ASN A OD1 1 
ATOM   298  N ND2 . ASN A 1 39  ? 5.514   -13.390 3.426   1.00 22.16 ? 39  ASN A ND2 1 
ATOM   299  N N   . MET A 1 40  ? 2.064   -8.863  3.982   1.00 18.24 ? 40  MET A N   1 
ATOM   300  C CA  . MET A 1 40  ? 1.589   -7.646  4.628   1.00 17.74 ? 40  MET A CA  1 
ATOM   301  C C   . MET A 1 40  ? 0.999   -7.977  5.995   1.00 16.68 ? 40  MET A C   1 
ATOM   302  O O   . MET A 1 40  ? 0.087   -8.785  6.096   1.00 16.84 ? 40  MET A O   1 
ATOM   303  C CB  . MET A 1 40  ? 0.575   -6.919  3.739   1.00 17.60 ? 40  MET A CB  1 
ATOM   304  C CG  . MET A 1 40  ? -0.093  -5.727  4.418   1.00 18.15 ? 40  MET A CG  1 
ATOM   305  S SD  . MET A 1 40  ? -1.127  -4.737  3.341   1.00 20.18 ? 40  MET A SD  1 
ATOM   306  C CE  . MET A 1 40  ? -2.308  -5.955  2.775   1.00 19.85 ? 40  MET A CE  1 
ATOM   307  N N   . ILE A 1 41  ? 1.545   -7.374  7.048   1.00 15.97 ? 41  ILE A N   1 
ATOM   308  C CA  . ILE A 1 41  ? 1.088   -7.640  8.421   1.00 15.37 ? 41  ILE A CA  1 
ATOM   309  C C   . ILE A 1 41  ? 0.454   -6.374  8.979   1.00 14.95 ? 41  ILE A C   1 
ATOM   310  O O   . ILE A 1 41  ? 1.125   -5.343  9.151   1.00 13.44 ? 41  ILE A O   1 
ATOM   311  C CB  . ILE A 1 41  ? 2.253   -8.109  9.334   1.00 15.47 ? 41  ILE A CB  1 
ATOM   312  C CG1 . ILE A 1 41  ? 3.024   -9.251  8.674   1.00 16.92 ? 41  ILE A CG1 1 
ATOM   313  C CG2 . ILE A 1 41  ? 1.721   -8.538  10.731  1.00 15.74 ? 41  ILE A CG2 1 
ATOM   314  C CD1 . ILE A 1 41  ? 4.495   -9.301  9.029   1.00 19.43 ? 41  ILE A CD1 1 
ATOM   315  N N   . ILE A 1 42  ? -0.850  -6.463  9.231   1.00 14.69 ? 42  ILE A N   1 
ATOM   316  C CA  . ILE A 1 42  ? -1.617  -5.359  9.755   1.00 14.18 ? 42  ILE A CA  1 
ATOM   317  C C   . ILE A 1 42  ? -2.001  -5.647  11.189  1.00 14.43 ? 42  ILE A C   1 
ATOM   318  O O   . ILE A 1 42  ? -2.507  -6.730  11.501  1.00 14.03 ? 42  ILE A O   1 
ATOM   319  C CB  . ILE A 1 42  ? -2.875  -5.106  8.899   1.00 14.35 ? 42  ILE A CB  1 
ATOM   320  C CG1 . ILE A 1 42  ? -2.450  -4.771  7.454   1.00 16.18 ? 42  ILE A CG1 1 
ATOM   321  C CG2 . ILE A 1 42  ? -3.732  -4.000  9.533   1.00 13.39 ? 42  ILE A CG2 1 
ATOM   322  C CD1 . ILE A 1 42  ? -3.564  -4.705  6.460   1.00 18.19 ? 42  ILE A CD1 1 
ATOM   323  N N   . SER A 1 43  ? -1.763  -4.666  12.054  1.00 14.30 ? 43  SER A N   1 
ATOM   324  C CA  . SER A 1 43  ? -2.130  -4.769  13.463  1.00 14.60 ? 43  SER A CA  1 
ATOM   325  C C   . SER A 1 43  ? -2.652  -3.429  13.949  1.00 15.35 ? 43  SER A C   1 
ATOM   326  O O   . SER A 1 43  ? -2.433  -2.404  13.294  1.00 14.93 ? 43  SER A O   1 
ATOM   327  C CB  . SER A 1 43  ? -0.928  -5.228  14.300  1.00 14.16 ? 43  SER A CB  1 
ATOM   328  O OG  . SER A 1 43  ? 0.144   -4.297  14.223  1.00 12.84 ? 43  SER A OG  1 
ATOM   329  N N   . VAL A 1 44  ? -3.352  -3.441  15.087  1.00 16.21 ? 44  VAL A N   1 
ATOM   330  C CA  . VAL A 1 44  ? -3.919  -2.222  15.678  1.00 17.55 ? 44  VAL A CA  1 
ATOM   331  C C   . VAL A 1 44  ? -3.664  -2.226  17.185  1.00 18.38 ? 44  VAL A C   1 
ATOM   332  O O   . VAL A 1 44  ? -3.901  -3.221  17.870  1.00 18.29 ? 44  VAL A O   1 
ATOM   333  C CB  . VAL A 1 44  ? -5.453  -2.053  15.381  1.00 17.45 ? 44  VAL A CB  1 
ATOM   334  C CG1 . VAL A 1 44  ? -5.952  -0.676  15.787  1.00 18.64 ? 44  VAL A CG1 1 
ATOM   335  C CG2 . VAL A 1 44  ? -5.757  -2.251  13.902  1.00 19.20 ? 44  VAL A CG2 1 
ATOM   336  N N   . ASN A 1 45  ? -3.145  -1.113  17.679  1.00 19.71 ? 45  ASN A N   1 
ATOM   337  C CA  . ASN A 1 45  ? -2.956  -0.898  19.110  1.00 21.30 ? 45  ASN A CA  1 
ATOM   338  C C   . ASN A 1 45  ? -3.654  0.424   19.465  1.00 21.56 ? 45  ASN A C   1 
ATOM   339  O O   . ASN A 1 45  ? -3.079  1.498   19.317  1.00 21.59 ? 45  ASN A O   1 
ATOM   340  C CB  . ASN A 1 45  ? -1.458  -0.851  19.443  1.00 21.28 ? 45  ASN A CB  1 
ATOM   341  C CG  . ASN A 1 45  ? -0.763  -2.209  19.261  1.00 23.23 ? 45  ASN A CG  1 
ATOM   342  O OD1 . ASN A 1 45  ? -0.981  -3.139  20.038  1.00 24.55 ? 45  ASN A OD1 1 
ATOM   343  N ND2 . ASN A 1 45  ? 0.084   -2.314  18.239  1.00 24.08 ? 45  ASN A ND2 1 
ATOM   344  N N   . GLY A 1 46  ? -4.911  0.332   19.884  1.00 22.13 ? 46  GLY A N   1 
ATOM   345  C CA  . GLY A 1 46  ? -5.741  1.504   20.147  1.00 22.31 ? 46  GLY A CA  1 
ATOM   346  C C   . GLY A 1 46  ? -6.070  2.294   18.891  1.00 22.25 ? 46  GLY A C   1 
ATOM   347  O O   . GLY A 1 46  ? -6.678  1.778   17.950  1.00 22.48 ? 46  GLY A O   1 
ATOM   348  N N   . ASP A 1 47  ? -5.670  3.556   18.864  1.00 22.28 ? 47  ASP A N   1 
ATOM   349  C CA  . ASP A 1 47  ? -5.914  4.351   17.670  1.00 22.30 ? 47  ASP A CA  1 
ATOM   350  C C   . ASP A 1 47  ? -4.732  4.354   16.681  1.00 21.08 ? 47  ASP A C   1 
ATOM   351  O O   . ASP A 1 47  ? -4.797  4.991   15.630  1.00 20.71 ? 47  ASP A O   1 
ATOM   352  C CB  . ASP A 1 47  ? -6.443  5.748   18.016  1.00 23.53 ? 47  ASP A CB  1 
ATOM   353  C CG  . ASP A 1 47  ? -5.641  6.431   19.089  1.00 26.13 ? 47  ASP A CG  1 
ATOM   354  O OD1 . ASP A 1 47  ? -4.404  6.522   18.922  1.00 30.99 ? 47  ASP A OD1 1 
ATOM   355  O OD2 . ASP A 1 47  ? -6.163  6.922   20.121  1.00 25.60 ? 47  ASP A OD2 1 
ATOM   356  N N   . VAL A 1 48  ? -3.686  3.588   17.000  1.00 19.81 ? 48  VAL A N   1 
ATOM   357  C CA  . VAL A 1 48  ? -2.522  3.457   16.125  1.00 18.53 ? 48  VAL A CA  1 
ATOM   358  C C   . VAL A 1 48  ? -2.584  2.157   15.322  1.00 17.78 ? 48  VAL A C   1 
ATOM   359  O O   . VAL A 1 48  ? -2.610  1.057   15.893  1.00 17.49 ? 48  VAL A O   1 
ATOM   360  C CB  . VAL A 1 48  ? -1.183  3.519   16.905  1.00 19.15 ? 48  VAL A CB  1 
ATOM   361  C CG1 . VAL A 1 48  ? 0.007   3.462   15.950  1.00 18.27 ? 48  VAL A CG1 1 
ATOM   362  C CG2 . VAL A 1 48  ? -1.108  4.776   17.798  1.00 18.78 ? 48  VAL A CG2 1 
ATOM   363  N N   . ILE A 1 49  ? -2.609  2.304   13.996  1.00 16.03 ? 49  ILE A N   1 
ATOM   364  C CA  . ILE A 1 49  ? -2.602  1.177   13.069  1.00 15.20 ? 49  ILE A CA  1 
ATOM   365  C C   . ILE A 1 49  ? -1.207  1.015   12.465  1.00 13.98 ? 49  ILE A C   1 
ATOM   366  O O   . ILE A 1 49  ? -0.606  1.990   12.025  1.00 12.80 ? 49  ILE A O   1 
ATOM   367  C CB  . ILE A 1 49  ? -3.653  1.386   11.940  1.00 14.71 ? 49  ILE A CB  1 
ATOM   368  C CG1 . ILE A 1 49  ? -5.068  1.429   12.521  1.00 16.17 ? 49  ILE A CG1 1 
ATOM   369  C CG2 . ILE A 1 49  ? -3.537  0.286   10.872  1.00 15.09 ? 49  ILE A CG2 1 
ATOM   370  C CD1 . ILE A 1 49  ? -6.112  2.054   11.579  1.00 17.06 ? 49  ILE A CD1 1 
ATOM   371  N N   . THR A 1 50  ? -0.717  -0.223  12.438  1.00 12.66 ? 50  THR A N   1 
ATOM   372  C CA  . THR A 1 50  ? 0.589   -0.539  11.865  1.00 12.00 ? 50  THR A CA  1 
ATOM   373  C C   . THR A 1 50  ? 0.417   -1.439  10.632  1.00 12.14 ? 50  THR A C   1 
ATOM   374  O O   . THR A 1 50  ? -0.235  -2.488  10.705  1.00 11.38 ? 50  THR A O   1 
ATOM   375  C CB  . THR A 1 50  ? 1.498   -1.205  12.933  1.00 11.47 ? 50  THR A CB  1 
ATOM   376  O OG1 . THR A 1 50  ? 1.730   -0.288  14.014  1.00 11.26 ? 50  THR A OG1 1 
ATOM   377  C CG2 . THR A 1 50  ? 2.920   -1.441  12.384  1.00 11.52 ? 50  THR A CG2 1 
ATOM   378  N N   . ILE A 1 51  ? 0.969   -1.009  9.495   1.00 12.44 ? 51  ILE A N   1 
ATOM   379  C CA  . ILE A 1 51  ? 1.032   -1.869  8.303   1.00 12.96 ? 51  ILE A CA  1 
ATOM   380  C C   . ILE A 1 51  ? 2.491   -2.084  7.908   1.00 13.05 ? 51  ILE A C   1 
ATOM   381  O O   . ILE A 1 51  ? 3.210   -1.132  7.556   1.00 12.81 ? 51  ILE A O   1 
ATOM   382  C CB  . ILE A 1 51  ? 0.210   -1.314  7.109   1.00 13.03 ? 51  ILE A CB  1 
ATOM   383  C CG1 . ILE A 1 51  ? -1.277  -1.206  7.477   1.00 13.34 ? 51  ILE A CG1 1 
ATOM   384  C CG2 . ILE A 1 51  ? 0.430   -2.193  5.846   1.00 13.07 ? 51  ILE A CG2 1 
ATOM   385  C CD1 . ILE A 1 51  ? -2.081  -0.185  6.658   1.00 13.13 ? 51  ILE A CD1 1 
ATOM   386  N N   . LYS A 1 52  ? 2.908   -3.343  7.999   1.00 12.85 ? 52  LYS A N   1 
ATOM   387  C CA  . LYS A 1 52  ? 4.238   -3.786  7.608   1.00 13.63 ? 52  LYS A CA  1 
ATOM   388  C C   . LYS A 1 52  ? 4.122   -4.464  6.254   1.00 13.93 ? 52  LYS A C   1 
ATOM   389  O O   . LYS A 1 52  ? 3.113   -5.115  5.973   1.00 13.54 ? 52  LYS A O   1 
ATOM   390  C CB  . LYS A 1 52  ? 4.766   -4.834  8.602   1.00 13.31 ? 52  LYS A CB  1 
ATOM   391  C CG  . LYS A 1 52  ? 4.899   -4.358  10.042  1.00 15.25 ? 52  LYS A CG  1 
ATOM   392  C CD  . LYS A 1 52  ? 5.492   -5.449  10.922  1.00 14.79 ? 52  LYS A CD  1 
ATOM   393  C CE  . LYS A 1 52  ? 5.681   -4.979  12.369  1.00 15.91 ? 52  LYS A CE  1 
ATOM   394  N NZ  . LYS A 1 52  ? 6.361   -6.053  13.153  1.00 16.58 ? 52  LYS A NZ  1 
ATOM   395  N N   . SER A 1 53  ? 5.163   -4.336  5.438   1.00 14.32 ? 53  SER A N   1 
ATOM   396  C CA  . SER A 1 53  ? 5.290   -5.124  4.221   1.00 14.71 ? 53  SER A CA  1 
ATOM   397  C C   . SER A 1 53  ? 6.695   -5.724  4.209   1.00 15.26 ? 53  SER A C   1 
ATOM   398  O O   . SER A 1 53  ? 7.692   -4.996  4.281   1.00 14.90 ? 53  SER A O   1 
ATOM   399  C CB  . SER A 1 53  ? 5.039   -4.275  2.970   1.00 15.28 ? 53  SER A CB  1 
ATOM   400  O OG  . SER A 1 53  ? 5.228   -5.042  1.776   1.00 15.80 ? 53  SER A OG  1 
ATOM   401  N N   . GLU A 1 54  ? 6.756   -7.049  4.125   1.00 15.00 ? 54  GLU A N   1 
ATOM   402  C CA  . GLU A 1 54  ? 8.011   -7.786  4.150   1.00 15.86 ? 54  GLU A CA  1 
ATOM   403  C C   . GLU A 1 54  ? 8.182   -8.526  2.840   1.00 15.25 ? 54  GLU A C   1 
ATOM   404  O O   . GLU A 1 54  ? 7.276   -9.236  2.409   1.00 15.11 ? 54  GLU A O   1 
ATOM   405  C CB  . GLU A 1 54  ? 8.022   -8.796  5.316   1.00 15.61 ? 54  GLU A CB  1 
ATOM   406  C CG  . GLU A 1 54  ? 7.841   -8.131  6.681   1.00 18.60 ? 54  GLU A CG  1 
ATOM   407  C CD  . GLU A 1 54  ? 7.878   -9.093  7.861   1.00 19.53 ? 54  GLU A CD  1 
ATOM   408  O OE1 . GLU A 1 54  ? 7.832   -10.328 7.660   1.00 22.77 ? 54  GLU A OE1 1 
ATOM   409  O OE2 . GLU A 1 54  ? 7.937   -8.592  9.011   1.00 26.59 ? 54  GLU A OE2 1 
ATOM   410  N N   . SER A 1 55  ? 9.333   -8.339  2.199   1.00 14.99 ? 55  SER A N   1 
ATOM   411  C CA  . SER A 1 55  ? 9.703   -9.113  1.009   1.00 15.20 ? 55  SER A CA  1 
ATOM   412  C C   . SER A 1 55  ? 11.201  -9.018  0.810   1.00 15.37 ? 55  SER A C   1 
ATOM   413  O O   . SER A 1 55  ? 11.850  -8.161  1.421   1.00 15.28 ? 55  SER A O   1 
ATOM   414  C CB  . SER A 1 55  ? 8.975   -8.600  -0.244  1.00 14.87 ? 55  SER A CB  1 
ATOM   415  O OG  . SER A 1 55  ? 9.440   -7.315  -0.631  1.00 13.62 ? 55  SER A OG  1 
ATOM   416  N N   . THR A 1 56  ? 11.747  -9.891  -0.040  1.00 16.25 ? 56  THR A N   1 
ATOM   417  C CA  . THR A 1 56  ? 13.177  -9.852  -0.359  1.00 16.91 ? 56  THR A CA  1 
ATOM   418  C C   . THR A 1 56  ? 13.568  -8.540  -1.040  1.00 16.99 ? 56  THR A C   1 
ATOM   419  O O   . THR A 1 56  ? 14.734  -8.136  -0.999  1.00 17.29 ? 56  THR A O   1 
ATOM   420  C CB  . THR A 1 56  ? 13.605  -11.073 -1.214  1.00 17.29 ? 56  THR A CB  1 
ATOM   421  O OG1 . THR A 1 56  ? 12.905  -11.078 -2.461  1.00 17.35 ? 56  THR A OG1 1 
ATOM   422  C CG2 . THR A 1 56  ? 13.153  -12.388 -0.550  1.00 18.78 ? 56  THR A CG2 1 
ATOM   423  N N   . PHE A 1 57  ? 12.588  -7.877  -1.655  1.00 16.82 ? 57  PHE A N   1 
ATOM   424  C CA  . PHE A 1 57  ? 12.807  -6.559  -2.237  1.00 17.37 ? 57  PHE A CA  1 
ATOM   425  C C   . PHE A 1 57  ? 13.106  -5.482  -1.166  1.00 17.65 ? 57  PHE A C   1 
ATOM   426  O O   . PHE A 1 57  ? 14.149  -4.817  -1.208  1.00 18.01 ? 57  PHE A O   1 
ATOM   427  C CB  . PHE A 1 57  ? 11.605  -6.124  -3.096  1.00 16.81 ? 57  PHE A CB  1 
ATOM   428  C CG  . PHE A 1 57  ? 11.596  -4.650  -3.401  1.00 16.67 ? 57  PHE A CG  1 
ATOM   429  C CD1 . PHE A 1 57  ? 12.725  -4.035  -3.947  1.00 16.24 ? 57  PHE A CD1 1 
ATOM   430  C CD2 . PHE A 1 57  ? 10.483  -3.868  -3.105  1.00 16.45 ? 57  PHE A CD2 1 
ATOM   431  C CE1 . PHE A 1 57  ? 12.739  -2.653  -4.204  1.00 18.32 ? 57  PHE A CE1 1 
ATOM   432  C CE2 . PHE A 1 57  ? 10.476  -2.495  -3.372  1.00 17.25 ? 57  PHE A CE2 1 
ATOM   433  C CZ  . PHE A 1 57  ? 11.606  -1.886  -3.921  1.00 16.54 ? 57  PHE A CZ  1 
ATOM   434  N N   . LYS A 1 58  ? 12.179  -5.305  -0.228  1.00 17.67 ? 58  LYS A N   1 
ATOM   435  C CA  . LYS A 1 58  ? 12.314  -4.284  0.808   1.00 18.31 ? 58  LYS A CA  1 
ATOM   436  C C   . LYS A 1 58  ? 11.358  -4.612  1.945   1.00 17.30 ? 58  LYS A C   1 
ATOM   437  O O   . LYS A 1 58  ? 10.282  -5.162  1.711   1.00 16.83 ? 58  LYS A O   1 
ATOM   438  C CB  . LYS A 1 58  ? 12.008  -2.886  0.226   1.00 18.85 ? 58  LYS A CB  1 
ATOM   439  C CG  . LYS A 1 58  ? 12.569  -1.722  1.048   1.00 20.57 ? 58  LYS A CG  1 
ATOM   440  C CD  . LYS A 1 58  ? 12.617  -0.408  0.266   1.00 20.73 ? 58  LYS A CD  1 
ATOM   441  C CE  . LYS A 1 58  ? 13.100  0.756   1.154   1.00 23.47 ? 58  LYS A CE  1 
ATOM   442  N NZ  . LYS A 1 58  ? 12.828  2.166   0.625   1.00 24.94 ? 58  LYS A NZ  1 
ATOM   443  N N   . ASN A 1 59  ? 11.772  -4.318  3.176   1.00 16.60 ? 59  ASN A N   1 
ATOM   444  C CA  . ASN A 1 59  ? 10.845  -4.256  4.291   1.00 16.60 ? 59  ASN A CA  1 
ATOM   445  C C   . ASN A 1 59  ? 10.408  -2.811  4.508   1.00 16.25 ? 59  ASN A C   1 
ATOM   446  O O   . ASN A 1 59  ? 11.252  -1.906  4.579   1.00 16.51 ? 59  ASN A O   1 
ATOM   447  C CB  . ASN A 1 59  ? 11.473  -4.845  5.566   1.00 17.35 ? 59  ASN A CB  1 
ATOM   448  C CG  . ASN A 1 59  ? 11.665  -6.372  5.492   1.00 19.02 ? 59  ASN A CG  1 
ATOM   449  O OD1 . ASN A 1 59  ? 11.376  -7.010  4.469   1.00 19.95 ? 59  ASN A OD1 1 
ATOM   450  N ND2 . ASN A 1 59  ? 12.152  -6.955  6.583   1.00 21.39 ? 59  ASN A ND2 1 
ATOM   451  N N   . THR A 1 60  ? 9.102   -2.572  4.569   1.00 15.36 ? 60  THR A N   1 
ATOM   452  C CA  . THR A 1 60  ? 8.599   -1.238  4.941   1.00 14.97 ? 60  THR A CA  1 
ATOM   453  C C   . THR A 1 60  ? 7.591   -1.335  6.060   1.00 14.69 ? 60  THR A C   1 
ATOM   454  O O   . THR A 1 60  ? 6.998   -2.395  6.279   1.00 14.57 ? 60  THR A O   1 
ATOM   455  C CB  . THR A 1 60  ? 7.925   -0.487  3.770   1.00 14.88 ? 60  THR A CB  1 
ATOM   456  O OG1 . THR A 1 60  ? 6.802   -1.241  3.300   1.00 15.29 ? 60  THR A OG1 1 
ATOM   457  C CG2 . THR A 1 60  ? 8.862   -0.329  2.562   1.00 15.22 ? 60  THR A CG2 1 
ATOM   458  N N   . GLU A 1 61  ? 7.385   -0.207  6.741   1.00 13.97 ? 61  GLU A N   1 
ATOM   459  C CA  . GLU A 1 61  ? 6.422   -0.123  7.826   1.00 13.69 ? 61  GLU A CA  1 
ATOM   460  C C   . GLU A 1 61  ? 5.898   1.288   7.986   1.00 13.68 ? 61  GLU A C   1 
ATOM   461  O O   . GLU A 1 61  ? 6.676   2.244   8.020   1.00 13.60 ? 61  GLU A O   1 
ATOM   462  C CB  . GLU A 1 61  ? 7.049   -0.579  9.147   1.00 13.34 ? 61  GLU A CB  1 
ATOM   463  C CG  . GLU A 1 61  ? 6.125   -0.441  10.358  1.00 13.31 ? 61  GLU A CG  1 
ATOM   464  C CD  . GLU A 1 61  ? 6.727   -1.043  11.621  1.00 14.41 ? 61  GLU A CD  1 
ATOM   465  O OE1 . GLU A 1 61  ? 7.318   -2.146  11.538  1.00 11.49 ? 61  GLU A OE1 1 
ATOM   466  O OE2 . GLU A 1 61  ? 6.601   -0.412  12.699  1.00 15.09 ? 61  GLU A OE2 1 
ATOM   467  N N   . ILE A 1 62  ? 4.576   1.411   8.099   1.00 13.76 ? 62  ILE A N   1 
ATOM   468  C CA  . ILE A 1 62  ? 3.960   2.672   8.516   1.00 14.03 ? 62  ILE A CA  1 
ATOM   469  C C   . ILE A 1 62  ? 3.083   2.483   9.753   1.00 14.26 ? 62  ILE A C   1 
ATOM   470  O O   . ILE A 1 62  ? 2.370   1.490   9.877   1.00 14.33 ? 62  ILE A O   1 
ATOM   471  C CB  . ILE A 1 62  ? 3.155   3.339   7.354   1.00 14.20 ? 62  ILE A CB  1 
ATOM   472  C CG1 . ILE A 1 62  ? 2.067   2.406   6.809   1.00 14.35 ? 62  ILE A CG1 1 
ATOM   473  C CG2 . ILE A 1 62  ? 4.104   3.819   6.242   1.00 13.59 ? 62  ILE A CG2 1 
ATOM   474  C CD1 . ILE A 1 62  ? 1.052   3.079   5.851   1.00 13.27 ? 62  ILE A CD1 1 
ATOM   475  N N   . SER A 1 63  ? 3.140   3.448   10.664  1.00 14.57 ? 63  SER A N   1 
ATOM   476  C CA  . SER A 1 63  ? 2.217   3.501   11.801  1.00 15.01 ? 63  SER A CA  1 
ATOM   477  C C   . SER A 1 63  ? 1.521   4.855   11.786  1.00 14.91 ? 63  SER A C   1 
ATOM   478  O O   . SER A 1 63  ? 2.174   5.881   11.606  1.00 15.28 ? 63  SER A O   1 
ATOM   479  C CB  . SER A 1 63  ? 2.960   3.291   13.123  1.00 15.20 ? 63  SER A CB  1 
ATOM   480  O OG  . SER A 1 63  ? 3.305   1.928   13.284  1.00 16.24 ? 63  SER A OG  1 
ATOM   481  N N   . PHE A 1 64  ? 0.203   4.859   11.960  1.00 14.64 ? 64  PHE A N   1 
ATOM   482  C CA  . PHE A 1 64  ? -0.563  6.078   11.764  1.00 14.93 ? 64  PHE A CA  1 
ATOM   483  C C   . PHE A 1 64  ? -1.863  6.056   12.554  1.00 15.46 ? 64  PHE A C   1 
ATOM   484  O O   . PHE A 1 64  ? -2.346  4.984   12.973  1.00 16.17 ? 64  PHE A O   1 
ATOM   485  C CB  . PHE A 1 64  ? -0.880  6.257   10.268  1.00 14.46 ? 64  PHE A CB  1 
ATOM   486  C CG  . PHE A 1 64  ? -1.600  5.084   9.662   1.00 14.59 ? 64  PHE A CG  1 
ATOM   487  C CD1 . PHE A 1 64  ? -0.891  3.947   9.252   1.00 13.96 ? 64  PHE A CD1 1 
ATOM   488  C CD2 . PHE A 1 64  ? -2.982  5.094   9.531   1.00 14.35 ? 64  PHE A CD2 1 
ATOM   489  C CE1 . PHE A 1 64  ? -1.561  2.850   8.707   1.00 12.29 ? 64  PHE A CE1 1 
ATOM   490  C CE2 . PHE A 1 64  ? -3.662  3.999   8.993   1.00 13.80 ? 64  PHE A CE2 1 
ATOM   491  C CZ  . PHE A 1 64  ? -2.944  2.878   8.577   1.00 13.28 ? 64  PHE A CZ  1 
ATOM   492  N N   . ILE A 1 65  ? -2.423  7.248   12.744  1.00 15.51 ? 65  ILE A N   1 
ATOM   493  C CA  . ILE A 1 65  ? -3.791  7.422   13.237  1.00 15.92 ? 65  ILE A CA  1 
ATOM   494  C C   . ILE A 1 65  ? -4.648  7.910   12.069  1.00 15.54 ? 65  ILE A C   1 
ATOM   495  O O   . ILE A 1 65  ? -4.242  8.811   11.341  1.00 15.87 ? 65  ILE A O   1 
ATOM   496  C CB  . ILE A 1 65  ? -3.812  8.445   14.403  1.00 16.03 ? 65  ILE A CB  1 
ATOM   497  C CG1 . ILE A 1 65  ? -3.073  7.872   15.625  1.00 15.98 ? 65  ILE A CG1 1 
ATOM   498  C CG2 . ILE A 1 65  ? -5.260  8.870   14.751  1.00 16.73 ? 65  ILE A CG2 1 
ATOM   499  C CD1 . ILE A 1 65  ? -2.724  8.914   16.686  1.00 16.77 ? 65  ILE A CD1 1 
ATOM   500  N N   . LEU A 1 66  ? -5.818  7.303   11.890  1.00 15.44 ? 66  LEU A N   1 
ATOM   501  C CA  . LEU A 1 66  ? -6.773  7.725   10.870  1.00 15.41 ? 66  LEU A CA  1 
ATOM   502  C C   . LEU A 1 66  ? -7.015  9.241   10.921  1.00 15.69 ? 66  LEU A C   1 
ATOM   503  O O   . LEU A 1 66  ? -7.245  9.801   11.998  1.00 14.88 ? 66  LEU A O   1 
ATOM   504  C CB  . LEU A 1 66  ? -8.101  6.980   11.049  1.00 15.42 ? 66  LEU A CB  1 
ATOM   505  C CG  . LEU A 1 66  ? -8.083  5.461   10.890  1.00 15.48 ? 66  LEU A CG  1 
ATOM   506  C CD1 . LEU A 1 66  ? -9.441  4.884   11.301  1.00 15.54 ? 66  LEU A CD1 1 
ATOM   507  C CD2 . LEU A 1 66  ? -7.751  5.086   9.445   1.00 16.89 ? 66  LEU A CD2 1 
ATOM   508  N N   . GLY A 1 67  ? -6.899  9.887   9.759   1.00 16.18 ? 67  GLY A N   1 
ATOM   509  C CA  . GLY A 1 67  ? -7.171  11.319  9.603   1.00 16.91 ? 67  GLY A CA  1 
ATOM   510  C C   . GLY A 1 67  ? -6.064  12.240  10.084  1.00 17.68 ? 67  GLY A C   1 
ATOM   511  O O   . GLY A 1 67  ? -6.281  13.448  10.208  1.00 17.69 ? 67  GLY A O   1 
ATOM   512  N N   . GLN A 1 68  ? -4.890  11.672  10.377  1.00 17.75 ? 68  GLN A N   1 
ATOM   513  C CA  . GLN A 1 68  ? -3.728  12.445  10.800  1.00 17.98 ? 68  GLN A CA  1 
ATOM   514  C C   . GLN A 1 68  ? -2.562  12.255  9.830   1.00 18.19 ? 68  GLN A C   1 
ATOM   515  O O   . GLN A 1 68  ? -2.006  11.150  9.708   1.00 17.95 ? 68  GLN A O   1 
ATOM   516  C CB  . GLN A 1 68  ? -3.298  12.078  12.223  1.00 18.36 ? 68  GLN A CB  1 
ATOM   517  C CG  . GLN A 1 68  ? -2.057  12.837  12.687  1.00 19.52 ? 68  GLN A CG  1 
ATOM   518  C CD  . GLN A 1 68  ? -1.452  12.273  13.954  1.00 23.46 ? 68  GLN A CD  1 
ATOM   519  O OE1 . GLN A 1 68  ? -2.074  12.300  15.026  1.00 23.84 ? 68  GLN A OE1 1 
ATOM   520  N NE2 . GLN A 1 68  ? -0.226  11.772  13.846  1.00 24.25 ? 68  GLN A NE2 1 
ATOM   521  N N   . GLU A 1 69  ? -2.190  13.340  9.153   1.00 18.35 ? 69  GLU A N   1 
ATOM   522  C CA  . GLU A 1 69  ? -1.104  13.323  8.179   1.00 18.62 ? 69  GLU A CA  1 
ATOM   523  C C   . GLU A 1 69  ? 0.237   12.953  8.803   1.00 18.28 ? 69  GLU A C   1 
ATOM   524  O O   . GLU A 1 69  ? 0.542   13.362  9.921   1.00 17.69 ? 69  GLU A O   1 
ATOM   525  C CB  . GLU A 1 69  ? -0.998  14.677  7.483   1.00 19.24 ? 69  GLU A CB  1 
ATOM   526  C CG  . GLU A 1 69  ? -0.057  14.690  6.288   1.00 21.28 ? 69  GLU A CG  1 
ATOM   527  C CD  . GLU A 1 69  ? 0.022   16.060  5.646   1.00 24.33 ? 69  GLU A CD  1 
ATOM   528  O OE1 . GLU A 1 69  ? 0.609   16.968  6.254   1.00 26.56 ? 69  GLU A OE1 1 
ATOM   529  O OE2 . GLU A 1 69  ? -0.489  16.222  4.532   1.00 27.34 ? 69  GLU A OE2 1 
ATOM   530  N N   . PHE A 1 70  ? 1.039   12.185  8.064   1.00 17.35 ? 70  PHE A N   1 
ATOM   531  C CA  . PHE A 1 70  ? 2.349   11.760  8.539   1.00 17.33 ? 70  PHE A CA  1 
ATOM   532  C C   . PHE A 1 70  ? 3.324   11.656  7.371   1.00 17.60 ? 70  PHE A C   1 
ATOM   533  O O   . PHE A 1 70  ? 2.898   11.495  6.221   1.00 18.08 ? 70  PHE A O   1 
ATOM   534  C CB  . PHE A 1 70  ? 2.251   10.435  9.337   1.00 16.80 ? 70  PHE A CB  1 
ATOM   535  C CG  . PHE A 1 70  ? 1.797   9.235   8.515   1.00 16.10 ? 70  PHE A CG  1 
ATOM   536  C CD1 . PHE A 1 70  ? 0.456   9.052   8.189   1.00 16.32 ? 70  PHE A CD1 1 
ATOM   537  C CD2 . PHE A 1 70  ? 2.718   8.285   8.085   1.00 14.93 ? 70  PHE A CD2 1 
ATOM   538  C CE1 . PHE A 1 70  ? 0.041   7.937   7.424   1.00 16.07 ? 70  PHE A CE1 1 
ATOM   539  C CE2 . PHE A 1 70  ? 2.318   7.174   7.335   1.00 15.05 ? 70  PHE A CE2 1 
ATOM   540  C CZ  . PHE A 1 70  ? 0.975   7.001   7.008   1.00 13.86 ? 70  PHE A CZ  1 
ATOM   541  N N   . ASP A 1 71  ? 4.619   11.772  7.665   1.00 17.34 ? 71  ASP A N   1 
ATOM   542  C CA  . ASP A 1 71  ? 5.670   11.619  6.650   1.00 17.79 ? 71  ASP A CA  1 
ATOM   543  C C   . ASP A 1 71  ? 5.964   10.154  6.445   1.00 17.46 ? 71  ASP A C   1 
ATOM   544  O O   . ASP A 1 71  ? 6.163   9.415   7.421   1.00 17.44 ? 71  ASP A O   1 
ATOM   545  C CB  . ASP A 1 71  ? 6.970   12.297  7.090   1.00 17.94 ? 71  ASP A CB  1 
ATOM   546  C CG  . ASP A 1 71  ? 6.784   13.751  7.410   1.00 19.22 ? 71  ASP A CG  1 
ATOM   547  O OD1 . ASP A 1 71  ? 6.259   14.467  6.553   1.00 18.02 ? 71  ASP A OD1 1 
ATOM   548  O OD2 . ASP A 1 71  ? 7.136   14.265  8.498   1.00 22.04 ? 71  ASP A OD2 1 
ATOM   549  N N   . GLU A 1 72  ? 6.005   9.747   5.178   1.00 16.70 ? 72  GLU A N   1 
ATOM   550  C CA  . GLU A 1 72  ? 6.275   8.374   4.804   1.00 16.13 ? 72  GLU A CA  1 
ATOM   551  C C   . GLU A 1 72  ? 7.446   8.317   3.829   1.00 16.05 ? 72  GLU A C   1 
ATOM   552  O O   . GLU A 1 72  ? 7.545   9.132   2.909   1.00 16.06 ? 72  GLU A O   1 
ATOM   553  C CB  . GLU A 1 72  ? 5.011   7.736   4.187   1.00 16.48 ? 72  GLU A CB  1 
ATOM   554  C CG  . GLU A 1 72  ? 5.251   6.430   3.435   1.00 16.00 ? 72  GLU A CG  1 
ATOM   555  C CD  . GLU A 1 72  ? 3.980   5.694   3.032   1.00 15.87 ? 72  GLU A CD  1 
ATOM   556  O OE1 . GLU A 1 72  ? 2.882   6.318   2.984   1.00 12.55 ? 72  GLU A OE1 1 
ATOM   557  O OE2 . GLU A 1 72  ? 4.090   4.475   2.742   1.00 14.30 ? 72  GLU A OE2 1 
ATOM   558  N N   . VAL A 1 73  ? 8.349   7.366   4.060   1.00 15.72 ? 73  VAL A N   1 
ATOM   559  C CA  . VAL A 1 73  ? 9.352   6.983   3.068   1.00 15.14 ? 73  VAL A CA  1 
ATOM   560  C C   . VAL A 1 73  ? 8.815   5.718   2.406   1.00 14.88 ? 73  VAL A C   1 
ATOM   561  O O   . VAL A 1 73  ? 8.626   4.696   3.072   1.00 13.94 ? 73  VAL A O   1 
ATOM   562  C CB  . VAL A 1 73  ? 10.735  6.742   3.717   1.00 15.11 ? 73  VAL A CB  1 
ATOM   563  C CG1 . VAL A 1 73  ? 11.735  6.174   2.709   1.00 16.12 ? 73  VAL A CG1 1 
ATOM   564  C CG2 . VAL A 1 73  ? 11.286  8.060   4.330   1.00 15.70 ? 73  VAL A CG2 1 
ATOM   565  N N   . THR A 1 74  ? 8.540   5.796   1.104   1.00 14.40 ? 74  THR A N   1 
ATOM   566  C CA  . THR A 1 74  ? 7.919   4.675   0.396   1.00 14.49 ? 74  THR A CA  1 
ATOM   567  C C   . THR A 1 74  ? 8.973   3.630   0.046   1.00 14.92 ? 74  THR A C   1 
ATOM   568  O O   . THR A 1 74  ? 10.158  3.894   0.171   1.00 15.23 ? 74  THR A O   1 
ATOM   569  C CB  . THR A 1 74  ? 7.172   5.146   -0.881  1.00 13.70 ? 74  THR A CB  1 
ATOM   570  O OG1 . THR A 1 74  ? 8.084   5.796   -1.783  1.00 12.41 ? 74  THR A OG1 1 
ATOM   571  C CG2 . THR A 1 74  ? 6.126   6.225   -0.568  1.00 13.50 ? 74  THR A CG2 1 
ATOM   572  N N   . ALA A 1 75  ? 8.536   2.451   -0.392  1.00 16.02 ? 75  ALA A N   1 
ATOM   573  C CA  . ALA A 1 75  ? 9.450   1.410   -0.873  1.00 16.77 ? 75  ALA A CA  1 
ATOM   574  C C   . ALA A 1 75  ? 10.437  1.906   -1.944  1.00 17.21 ? 75  ALA A C   1 
ATOM   575  O O   . ALA A 1 75  ? 11.558  1.418   -2.012  1.00 17.64 ? 75  ALA A O   1 
ATOM   576  C CB  . ALA A 1 75  ? 8.673   0.226   -1.395  1.00 17.27 ? 75  ALA A CB  1 
ATOM   577  N N   . ASP A 1 76  ? 10.003  2.857   -2.774  1.00 17.49 ? 76  ASP A N   1 
ATOM   578  C CA  . ASP A 1 76  ? 10.831  3.430   -3.843  1.00 17.94 ? 76  ASP A CA  1 
ATOM   579  C C   . ASP A 1 76  ? 11.521  4.743   -3.450  1.00 18.72 ? 76  ASP A C   1 
ATOM   580  O O   . ASP A 1 76  ? 12.027  5.477   -4.317  1.00 19.07 ? 76  ASP A O   1 
ATOM   581  C CB  . ASP A 1 76  ? 10.017  3.617   -5.132  1.00 17.81 ? 76  ASP A CB  1 
ATOM   582  C CG  . ASP A 1 76  ? 8.820   4.553   -4.961  1.00 18.25 ? 76  ASP A CG  1 
ATOM   583  O OD1 . ASP A 1 76  ? 7.996   4.351   -4.028  1.00 16.50 ? 76  ASP A OD1 1 
ATOM   584  O OD2 . ASP A 1 76  ? 8.602   5.503   -5.746  1.00 17.36 ? 76  ASP A OD2 1 
ATOM   585  N N   . ASP A 1 77  ? 11.543  5.029   -2.148  1.00 19.34 ? 77  ASP A N   1 
ATOM   586  C CA  . ASP A 1 77  ? 12.342  6.119   -1.587  1.00 19.77 ? 77  ASP A CA  1 
ATOM   587  C C   . ASP A 1 77  ? 11.762  7.510   -1.830  1.00 19.49 ? 77  ASP A C   1 
ATOM   588  O O   . ASP A 1 77  ? 12.501  8.504   -1.795  1.00 19.77 ? 77  ASP A O   1 
ATOM   589  C CB  . ASP A 1 77  ? 13.783  6.069   -2.116  1.00 20.16 ? 77  ASP A CB  1 
ATOM   590  C CG  . ASP A 1 77  ? 14.543  4.868   -1.610  1.00 23.27 ? 77  ASP A CG  1 
ATOM   591  O OD1 . ASP A 1 77  ? 14.513  4.616   -0.382  1.00 28.57 ? 77  ASP A OD1 1 
ATOM   592  O OD2 . ASP A 1 77  ? 15.196  4.108   -2.359  1.00 26.41 ? 77  ASP A OD2 1 
ATOM   593  N N   . ARG A 1 78  ? 10.457  7.592   -2.083  1.00 18.62 ? 78  ARG A N   1 
ATOM   594  C CA  . ARG A 1 78  ? 9.811   8.901   -2.168  1.00 17.97 ? 78  ARG A CA  1 
ATOM   595  C C   . ARG A 1 78  ? 9.551   9.386   -0.741  1.00 18.20 ? 78  ARG A C   1 
ATOM   596  O O   . ARG A 1 78  ? 9.195   8.598   0.138   1.00 18.51 ? 78  ARG A O   1 
ATOM   597  C CB  . ARG A 1 78  ? 8.481   8.824   -2.921  1.00 17.64 ? 78  ARG A CB  1 
ATOM   598  C CG  . ARG A 1 78  ? 8.544   8.838   -4.426  1.00 17.14 ? 78  ARG A CG  1 
ATOM   599  C CD  . ARG A 1 78  ? 7.199   8.512   -5.076  1.00 16.91 ? 78  ARG A CD  1 
ATOM   600  N NE  . ARG A 1 78  ? 6.793   7.132   -4.778  1.00 14.26 ? 78  ARG A NE  1 
ATOM   601  C CZ  . ARG A 1 78  ? 5.598   6.730   -4.340  1.00 12.96 ? 78  ARG A CZ  1 
ATOM   602  N NH1 . ARG A 1 78  ? 4.594   7.582   -4.150  1.00 12.06 ? 78  ARG A NH1 1 
ATOM   603  N NH2 . ARG A 1 78  ? 5.409   5.436   -4.113  1.00 14.15 ? 78  ARG A NH2 1 
ATOM   604  N N   . LYS A 1 79  ? 9.715   10.677  -0.513  1.00 17.95 ? 79  LYS A N   1 
ATOM   605  C CA  . LYS A 1 79  ? 9.327   11.256  0.762   1.00 18.19 ? 79  LYS A CA  1 
ATOM   606  C C   . LYS A 1 79  ? 7.998   11.956  0.549   1.00 17.59 ? 79  LYS A C   1 
ATOM   607  O O   . LYS A 1 79  ? 7.902   12.982  -0.145  1.00 17.72 ? 79  LYS A O   1 
ATOM   608  C CB  . LYS A 1 79  ? 10.407  12.205  1.281   1.00 18.88 ? 79  LYS A CB  1 
ATOM   609  C CG  . LYS A 1 79  ? 11.708  11.477  1.594   1.00 21.58 ? 79  LYS A CG  1 
ATOM   610  C CD  . LYS A 1 79  ? 12.893  12.393  1.402   1.00 25.71 ? 79  LYS A CD  1 
ATOM   611  C CE  . LYS A 1 79  ? 14.121  11.850  2.117   1.00 28.67 ? 79  LYS A CE  1 
ATOM   612  N NZ  . LYS A 1 79  ? 15.158  12.930  2.182   1.00 31.31 ? 79  LYS A NZ  1 
ATOM   613  N N   . VAL A 1 80  ? 6.957   11.367  1.118   1.00 16.14 ? 80  VAL A N   1 
ATOM   614  C CA  . VAL A 1 80  ? 5.620   11.796  0.814   1.00 15.13 ? 80  VAL A CA  1 
ATOM   615  C C   . VAL A 1 80  ? 4.883   12.180  2.083   1.00 14.48 ? 80  VAL A C   1 
ATOM   616  O O   . VAL A 1 80  ? 5.253   11.762  3.189   1.00 13.31 ? 80  VAL A O   1 
ATOM   617  C CB  . VAL A 1 80  ? 4.818   10.667  0.089   1.00 15.54 ? 80  VAL A CB  1 
ATOM   618  C CG1 . VAL A 1 80  ? 5.530   10.213  -1.182  1.00 14.82 ? 80  VAL A CG1 1 
ATOM   619  C CG2 . VAL A 1 80  ? 4.574   9.481   1.030   1.00 14.47 ? 80  VAL A CG2 1 
ATOM   620  N N   . LYS A 1 81  ? 3.817   12.950  1.900   1.00 13.79 ? 81  LYS A N   1 
ATOM   621  C CA  . LYS A 1 81  ? 2.898   13.271  2.980   1.00 14.22 ? 81  LYS A CA  1 
ATOM   622  C C   . LYS A 1 81  ? 1.686   12.357  2.830   1.00 13.80 ? 81  LYS A C   1 
ATOM   623  O O   . LYS A 1 81  ? 0.974   12.418  1.822   1.00 13.55 ? 81  LYS A O   1 
ATOM   624  C CB  . LYS A 1 81  ? 2.475   14.740  2.894   1.00 14.75 ? 81  LYS A CB  1 
ATOM   625  C CG  . LYS A 1 81  ? 3.610   15.720  3.085   1.00 16.39 ? 81  LYS A CG  1 
ATOM   626  C CD  . LYS A 1 81  ? 4.069   15.761  4.539   1.00 17.69 ? 81  LYS A CD  1 
ATOM   627  C CE  . LYS A 1 81  ? 5.089   16.872  4.748   1.00 19.63 ? 81  LYS A CE  1 
ATOM   628  N NZ  . LYS A 1 81  ? 5.442   16.984  6.190   1.00 22.04 ? 81  LYS A NZ  1 
ATOM   629  N N   . SER A 1 82  ? 1.472   11.505  3.830   1.00 13.00 ? 82  SER A N   1 
ATOM   630  C CA  . SER A 1 82  ? 0.431   10.483  3.767   1.00 12.34 ? 82  SER A CA  1 
ATOM   631  C C   . SER A 1 82  ? -0.724  10.797  4.699   1.00 12.15 ? 82  SER A C   1 
ATOM   632  O O   . SER A 1 82  ? -0.515  11.251  5.817   1.00 11.23 ? 82  SER A O   1 
ATOM   633  C CB  . SER A 1 82  ? 0.996   9.105   4.109   1.00 11.78 ? 82  SER A CB  1 
ATOM   634  O OG  . SER A 1 82  ? 1.884   8.655   3.094   1.00 11.49 ? 82  SER A OG  1 
ATOM   635  N N   . THR A 1 83  ? -1.940  10.557  4.225   1.00 11.80 ? 83  THR A N   1 
ATOM   636  C CA  . THR A 1 83  ? -3.126  10.621  5.087   1.00 12.37 ? 83  THR A CA  1 
ATOM   637  C C   . THR A 1 83  ? -4.012  9.423   4.786   1.00 12.70 ? 83  THR A C   1 
ATOM   638  O O   . THR A 1 83  ? -4.317  9.129   3.615   1.00 11.94 ? 83  THR A O   1 
ATOM   639  C CB  . THR A 1 83  ? -3.894  11.933  4.865   1.00 12.19 ? 83  THR A CB  1 
ATOM   640  O OG1 . THR A 1 83  ? -2.992  13.030  5.028   1.00 12.44 ? 83  THR A OG1 1 
ATOM   641  C CG2 . THR A 1 83  ? -4.910  12.167  5.989   1.00 13.37 ? 83  THR A CG2 1 
ATOM   642  N N   . ILE A 1 84  ? -4.408  8.726   5.843   1.00 13.08 ? 84  ILE A N   1 
ATOM   643  C CA  . ILE A 1 84  ? -5.256  7.548   5.715   1.00 13.76 ? 84  ILE A CA  1 
ATOM   644  C C   . ILE A 1 84  ? -6.545  7.727   6.536   1.00 14.71 ? 84  ILE A C   1 
ATOM   645  O O   . ILE A 1 84  ? -6.503  8.144   7.689   1.00 13.90 ? 84  ILE A O   1 
ATOM   646  C CB  . ILE A 1 84  ? -4.471  6.283   6.162   1.00 13.53 ? 84  ILE A CB  1 
ATOM   647  C CG1 . ILE A 1 84  ? -3.121  6.199   5.411   1.00 12.63 ? 84  ILE A CG1 1 
ATOM   648  C CG2 . ILE A 1 84  ? -5.334  5.027   6.001   1.00 14.35 ? 84  ILE A CG2 1 
ATOM   649  C CD1 . ILE A 1 84  ? -2.231  5.025   5.799   1.00 12.86 ? 84  ILE A CD1 1 
ATOM   650  N N   . THR A 1 85  ? -7.678  7.420   5.914   1.00 15.96 ? 85  THR A N   1 
ATOM   651  C CA  . THR A 1 85  ? -8.984  7.460   6.564   1.00 17.57 ? 85  THR A CA  1 
ATOM   652  C C   . THR A 1 85  ? -9.719  6.149   6.303   1.00 18.56 ? 85  THR A C   1 
ATOM   653  O O   . THR A 1 85  ? -9.320  5.375   5.427   1.00 18.47 ? 85  THR A O   1 
ATOM   654  C CB  . THR A 1 85  ? -9.831  8.649   6.032   1.00 17.84 ? 85  THR A CB  1 
ATOM   655  O OG1 . THR A 1 85  ? -9.872  8.602   4.603   1.00 18.54 ? 85  THR A OG1 1 
ATOM   656  C CG2 . THR A 1 85  ? -9.168  9.984   6.338   1.00 17.84 ? 85  THR A CG2 1 
ATOM   657  N N   . LEU A 1 86  ? -10.783 5.904   7.063   1.00 20.27 ? 86  LEU A N   1 
ATOM   658  C CA  . LEU A 1 86  ? -11.644 4.731   6.864   1.00 22.30 ? 86  LEU A CA  1 
ATOM   659  C C   . LEU A 1 86  ? -13.015 5.195   6.359   1.00 23.72 ? 86  LEU A C   1 
ATOM   660  O O   . LEU A 1 86  ? -13.713 5.944   7.050   1.00 24.54 ? 86  LEU A O   1 
ATOM   661  C CB  . LEU A 1 86  ? -11.767 3.927   8.172   1.00 22.29 ? 86  LEU A CB  1 
ATOM   662  C CG  . LEU A 1 86  ? -12.319 2.496   8.119   1.00 22.54 ? 86  LEU A CG  1 
ATOM   663  C CD1 . LEU A 1 86  ? -11.426 1.583   7.300   1.00 21.66 ? 86  LEU A CD1 1 
ATOM   664  C CD2 . LEU A 1 86  ? -12.521 1.949   9.522   1.00 23.44 ? 86  LEU A CD2 1 
ATOM   665  N N   . ASP A 1 87  ? -13.385 4.743   5.160   1.00 24.51 ? 87  ASP A N   1 
ATOM   666  C CA  . ASP A 1 87  ? -14.504 5.291   4.382   1.00 25.64 ? 87  ASP A CA  1 
ATOM   667  C C   . ASP A 1 87  ? -15.369 4.123   3.903   1.00 25.11 ? 87  ASP A C   1 
ATOM   668  O O   . ASP A 1 87  ? -14.996 3.430   2.960   1.00 25.05 ? 87  ASP A O   1 
ATOM   669  C CB  . ASP A 1 87  ? -13.929 6.073   3.179   1.00 26.37 ? 87  ASP A CB  1 
ATOM   670  C CG  . ASP A 1 87  ? -14.984 6.850   2.386   1.00 29.37 ? 87  ASP A CG  1 
ATOM   671  O OD1 . ASP A 1 87  ? -14.583 7.591   1.458   1.00 33.57 ? 87  ASP A OD1 1 
ATOM   672  O OD2 . ASP A 1 87  ? -16.215 6.799   2.588   1.00 31.81 ? 87  ASP A OD2 1 
ATOM   673  N N   . GLY A 1 88  ? -16.490 3.881   4.586   1.00 24.77 ? 88  GLY A N   1 
ATOM   674  C CA  . GLY A 1 88  ? -17.386 2.760   4.267   1.00 24.20 ? 88  GLY A CA  1 
ATOM   675  C C   . GLY A 1 88  ? -16.696 1.400   4.311   1.00 23.81 ? 88  GLY A C   1 
ATOM   676  O O   . GLY A 1 88  ? -16.913 0.553   3.440   1.00 23.68 ? 88  GLY A O   1 
ATOM   677  N N   . GLY A 1 89  ? -15.855 1.202   5.324   1.00 23.04 ? 89  GLY A N   1 
ATOM   678  C CA  . GLY A 1 89  ? -15.064 -0.020  5.450   1.00 22.70 ? 89  GLY A CA  1 
ATOM   679  C C   . GLY A 1 89  ? -13.806 -0.070  4.586   1.00 22.27 ? 89  GLY A C   1 
ATOM   680  O O   . GLY A 1 89  ? -13.093 -1.076  4.592   1.00 22.68 ? 89  GLY A O   1 
ATOM   681  N N   . VAL A 1 90  ? -13.531 1.007   3.853   1.00 21.10 ? 90  VAL A N   1 
ATOM   682  C CA  . VAL A 1 90  ? -12.366 1.063   2.969   1.00 20.21 ? 90  VAL A CA  1 
ATOM   683  C C   . VAL A 1 90  ? -11.287 1.963   3.561   1.00 19.51 ? 90  VAL A C   1 
ATOM   684  O O   . VAL A 1 90  ? -11.561 3.112   3.927   1.00 19.07 ? 90  VAL A O   1 
ATOM   685  C CB  . VAL A 1 90  ? -12.742 1.541   1.555   1.00 20.53 ? 90  VAL A CB  1 
ATOM   686  C CG1 . VAL A 1 90  ? -11.504 1.611   0.636   1.00 20.26 ? 90  VAL A CG1 1 
ATOM   687  C CG2 . VAL A 1 90  ? -13.816 0.631   0.939   1.00 21.48 ? 90  VAL A CG2 1 
ATOM   688  N N   . LEU A 1 91  ? -10.076 1.414   3.684   1.00 18.51 ? 91  LEU A N   1 
ATOM   689  C CA  . LEU A 1 91  ? -8.896  2.179   4.100   1.00 17.99 ? 91  LEU A CA  1 
ATOM   690  C C   . LEU A 1 91  ? -8.343  2.944   2.900   1.00 17.20 ? 91  LEU A C   1 
ATOM   691  O O   . LEU A 1 91  ? -7.806  2.344   1.956   1.00 17.09 ? 91  LEU A O   1 
ATOM   692  C CB  . LEU A 1 91  ? -7.803  1.261   4.672   1.00 17.86 ? 91  LEU A CB  1 
ATOM   693  C CG  . LEU A 1 91  ? -7.739  0.913   6.164   1.00 18.84 ? 91  LEU A CG  1 
ATOM   694  C CD1 . LEU A 1 91  ? -6.504  0.058   6.441   1.00 18.53 ? 91  LEU A CD1 1 
ATOM   695  C CD2 . LEU A 1 91  ? -7.715  2.157   7.044   1.00 17.62 ? 91  LEU A CD2 1 
ATOM   696  N N   . VAL A 1 92  ? -8.496  4.265   2.931   1.00 16.65 ? 92  VAL A N   1 
ATOM   697  C CA  . VAL A 1 92  ? -8.117  5.119   1.804   1.00 16.11 ? 92  VAL A CA  1 
ATOM   698  C C   . VAL A 1 92  ? -6.829  5.833   2.169   1.00 15.86 ? 92  VAL A C   1 
ATOM   699  O O   . VAL A 1 92  ? -6.790  6.600   3.129   1.00 16.27 ? 92  VAL A O   1 
ATOM   700  C CB  . VAL A 1 92  ? -9.235  6.134   1.465   1.00 16.12 ? 92  VAL A CB  1 
ATOM   701  C CG1 . VAL A 1 92  ? -8.795  7.070   0.322   1.00 16.36 ? 92  VAL A CG1 1 
ATOM   702  C CG2 . VAL A 1 92  ? -10.570 5.398   1.113   1.00 16.66 ? 92  VAL A CG2 1 
ATOM   703  N N   . HIS A 1 93  ? -5.779  5.584   1.393   1.00 15.96 ? 93  HIS A N   1 
ATOM   704  C CA  . HIS A 1 93  ? -4.449  6.106   1.692   1.00 15.34 ? 93  HIS A CA  1 
ATOM   705  C C   . HIS A 1 93  ? -3.981  6.978   0.538   1.00 15.60 ? 93  HIS A C   1 
ATOM   706  O O   . HIS A 1 93  ? -3.854  6.506   -0.592  1.00 16.20 ? 93  HIS A O   1 
ATOM   707  C CB  . HIS A 1 93  ? -3.502  4.931   1.945   1.00 15.12 ? 93  HIS A CB  1 
ATOM   708  C CG  . HIS A 1 93  ? -2.067  5.311   2.192   1.00 14.18 ? 93  HIS A CG  1 
ATOM   709  N ND1 . HIS A 1 93  ? -1.071  4.363   2.298   1.00 11.86 ? 93  HIS A ND1 1 
ATOM   710  C CD2 . HIS A 1 93  ? -1.459  6.516   2.348   1.00 12.61 ? 93  HIS A CD2 1 
ATOM   711  C CE1 . HIS A 1 93  ? 0.085   4.962   2.517   1.00 11.92 ? 93  HIS A CE1 1 
ATOM   712  N NE2 . HIS A 1 93  ? -0.120  6.267   2.548   1.00 10.66 ? 93  HIS A NE2 1 
ATOM   713  N N   . VAL A 1 94  ? -3.752  8.257   0.825   1.00 15.15 ? 94  VAL A N   1 
ATOM   714  C CA  . VAL A 1 94  ? -3.280  9.212   -0.183  1.00 14.83 ? 94  VAL A CA  1 
ATOM   715  C C   . VAL A 1 94  ? -1.874  9.669   0.156   1.00 14.43 ? 94  VAL A C   1 
ATOM   716  O O   . VAL A 1 94  ? -1.591  10.050  1.303   1.00 13.63 ? 94  VAL A O   1 
ATOM   717  C CB  . VAL A 1 94  ? -4.230  10.447  -0.322  1.00 14.89 ? 94  VAL A CB  1 
ATOM   718  C CG1 . VAL A 1 94  ? -3.808  11.345  -1.483  1.00 13.79 ? 94  VAL A CG1 1 
ATOM   719  C CG2 . VAL A 1 94  ? -5.617  9.973   -0.572  1.00 16.75 ? 94  VAL A CG2 1 
ATOM   720  N N   . GLN A 1 95  ? -1.003  9.607   -0.847  1.00 13.81 ? 95  GLN A N   1 
ATOM   721  C CA  . GLN A 1 95  ? 0.361   10.088  -0.720  1.00 14.46 ? 95  GLN A CA  1 
ATOM   722  C C   . GLN A 1 95  ? 0.513   11.295  -1.607  1.00 14.64 ? 95  GLN A C   1 
ATOM   723  O O   . GLN A 1 95  ? 0.142   11.254  -2.776  1.00 14.23 ? 95  GLN A O   1 
ATOM   724  C CB  . GLN A 1 95  ? 1.368   8.998   -1.124  1.00 14.49 ? 95  GLN A CB  1 
ATOM   725  C CG  . GLN A 1 95  ? 1.337   7.747   -0.230  1.00 13.99 ? 95  GLN A CG  1 
ATOM   726  C CD  . GLN A 1 95  ? 2.141   6.596   -0.811  1.00 13.72 ? 95  GLN A CD  1 
ATOM   727  O OE1 . GLN A 1 95  ? 2.304   6.511   -2.018  1.00 12.31 ? 95  GLN A OE1 1 
ATOM   728  N NE2 . GLN A 1 95  ? 2.643   5.717   0.046   1.00 12.11 ? 95  GLN A NE2 1 
ATOM   729  N N   . LYS A 1 96  ? 1.045   12.377  -1.040  1.00 15.31 ? 96  LYS A N   1 
ATOM   730  C CA  . LYS A 1 96  ? 1.254   13.614  -1.788  1.00 16.18 ? 96  LYS A CA  1 
ATOM   731  C C   . LYS A 1 96  ? 2.724   14.020  -1.757  1.00 16.01 ? 96  LYS A C   1 
ATOM   732  O O   . LYS A 1 96  ? 3.351   14.020  -0.698  1.00 15.98 ? 96  LYS A O   1 
ATOM   733  C CB  . LYS A 1 96  ? 0.374   14.738  -1.232  1.00 16.02 ? 96  LYS A CB  1 
ATOM   734  C CG  . LYS A 1 96  ? -1.114  14.508  -1.439  1.00 18.37 ? 96  LYS A CG  1 
ATOM   735  C CD  . LYS A 1 96  ? -1.943  15.624  -0.832  1.00 21.89 ? 96  LYS A CD  1 
ATOM   736  C CE  . LYS A 1 96  ? -3.411  15.249  -0.832  1.00 23.68 ? 96  LYS A CE  1 
ATOM   737  N NZ  . LYS A 1 96  ? -4.185  16.199  -0.003  1.00 25.84 ? 96  LYS A NZ  1 
ATOM   738  N N   . TRP A 1 97  ? 3.264   14.356  -2.925  1.00 15.87 ? 97  TRP A N   1 
ATOM   739  C CA  . TRP A 1 97  ? 4.668   14.760  -3.050  1.00 16.07 ? 97  TRP A CA  1 
ATOM   740  C C   . TRP A 1 97  ? 4.866   15.478  -4.377  1.00 16.83 ? 97  TRP A C   1 
ATOM   741  O O   . TRP A 1 97  ? 4.407   15.005  -5.425  1.00 16.12 ? 97  TRP A O   1 
ATOM   742  C CB  . TRP A 1 97  ? 5.620   13.554  -2.920  1.00 15.32 ? 97  TRP A CB  1 
ATOM   743  C CG  . TRP A 1 97  ? 5.792   12.744  -4.188  1.00 15.62 ? 97  TRP A CG  1 
ATOM   744  C CD1 . TRP A 1 97  ? 6.919   12.668  -4.967  1.00 15.49 ? 97  TRP A CD1 1 
ATOM   745  C CD2 . TRP A 1 97  ? 4.804   11.923  -4.838  1.00 14.27 ? 97  TRP A CD2 1 
ATOM   746  N NE1 . TRP A 1 97  ? 6.696   11.843  -6.046  1.00 13.97 ? 97  TRP A NE1 1 
ATOM   747  C CE2 . TRP A 1 97  ? 5.409   11.374  -5.994  1.00 14.50 ? 97  TRP A CE2 1 
ATOM   748  C CE3 . TRP A 1 97  ? 3.475   11.577  -4.548  1.00 14.95 ? 97  TRP A CE3 1 
ATOM   749  C CZ2 . TRP A 1 97  ? 4.730   10.516  -6.867  1.00 13.22 ? 97  TRP A CZ2 1 
ATOM   750  C CZ3 . TRP A 1 97  ? 2.799   10.734  -5.415  1.00 14.65 ? 97  TRP A CZ3 1 
ATOM   751  C CH2 . TRP A 1 97  ? 3.425   10.220  -6.568  1.00 15.35 ? 97  TRP A CH2 1 
ATOM   752  N N   . ASP A 1 98  ? 5.536   16.632  -4.323  1.00 17.78 ? 98  ASP A N   1 
ATOM   753  C CA  . ASP A 1 98  ? 5.864   17.410  -5.531  1.00 18.30 ? 98  ASP A CA  1 
ATOM   754  C C   . ASP A 1 98  ? 4.641   17.769  -6.361  1.00 18.40 ? 98  ASP A C   1 
ATOM   755  O O   . ASP A 1 98  ? 4.676   17.706  -7.592  1.00 18.84 ? 98  ASP A O   1 
ATOM   756  C CB  . ASP A 1 98  ? 6.881   16.652  -6.396  1.00 18.33 ? 98  ASP A CB  1 
ATOM   757  C CG  . ASP A 1 98  ? 8.271   16.626  -5.778  1.00 19.46 ? 98  ASP A CG  1 
ATOM   758  O OD1 . ASP A 1 98  ? 8.595   17.543  -4.992  1.00 21.53 ? 98  ASP A OD1 1 
ATOM   759  O OD2 . ASP A 1 98  ? 9.106   15.735  -6.026  1.00 19.11 ? 98  ASP A OD2 1 
ATOM   760  N N   . GLY A 1 99  ? 3.560   18.134  -5.687  1.00 18.53 ? 99  GLY A N   1 
ATOM   761  C CA  . GLY A 1 99  ? 2.337   18.544  -6.371  1.00 18.93 ? 99  GLY A CA  1 
ATOM   762  C C   . GLY A 1 99  ? 1.650   17.371  -7.053  1.00 18.83 ? 99  GLY A C   1 
ATOM   763  O O   . GLY A 1 99  ? 0.662   17.553  -7.753  1.00 19.79 ? 99  GLY A O   1 
ATOM   764  N N   . LYS A 1 100 ? 2.194   16.172  -6.863  1.00 17.78 ? 100 LYS A N   1 
ATOM   765  C CA  . LYS A 1 100 ? 1.584   14.949  -7.369  1.00 17.39 ? 100 LYS A CA  1 
ATOM   766  C C   . LYS A 1 100 ? 0.865   14.221  -6.234  1.00 16.64 ? 100 LYS A C   1 
ATOM   767  O O   . LYS A 1 100 ? 1.133   14.453  -5.046  1.00 15.72 ? 100 LYS A O   1 
ATOM   768  C CB  . LYS A 1 100 ? 2.649   14.036  -7.977  1.00 17.28 ? 100 LYS A CB  1 
ATOM   769  C CG  . LYS A 1 100 ? 3.406   14.644  -9.140  1.00 17.55 ? 100 LYS A CG  1 
ATOM   770  C CD  . LYS A 1 100 ? 4.368   13.641  -9.769  1.00 19.16 ? 100 LYS A CD  1 
ATOM   771  C CE  . LYS A 1 100 ? 5.690   13.555  -9.024  1.00 20.65 ? 100 LYS A CE  1 
ATOM   772  N NZ  . LYS A 1 100 ? 6.771   13.008  -9.896  1.00 22.05 ? 100 LYS A NZ  1 
ATOM   773  N N   . SER A 1 101 ? -0.034  13.324  -6.620  1.00 16.08 ? 101 SER A N   1 
ATOM   774  C CA  . SER A 1 101 ? -0.824  12.556  -5.685  1.00 15.93 ? 101 SER A CA  1 
ATOM   775  C C   . SER A 1 101 ? -1.056  11.133  -6.212  1.00 15.28 ? 101 SER A C   1 
ATOM   776  O O   . SER A 1 101 ? -1.265  10.934  -7.412  1.00 14.47 ? 101 SER A O   1 
ATOM   777  C CB  . SER A 1 101 ? -2.163  13.263  -5.478  1.00 16.21 ? 101 SER A CB  1 
ATOM   778  O OG  . SER A 1 101 ? -3.141  12.359  -5.026  1.00 19.42 ? 101 SER A OG  1 
ATOM   779  N N   . THR A 1 102 ? -1.017  10.160  -5.304  1.00 14.11 ? 102 THR A N   1 
ATOM   780  C CA  . THR A 1 102 ? -1.423  8.791   -5.610  1.00 13.51 ? 102 THR A CA  1 
ATOM   781  C C   . THR A 1 102 ? -2.299  8.219   -4.482  1.00 13.38 ? 102 THR A C   1 
ATOM   782  O O   . THR A 1 102 ? -2.170  8.606   -3.310  1.00 11.98 ? 102 THR A O   1 
ATOM   783  C CB  . THR A 1 102 ? -0.189  7.892   -5.929  1.00 13.19 ? 102 THR A CB  1 
ATOM   784  O OG1 . THR A 1 102 ? -0.618  6.559   -6.257  1.00 13.38 ? 102 THR A OG1 1 
ATOM   785  C CG2 . THR A 1 102 ? 0.721   7.724   -4.698  1.00 13.48 ? 102 THR A CG2 1 
ATOM   786  N N   . THR A 1 103 ? -3.209  7.318   -4.842  1.00 13.58 ? 103 THR A N   1 
ATOM   787  C CA  . THR A 1 103 ? -4.129  6.758   -3.854  1.00 14.09 ? 103 THR A CA  1 
ATOM   788  C C   . THR A 1 103 ? -4.048  5.233   -3.796  1.00 14.46 ? 103 THR A C   1 
ATOM   789  O O   . THR A 1 103 ? -4.066  4.560   -4.828  1.00 14.61 ? 103 THR A O   1 
ATOM   790  C CB  . THR A 1 103 ? -5.575  7.288   -4.102  1.00 14.77 ? 103 THR A CB  1 
ATOM   791  O OG1 . THR A 1 103 ? -5.582  8.708   -3.902  1.00 14.36 ? 103 THR A OG1 1 
ATOM   792  C CG2 . THR A 1 103 ? -6.548  6.829   -3.020  1.00 14.51 ? 103 THR A CG2 1 
ATOM   793  N N   . ILE A 1 104 ? -3.920  4.704   -2.578  1.00 14.80 ? 104 ILE A N   1 
ATOM   794  C CA  . ILE A 1 104 ? -3.961  3.265   -2.329  1.00 15.06 ? 104 ILE A CA  1 
ATOM   795  C C   . ILE A 1 104 ? -5.197  2.940   -1.485  1.00 15.52 ? 104 ILE A C   1 
ATOM   796  O O   . ILE A 1 104 ? -5.341  3.428   -0.362  1.00 15.53 ? 104 ILE A O   1 
ATOM   797  C CB  . ILE A 1 104 ? -2.669  2.802   -1.626  1.00 14.90 ? 104 ILE A CB  1 
ATOM   798  C CG1 . ILE A 1 104 ? -1.439  3.219   -2.442  1.00 14.84 ? 104 ILE A CG1 1 
ATOM   799  C CG2 . ILE A 1 104 ? -2.689  1.293   -1.357  1.00 13.64 ? 104 ILE A CG2 1 
ATOM   800  C CD1 . ILE A 1 104 ? -0.098  2.900   -1.777  1.00 16.25 ? 104 ILE A CD1 1 
ATOM   801  N N   . LYS A 1 105 ? -6.111  2.154   -2.046  1.00 16.18 ? 105 LYS A N   1 
ATOM   802  C CA  . LYS A 1 105 ? -7.295  1.708   -1.311  1.00 17.04 ? 105 LYS A CA  1 
ATOM   803  C C   . LYS A 1 105 ? -7.142  0.255   -0.929  1.00 17.47 ? 105 LYS A C   1 
ATOM   804  O O   . LYS A 1 105 ? -6.844  -0.593  -1.773  1.00 17.35 ? 105 LYS A O   1 
ATOM   805  C CB  . LYS A 1 105 ? -8.572  1.872   -2.130  1.00 17.15 ? 105 LYS A CB  1 
ATOM   806  C CG  . LYS A 1 105 ? -8.923  3.311   -2.461  1.00 19.46 ? 105 LYS A CG  1 
ATOM   807  C CD  . LYS A 1 105 ? -10.303 3.369   -3.090  1.00 23.88 ? 105 LYS A CD  1 
ATOM   808  C CE  . LYS A 1 105 ? -10.467 4.598   -3.961  1.00 27.31 ? 105 LYS A CE  1 
ATOM   809  N NZ  . LYS A 1 105 ? -11.149 5.712   -3.271  1.00 30.58 ? 105 LYS A NZ  1 
ATOM   810  N N   . ARG A 1 106 ? -7.338  -0.030  0.351   1.00 17.99 ? 106 ARG A N   1 
ATOM   811  C CA  . ARG A 1 106 ? -7.297  -1.398  0.825   1.00 19.05 ? 106 ARG A CA  1 
ATOM   812  C C   . ARG A 1 106 ? -8.690  -1.754  1.330   1.00 19.85 ? 106 ARG A C   1 
ATOM   813  O O   . ARG A 1 106 ? -9.276  -1.020  2.144   1.00 19.06 ? 106 ARG A O   1 
ATOM   814  C CB  . ARG A 1 106 ? -6.221  -1.562  1.904   1.00 19.22 ? 106 ARG A CB  1 
ATOM   815  C CG  . ARG A 1 106 ? -4.782  -1.161  1.460   1.00 18.37 ? 106 ARG A CG  1 
ATOM   816  C CD  . ARG A 1 106 ? -3.756  -1.190  2.596   1.00 20.22 ? 106 ARG A CD  1 
ATOM   817  N NE  . ARG A 1 106 ? -2.375  -0.889  2.186   1.00 21.62 ? 106 ARG A NE  1 
ATOM   818  C CZ  . ARG A 1 106 ? -1.852  0.331   2.128   1.00 23.37 ? 106 ARG A CZ  1 
ATOM   819  N NH1 . ARG A 1 106 ? -2.584  1.389   2.431   1.00 23.21 ? 106 ARG A NH1 1 
ATOM   820  N NH2 . ARG A 1 106 ? -0.583  0.507   1.759   1.00 24.13 ? 106 ARG A NH2 1 
ATOM   821  N N   . LYS A 1 107 ? -9.241  -2.845  0.804   1.00 20.96 ? 107 LYS A N   1 
ATOM   822  C CA  . LYS A 1 107 ? -10.586 -3.277  1.176   1.00 22.66 ? 107 LYS A CA  1 
ATOM   823  C C   . LYS A 1 107 ? -10.687 -4.782  1.397   1.00 23.02 ? 107 LYS A C   1 
ATOM   824  O O   . LYS A 1 107 ? -9.907  -5.561  0.842   1.00 23.28 ? 107 LYS A O   1 
ATOM   825  C CB  . LYS A 1 107 ? -11.624 -2.788  0.154   1.00 22.35 ? 107 LYS A CB  1 
ATOM   826  C CG  . LYS A 1 107 ? -11.642 -3.529  -1.179  1.00 24.09 ? 107 LYS A CG  1 
ATOM   827  C CD  . LYS A 1 107 ? -12.335 -2.717  -2.266  1.00 25.15 ? 107 LYS A CD  1 
ATOM   828  C CE  . LYS A 1 107 ? -11.380 -1.694  -2.905  1.00 30.46 ? 107 LYS A CE  1 
ATOM   829  N NZ  . LYS A 1 107 ? -12.104 -0.672  -3.742  1.00 32.77 ? 107 LYS A NZ  1 
ATOM   830  N N   . ARG A 1 108 ? -11.633 -5.171  2.241   1.00 23.78 ? 108 ARG A N   1 
ATOM   831  C CA  . ARG A 1 108 ? -11.919 -6.572  2.506   1.00 25.08 ? 108 ARG A CA  1 
ATOM   832  C C   . ARG A 1 108 ? -13.006 -7.023  1.557   1.00 25.42 ? 108 ARG A C   1 
ATOM   833  O O   . ARG A 1 108 ? -14.047 -6.371  1.441   1.00 25.60 ? 108 ARG A O   1 
ATOM   834  C CB  . ARG A 1 108 ? -12.383 -6.770  3.957   1.00 25.11 ? 108 ARG A CB  1 
ATOM   835  C CG  . ARG A 1 108 ? -11.314 -6.587  5.034   1.00 26.60 ? 108 ARG A CG  1 
ATOM   836  C CD  . ARG A 1 108 ? -10.084 -7.512  4.929   1.00 28.02 ? 108 ARG A CD  1 
ATOM   837  N NE  . ARG A 1 108 ? -10.349 -8.699  4.120   1.00 31.60 ? 108 ARG A NE  1 
ATOM   838  C CZ  . ARG A 1 108 ? -10.951 -9.805  4.546   1.00 28.63 ? 108 ARG A CZ  1 
ATOM   839  N NH1 . ARG A 1 108 ? -11.369 -9.923  5.796   1.00 28.20 ? 108 ARG A NH1 1 
ATOM   840  N NH2 . ARG A 1 108 ? -11.137 -10.795 3.698   1.00 29.41 ? 108 ARG A NH2 1 
ATOM   841  N N   . GLU A 1 109 ? -12.755 -8.127  0.862   1.00 26.16 ? 109 GLU A N   1 
ATOM   842  C CA  . GLU A 1 109 ? -13.701 -8.683  -0.096  1.00 27.07 ? 109 GLU A CA  1 
ATOM   843  C C   . GLU A 1 109 ? -13.645 -10.195 0.026   1.00 27.42 ? 109 GLU A C   1 
ATOM   844  O O   . GLU A 1 109 ? -12.662 -10.812 -0.373  1.00 27.10 ? 109 GLU A O   1 
ATOM   845  C CB  . GLU A 1 109 ? -13.357 -8.253  -1.528  1.00 26.98 ? 109 GLU A CB  1 
ATOM   846  C CG  . GLU A 1 109 ? -14.292 -8.819  -2.600  1.00 27.75 ? 109 GLU A CG  1 
ATOM   847  C CD  . GLU A 1 109 ? -13.847 -8.513  -4.029  1.00 28.58 ? 109 GLU A CD  1 
ATOM   848  O OE1 . GLU A 1 109 ? -13.401 -7.378  -4.300  1.00 30.12 ? 109 GLU A OE1 1 
ATOM   849  O OE2 . GLU A 1 109 ? -13.961 -9.411  -4.898  1.00 31.14 ? 109 GLU A OE2 1 
ATOM   850  N N   . ASP A 1 110 ? -14.713 -10.783 0.568   1.00 28.04 ? 110 ASP A N   1 
ATOM   851  C CA  . ASP A 1 110 ? -14.742 -12.201 0.879   1.00 28.71 ? 110 ASP A CA  1 
ATOM   852  C C   . ASP A 1 110 ? -13.627 -12.477 1.882   1.00 28.41 ? 110 ASP A C   1 
ATOM   853  O O   . ASP A 1 110 ? -13.593 -11.863 2.954   1.00 28.45 ? 110 ASP A O   1 
ATOM   854  C CB  . ASP A 1 110 ? -14.612 -13.055 -0.392  1.00 29.16 ? 110 ASP A CB  1 
ATOM   855  C CG  . ASP A 1 110 ? -15.733 -12.793 -1.390  1.00 30.95 ? 110 ASP A CG  1 
ATOM   856  O OD1 . ASP A 1 110 ? -16.909 -12.763 -0.977  1.00 32.02 ? 110 ASP A OD1 1 
ATOM   857  O OD2 . ASP A 1 110 ? -15.536 -12.606 -2.611  1.00 34.34 ? 110 ASP A OD2 1 
ATOM   858  N N   . ASP A 1 111 ? -12.711 -13.375 1.548   1.00 28.49 ? 111 ASP A N   1 
ATOM   859  C CA  . ASP A 1 111 ? -11.560 -13.585 2.424   1.00 28.53 ? 111 ASP A CA  1 
ATOM   860  C C   . ASP A 1 111 ? -10.278 -13.014 1.795   1.00 27.96 ? 111 ASP A C   1 
ATOM   861  O O   . ASP A 1 111 ? -9.158  -13.396 2.157   1.00 27.89 ? 111 ASP A O   1 
ATOM   862  C CB  . ASP A 1 111 ? -11.423 -15.057 2.846   1.00 29.18 ? 111 ASP A CB  1 
ATOM   863  C CG  . ASP A 1 111 ? -11.389 -16.003 1.674   1.00 30.19 ? 111 ASP A CG  1 
ATOM   864  O OD1 . ASP A 1 111 ? -11.180 -15.530 0.541   1.00 31.35 ? 111 ASP A OD1 1 
ATOM   865  O OD2 . ASP A 1 111 ? -11.564 -17.235 1.790   1.00 31.27 ? 111 ASP A OD2 1 
ATOM   866  N N   . LYS A 1 112 ? -10.464 -12.089 0.850   1.00 26.65 ? 112 LYS A N   1 
ATOM   867  C CA  . LYS A 1 112 ? -9.347  -11.372 0.228   1.00 25.60 ? 112 LYS A CA  1 
ATOM   868  C C   . LYS A 1 112 ? -9.141  -9.996  0.852   1.00 24.26 ? 112 LYS A C   1 
ATOM   869  O O   . LYS A 1 112 ? -10.087 -9.355  1.341   1.00 24.29 ? 112 LYS A O   1 
ATOM   870  C CB  . LYS A 1 112 ? -9.589  -11.154 -1.263  1.00 25.68 ? 112 LYS A CB  1 
ATOM   871  C CG  . LYS A 1 112 ? -9.960  -12.362 -2.088  1.00 27.71 ? 112 LYS A CG  1 
ATOM   872  C CD  . LYS A 1 112 ? -10.324 -11.902 -3.498  1.00 29.64 ? 112 LYS A CD  1 
ATOM   873  C CE  . LYS A 1 112 ? -10.557 -13.063 -4.444  1.00 32.23 ? 112 LYS A CE  1 
ATOM   874  N NZ  . LYS A 1 112 ? -10.589 -12.562 -5.846  1.00 33.10 ? 112 LYS A NZ  1 
ATOM   875  N N   . LEU A 1 113 ? -7.899  -9.535  0.817   1.00 22.25 ? 113 LEU A N   1 
ATOM   876  C CA  . LEU A 1 113 ? -7.613  -8.132  1.043   1.00 20.75 ? 113 LEU A CA  1 
ATOM   877  C C   . LEU A 1 113 ? -7.200  -7.542  -0.311  1.00 19.29 ? 113 LEU A C   1 
ATOM   878  O O   . LEU A 1 113 ? -6.198  -7.958  -0.907  1.00 18.80 ? 113 LEU A O   1 
ATOM   879  C CB  . LEU A 1 113 ? -6.546  -7.954  2.129   1.00 20.89 ? 113 LEU A CB  1 
ATOM   880  C CG  . LEU A 1 113 ? -6.252  -6.549  2.676   1.00 21.50 ? 113 LEU A CG  1 
ATOM   881  C CD1 . LEU A 1 113 ? -7.494  -5.694  2.786   1.00 24.41 ? 113 LEU A CD1 1 
ATOM   882  C CD2 . LEU A 1 113 ? -5.570  -6.639  4.033   1.00 21.37 ? 113 LEU A CD2 1 
ATOM   883  N N   . VAL A 1 114 ? -7.998  -6.603  -0.809  1.00 17.76 ? 114 VAL A N   1 
ATOM   884  C CA  . VAL A 1 114 ? -7.796  -6.086  -2.162  1.00 16.87 ? 114 VAL A CA  1 
ATOM   885  C C   . VAL A 1 114 ? -7.192  -4.697  -2.096  1.00 16.15 ? 114 VAL A C   1 
ATOM   886  O O   . VAL A 1 114 ? -7.713  -3.812  -1.403  1.00 15.02 ? 114 VAL A O   1 
ATOM   887  C CB  . VAL A 1 114 ? -9.100  -6.116  -3.011  1.00 16.86 ? 114 VAL A CB  1 
ATOM   888  C CG1 . VAL A 1 114 ? -8.869  -5.572  -4.442  1.00 16.90 ? 114 VAL A CG1 1 
ATOM   889  C CG2 . VAL A 1 114 ? -9.658  -7.539  -3.062  1.00 17.14 ? 114 VAL A CG2 1 
ATOM   890  N N   . VAL A 1 115 ? -6.089  -4.532  -2.825  1.00 15.59 ? 115 VAL A N   1 
ATOM   891  C CA  . VAL A 1 115 ? -5.332  -3.285  -2.825  1.00 15.02 ? 115 VAL A CA  1 
ATOM   892  C C   . VAL A 1 115 ? -5.359  -2.647  -4.210  1.00 15.34 ? 115 VAL A C   1 
ATOM   893  O O   . VAL A 1 115 ? -4.850  -3.214  -5.186  1.00 15.20 ? 115 VAL A O   1 
ATOM   894  C CB  . VAL A 1 115 ? -3.876  -3.502  -2.344  1.00 15.12 ? 115 VAL A CB  1 
ATOM   895  C CG1 . VAL A 1 115 ? -3.124  -2.161  -2.237  1.00 14.50 ? 115 VAL A CG1 1 
ATOM   896  C CG2 . VAL A 1 115 ? -3.845  -4.237  -1.004  1.00 14.89 ? 115 VAL A CG2 1 
ATOM   897  N N   . GLU A 1 116 ? -5.960  -1.466  -4.295  1.00 15.44 ? 116 GLU A N   1 
ATOM   898  C CA  . GLU A 1 116 ? -6.055  -0.751  -5.557  1.00 15.37 ? 116 GLU A CA  1 
ATOM   899  C C   . GLU A 1 116 ? -5.135  0.453   -5.518  1.00 15.34 ? 116 GLU A C   1 
ATOM   900  O O   . GLU A 1 116 ? -5.283  1.319   -4.649  1.00 15.27 ? 116 GLU A O   1 
ATOM   901  C CB  . GLU A 1 116 ? -7.493  -0.303  -5.806  1.00 15.83 ? 116 GLU A CB  1 
ATOM   902  C CG  . GLU A 1 116 ? -7.675  0.419   -7.133  1.00 17.31 ? 116 GLU A CG  1 
ATOM   903  C CD  . GLU A 1 116 ? -8.944  1.237   -7.193  1.00 20.15 ? 116 GLU A CD  1 
ATOM   904  O OE1 . GLU A 1 116 ? -9.022  2.283   -6.520  1.00 19.71 ? 116 GLU A OE1 1 
ATOM   905  O OE2 . GLU A 1 116 ? -9.864  0.836   -7.936  1.00 24.06 ? 116 GLU A OE2 1 
ATOM   906  N N   . CYS A 1 117 ? -4.187  0.508   -6.457  1.00 14.86 ? 117 CYS A N   1 
ATOM   907  C CA  . CYS A 1 117 ? -3.225  1.612   -6.519  1.00 14.08 ? 117 CYS A CA  1 
ATOM   908  C C   . CYS A 1 117 ? -3.468  2.449   -7.767  1.00 13.81 ? 117 CYS A C   1 
ATOM   909  O O   . CYS A 1 117 ? -3.441  1.919   -8.879  1.00 13.37 ? 117 CYS A O   1 
ATOM   910  C CB  . CYS A 1 117 ? -1.786  1.072   -6.527  1.00 14.53 ? 117 CYS A CB  1 
ATOM   911  S SG  . CYS A 1 117 ? -1.357  -0.004  -5.132  1.00 14.39 ? 117 CYS A SG  1 
ATOM   912  N N   . VAL A 1 118 ? -3.706  3.749   -7.579  1.00 13.56 ? 118 VAL A N   1 
ATOM   913  C CA  . VAL A 1 118 ? -4.057  4.642   -8.687  1.00 13.60 ? 118 VAL A CA  1 
ATOM   914  C C   . VAL A 1 118 ? -3.024  5.764   -8.845  1.00 13.60 ? 118 VAL A C   1 
ATOM   915  O O   . VAL A 1 118 ? -2.717  6.473   -7.880  1.00 12.93 ? 118 VAL A O   1 
ATOM   916  C CB  . VAL A 1 118 ? -5.475  5.266   -8.495  1.00 14.04 ? 118 VAL A CB  1 
ATOM   917  C CG1 . VAL A 1 118 ? -5.755  6.349   -9.552  1.00 14.02 ? 118 VAL A CG1 1 
ATOM   918  C CG2 . VAL A 1 118 ? -6.581  4.182   -8.518  1.00 14.29 ? 118 VAL A CG2 1 
ATOM   919  N N   . MET A 1 119 ? -2.494  5.914   -10.060 1.00 13.81 ? 119 MET A N   1 
ATOM   920  C CA  . MET A 1 119 ? -1.626  7.044   -10.408 1.00 14.56 ? 119 MET A CA  1 
ATOM   921  C C   . MET A 1 119 ? -2.009  7.546   -11.791 1.00 15.35 ? 119 MET A C   1 
ATOM   922  O O   . MET A 1 119 ? -1.847  6.823   -12.784 1.00 15.01 ? 119 MET A O   1 
ATOM   923  C CB  . MET A 1 119 ? -0.145  6.648   -10.391 1.00 15.07 ? 119 MET A CB  1 
ATOM   924  C CG  . MET A 1 119 ? 0.831   7.788   -10.673 1.00 15.15 ? 119 MET A CG  1 
ATOM   925  S SD  . MET A 1 119 ? 0.664   9.164   -9.519  1.00 17.42 ? 119 MET A SD  1 
ATOM   926  C CE  . MET A 1 119 ? 1.824   10.331  -10.258 1.00 16.66 ? 119 MET A CE  1 
ATOM   927  N N   . LYS A 1 120 ? -2.507  8.785   -11.844 1.00 15.49 ? 120 LYS A N   1 
ATOM   928  C CA  . LYS A 1 120 ? -3.018  9.378   -13.083 1.00 16.79 ? 120 LYS A CA  1 
ATOM   929  C C   . LYS A 1 120 ? -4.042  8.456   -13.723 1.00 15.87 ? 120 LYS A C   1 
ATOM   930  O O   . LYS A 1 120 ? -5.089  8.179   -13.118 1.00 16.64 ? 120 LYS A O   1 
ATOM   931  C CB  . LYS A 1 120 ? -1.862  9.717   -14.037 1.00 16.37 ? 120 LYS A CB  1 
ATOM   932  C CG  . LYS A 1 120 ? -0.959  10.833  -13.518 1.00 18.91 ? 120 LYS A CG  1 
ATOM   933  C CD  . LYS A 1 120 ? 0.295   11.028  -14.388 1.00 19.91 ? 120 LYS A CD  1 
ATOM   934  C CE  . LYS A 1 120 ? -0.073  11.570  -15.783 1.00 25.31 ? 120 LYS A CE  1 
ATOM   935  N NZ  . LYS A 1 120 ? 1.120   11.738  -16.672 1.00 28.40 ? 120 LYS A NZ  1 
ATOM   936  N N   . GLY A 1 121 ? -3.752  7.965   -14.926 1.00 15.01 ? 121 GLY A N   1 
ATOM   937  C CA  . GLY A 1 121 ? -4.710  7.145   -15.658 1.00 14.59 ? 121 GLY A CA  1 
ATOM   938  C C   . GLY A 1 121 ? -4.512  5.653   -15.465 1.00 14.73 ? 121 GLY A C   1 
ATOM   939  O O   . GLY A 1 121 ? -5.229  4.842   -16.083 1.00 14.61 ? 121 GLY A O   1 
ATOM   940  N N   . VAL A 1 122 ? -3.568  5.305   -14.584 1.00 14.14 ? 122 VAL A N   1 
ATOM   941  C CA  . VAL A 1 122 ? -3.161  3.923   -14.326 1.00 15.04 ? 122 VAL A CA  1 
ATOM   942  C C   . VAL A 1 122 ? -3.755  3.360   -13.041 1.00 15.05 ? 122 VAL A C   1 
ATOM   943  O O   . VAL A 1 122 ? -3.634  3.956   -11.962 1.00 15.19 ? 122 VAL A O   1 
ATOM   944  C CB  . VAL A 1 122 ? -1.607  3.767   -14.295 1.00 15.36 ? 122 VAL A CB  1 
ATOM   945  C CG1 . VAL A 1 122 ? -1.214  2.318   -14.063 1.00 15.55 ? 122 VAL A CG1 1 
ATOM   946  C CG2 . VAL A 1 122 ? -0.977  4.280   -15.599 1.00 16.32 ? 122 VAL A CG2 1 
ATOM   947  N N   . THR A 1 123 ? -4.395  2.203   -13.164 1.00 14.75 ? 123 THR A N   1 
ATOM   948  C CA  . THR A 1 123 ? -4.957  1.517   -12.013 1.00 14.91 ? 123 THR A CA  1 
ATOM   949  C C   . THR A 1 123 ? -4.346  0.131   -11.899 1.00 14.58 ? 123 THR A C   1 
ATOM   950  O O   . THR A 1 123 ? -4.423  -0.681  -12.830 1.00 14.85 ? 123 THR A O   1 
ATOM   951  C CB  . THR A 1 123 ? -6.500  1.428   -12.121 1.00 14.93 ? 123 THR A CB  1 
ATOM   952  O OG1 . THR A 1 123 ? -7.058  2.744   -12.191 1.00 14.92 ? 123 THR A OG1 1 
ATOM   953  C CG2 . THR A 1 123 ? -7.111  0.861   -10.829 1.00 14.32 ? 123 THR A CG2 1 
ATOM   954  N N   . SER A 1 124 ? -3.731  -0.131  -10.756 1.00 14.26 ? 124 SER A N   1 
ATOM   955  C CA  . SER A 1 124 ? -3.195  -1.460  -10.481 1.00 14.13 ? 124 SER A CA  1 
ATOM   956  C C   . SER A 1 124 ? -3.987  -2.133  -9.361  1.00 14.34 ? 124 SER A C   1 
ATOM   957  O O   . SER A 1 124 ? -4.257  -1.508  -8.335  1.00 14.29 ? 124 SER A O   1 
ATOM   958  C CB  . SER A 1 124 ? -1.701  -1.394  -10.136 1.00 13.42 ? 124 SER A CB  1 
ATOM   959  O OG  . SER A 1 124 ? -1.284  -2.639  -9.596  1.00 13.00 ? 124 SER A OG  1 
ATOM   960  N N   . THR A 1 125 ? -4.353  -3.401  -9.562  1.00 14.13 ? 125 THR A N   1 
ATOM   961  C CA  . THR A 1 125 ? -5.064  -4.169  -8.540  1.00 14.66 ? 125 THR A CA  1 
ATOM   962  C C   . THR A 1 125 ? -4.248  -5.363  -8.053  1.00 14.61 ? 125 THR A C   1 
ATOM   963  O O   . THR A 1 125 ? -3.771  -6.174  -8.851  1.00 13.95 ? 125 THR A O   1 
ATOM   964  C CB  . THR A 1 125 ? -6.435  -4.671  -9.062  1.00 14.96 ? 125 THR A CB  1 
ATOM   965  O OG1 . THR A 1 125 ? -7.171  -3.578  -9.617  1.00 16.63 ? 125 THR A OG1 1 
ATOM   966  C CG2 . THR A 1 125 ? -7.321  -5.161  -7.896  1.00 15.06 ? 125 THR A CG2 1 
ATOM   967  N N   . ARG A 1 126 ? -4.116  -5.469  -6.730  1.00 14.94 ? 126 ARG A N   1 
ATOM   968  C CA  . ARG A 1 126 ? -3.330  -6.528  -6.099  1.00 15.21 ? 126 ARG A CA  1 
ATOM   969  C C   . ARG A 1 126 ? -4.173  -7.216  -5.045  1.00 15.30 ? 126 ARG A C   1 
ATOM   970  O O   . ARG A 1 126 ? -4.881  -6.555  -4.284  1.00 15.32 ? 126 ARG A O   1 
ATOM   971  C CB  . ARG A 1 126 ? -2.046  -5.959  -5.494  1.00 15.57 ? 126 ARG A CB  1 
ATOM   972  C CG  . ARG A 1 126 ? -1.023  -5.573  -6.555  1.00 16.38 ? 126 ARG A CG  1 
ATOM   973  C CD  . ARG A 1 126 ? -0.095  -4.435  -6.188  1.00 15.78 ? 126 ARG A CD  1 
ATOM   974  N NE  . ARG A 1 126 ? 0.969   -4.797  -5.247  1.00 16.17 ? 126 ARG A NE  1 
ATOM   975  C CZ  . ARG A 1 126 ? 2.061   -5.503  -5.538  1.00 15.96 ? 126 ARG A CZ  1 
ATOM   976  N NH1 . ARG A 1 126 ? 2.255   -6.022  -6.752  1.00 15.86 ? 126 ARG A NH1 1 
ATOM   977  N NH2 . ARG A 1 126 ? 2.964   -5.713  -4.594  1.00 16.77 ? 126 ARG A NH2 1 
ATOM   978  N N   . VAL A 1 127 ? -4.126  -8.547  -5.027  1.00 14.70 ? 127 VAL A N   1 
ATOM   979  C CA  . VAL A 1 127 ? -4.932  -9.310  -4.088  1.00 14.68 ? 127 VAL A CA  1 
ATOM   980  C C   . VAL A 1 127 ? -4.052  -10.084 -3.117  1.00 14.60 ? 127 VAL A C   1 
ATOM   981  O O   . VAL A 1 127 ? -3.115  -10.786 -3.523  1.00 13.96 ? 127 VAL A O   1 
ATOM   982  C CB  . VAL A 1 127 ? -5.916  -10.266 -4.819  1.00 14.89 ? 127 VAL A CB  1 
ATOM   983  C CG1 . VAL A 1 127 ? -6.680  -11.149 -3.834  1.00 14.53 ? 127 VAL A CG1 1 
ATOM   984  C CG2 . VAL A 1 127 ? -6.874  -9.478  -5.697  1.00 14.71 ? 127 VAL A CG2 1 
ATOM   985  N N   . TYR A 1 128 ? -4.367  -9.937  -1.831  1.00 14.67 ? 128 TYR A N   1 
ATOM   986  C CA  . TYR A 1 128 ? -3.730  -10.702 -0.783  1.00 14.90 ? 128 TYR A CA  1 
ATOM   987  C C   . TYR A 1 128 ? -4.743  -11.661 -0.153  1.00 15.83 ? 128 TYR A C   1 
ATOM   988  O O   . TYR A 1 128 ? -5.945  -11.352 -0.068  1.00 15.49 ? 128 TYR A O   1 
ATOM   989  C CB  . TYR A 1 128 ? -3.196  -9.773  0.310   1.00 15.43 ? 128 TYR A CB  1 
ATOM   990  C CG  . TYR A 1 128 ? -2.039  -8.844  -0.077  1.00 14.67 ? 128 TYR A CG  1 
ATOM   991  C CD1 . TYR A 1 128 ? -2.246  -7.721  -0.875  1.00 14.52 ? 128 TYR A CD1 1 
ATOM   992  C CD2 . TYR A 1 128 ? -0.753  -9.065  0.421   1.00 15.79 ? 128 TYR A CD2 1 
ATOM   993  C CE1 . TYR A 1 128 ? -1.190  -6.854  -1.199  1.00 14.08 ? 128 TYR A CE1 1 
ATOM   994  C CE2 . TYR A 1 128 ? 0.313   -8.204  0.106   1.00 15.04 ? 128 TYR A CE2 1 
ATOM   995  C CZ  . TYR A 1 128 ? 0.084   -7.104  -0.705  1.00 15.62 ? 128 TYR A CZ  1 
ATOM   996  O OH  . TYR A 1 128 ? 1.140   -6.255  -1.013  1.00 16.15 ? 128 TYR A OH  1 
ATOM   997  N N   . GLU A 1 129 ? -4.253  -12.802 0.321   1.00 16.00 ? 129 GLU A N   1 
ATOM   998  C CA  . GLU A 1 129 ? -5.070  -13.722 1.114   1.00 17.72 ? 129 GLU A CA  1 
ATOM   999  C C   . GLU A 1 129 ? -4.327  -14.113 2.398   1.00 17.73 ? 129 GLU A C   1 
ATOM   1000 O O   . GLU A 1 129 ? -3.093  -14.056 2.442   1.00 17.49 ? 129 GLU A O   1 
ATOM   1001 C CB  . GLU A 1 129 ? -5.422  -14.953 0.277   1.00 17.12 ? 129 GLU A CB  1 
ATOM   1002 C CG  . GLU A 1 129 ? -6.310  -14.603 -0.913  1.00 18.90 ? 129 GLU A CG  1 
ATOM   1003 C CD  . GLU A 1 129 ? -6.739  -15.807 -1.731  1.00 19.64 ? 129 GLU A CD  1 
ATOM   1004 O OE1 . GLU A 1 129 ? -6.410  -16.943 -1.354  1.00 23.16 ? 129 GLU A OE1 1 
ATOM   1005 O OE2 . GLU A 1 129 ? -7.417  -15.606 -2.757  1.00 22.90 ? 129 GLU A OE2 1 
ATOM   1006 N N   . ARG A 1 130 ? -5.067  -14.521 3.431   1.00 18.29 ? 130 ARG A N   1 
ATOM   1007 C CA  . ARG A 1 130 ? -4.451  -14.816 4.728   1.00 19.55 ? 130 ARG A CA  1 
ATOM   1008 C C   . ARG A 1 130 ? -3.354  -15.864 4.597   1.00 19.77 ? 130 ARG A C   1 
ATOM   1009 O O   . ARG A 1 130 ? -3.481  -16.821 3.832   1.00 19.91 ? 130 ARG A O   1 
ATOM   1010 C CB  . ARG A 1 130 ? -5.482  -15.250 5.779   1.00 19.72 ? 130 ARG A CB  1 
ATOM   1011 C CG  . ARG A 1 130 ? -6.468  -14.171 6.163   1.00 20.35 ? 130 ARG A CG  1 
ATOM   1012 C CD  . ARG A 1 130 ? -7.307  -14.484 7.378   1.00 21.06 ? 130 ARG A CD  1 
ATOM   1013 N NE  . ARG A 1 130 ? -8.195  -13.366 7.701   1.00 25.39 ? 130 ARG A NE  1 
ATOM   1014 C CZ  . ARG A 1 130 ? -7.910  -12.406 8.576   1.00 27.41 ? 130 ARG A CZ  1 
ATOM   1015 N NH1 . ARG A 1 130 ? -6.763  -12.421 9.252   1.00 28.87 ? 130 ARG A NH1 1 
ATOM   1016 N NH2 . ARG A 1 130 ? -8.785  -11.437 8.798   1.00 30.05 ? 130 ARG A NH2 1 
ATOM   1017 N N   . ALA A 1 131 ? -2.266  -15.659 5.328   1.00 20.66 ? 131 ALA A N   1 
ATOM   1018 C CA  . ALA A 1 131 ? -1.133  -16.573 5.290   1.00 21.72 ? 131 ALA A CA  1 
ATOM   1019 C C   . ALA A 1 131 ? -1.518  -17.903 5.932   1.00 22.47 ? 131 ALA A C   1 
ATOM   1020 O O   . ALA A 1 131 ? -2.461  -17.959 6.721   1.00 23.37 ? 131 ALA A O   1 
ATOM   1021 C CB  . ALA A 1 131 ? 0.050   -15.965 5.998   1.00 21.82 ? 131 ALA A CB  1 
ATOM   1022 O OXT . ALA A 1 131 ? -0.920  -18.955 5.667   1.00 23.52 ? 131 ALA A OXT 1 
HETATM 1023 O O19 . CRZ B 2 .   ? 0.909   -4.097  -2.691  1.00 16.47 ? 501 CRZ A O19 1 
HETATM 1024 C C1  . CRZ B 2 .   ? 1.046   -2.922  -2.383  1.00 16.20 ? 501 CRZ A C1  1 
HETATM 1025 O O18 . CRZ B 2 .   ? 0.791   -2.568  -1.127  1.00 15.25 ? 501 CRZ A O18 1 
HETATM 1026 C C2  . CRZ B 2 .   ? 1.499   -1.894  -3.398  1.00 14.12 ? 501 CRZ A C2  1 
HETATM 1027 C C3  . CRZ B 2 .   ? 1.681   -0.498  -2.772  1.00 14.32 ? 501 CRZ A C3  1 
HETATM 1028 C C4  . CRZ B 2 .   ? 2.976   -0.362  -1.951  1.00 17.45 ? 501 CRZ A C4  1 
HETATM 1029 N N5  . CRZ B 2 .   ? 4.174   -0.799  -2.685  1.00 18.31 ? 501 CRZ A N5  1 
HETATM 1030 C C6  . CRZ B 2 .   ? 4.748   -2.043  -2.570  1.00 18.92 ? 501 CRZ A C6  1 
HETATM 1031 C C17 . CRZ B 2 .   ? 4.454   -3.218  -1.876  1.00 18.76 ? 501 CRZ A C17 1 
HETATM 1032 C C7  . CRZ B 2 .   ? 5.947   -2.057  -3.437  1.00 18.68 ? 501 CRZ A C7  1 
HETATM 1033 C C14 . CRZ B 2 .   ? 6.778   -3.161  -3.575  1.00 19.32 ? 501 CRZ A C14 1 
HETATM 1034 C C15 . CRZ B 2 .   ? 6.426   -4.313  -2.857  1.00 19.70 ? 501 CRZ A C15 1 
HETATM 1035 C C16 . CRZ B 2 .   ? 5.295   -4.334  -2.024  1.00 19.71 ? 501 CRZ A C16 1 
HETATM 1036 C C8  . CRZ B 2 .   ? 6.033   -0.739  -4.037  1.00 19.26 ? 501 CRZ A C8  1 
HETATM 1037 C C9  . CRZ B 2 .   ? 4.877   0.024   -3.524  1.00 19.29 ? 501 CRZ A C9  1 
HETATM 1038 C C10 . CRZ B 2 .   ? 4.732   1.342   -3.972  1.00 19.90 ? 501 CRZ A C10 1 
HETATM 1039 C C13 . CRZ B 2 .   ? 6.970   -0.212  -4.925  1.00 19.71 ? 501 CRZ A C13 1 
HETATM 1040 C C12 . CRZ B 2 .   ? 6.773   1.115   -5.325  1.00 18.65 ? 501 CRZ A C12 1 
HETATM 1041 C C11 . CRZ B 2 .   ? 5.682   1.862   -4.858  1.00 19.16 ? 501 CRZ A C11 1 
HETATM 1042 O O   . HOH C 3 .   ? -7.976  -16.112 10.978  1.00 32.63 ? 502 HOH A O   1 
HETATM 1043 O O   . HOH C 3 .   ? -7.765  -13.674 12.045  1.00 20.91 ? 503 HOH A O   1 
HETATM 1044 O O   . HOH C 3 .   ? -9.975  -12.086 11.482  1.00 16.50 ? 504 HOH A O   1 
HETATM 1045 O O   . HOH C 3 .   ? -14.314 -8.665  6.172   1.00 37.50 ? 505 HOH A O   1 
HETATM 1046 O O   . HOH C 3 .   ? -9.153  -9.563  10.587  1.00 21.51 ? 506 HOH A O   1 
HETATM 1047 O O   . HOH C 3 .   ? -8.700  -0.024  18.342  1.00 31.81 ? 507 HOH A O   1 
HETATM 1048 O O   . HOH C 3 .   ? -3.218  -13.472 11.496  1.00 35.63 ? 508 HOH A O   1 
HETATM 1049 O O   . HOH C 3 .   ? -15.030 -10.204 4.059   1.00 38.09 ? 509 HOH A O   1 
HETATM 1050 O O   . HOH C 3 .   ? -9.885  -16.109 9.350   1.00 41.56 ? 510 HOH A O   1 
HETATM 1051 O O   . HOH C 3 .   ? -4.020  -13.443 9.229   1.00 18.75 ? 511 HOH A O   1 
HETATM 1052 O O   . HOH C 3 .   ? -2.634  -15.801 8.265   1.00 32.57 ? 512 HOH A O   1 
HETATM 1053 O O   . HOH C 3 .   ? -7.754  -15.319 2.845   1.00 21.08 ? 513 HOH A O   1 
HETATM 1054 O O   . HOH C 3 .   ? -5.487  -19.814 0.995   1.00 53.43 ? 514 HOH A O   1 
HETATM 1055 O O   . HOH C 3 .   ? -1.539  -8.833  12.835  1.00 16.89 ? 515 HOH A O   1 
HETATM 1056 O O   . HOH C 3 .   ? -1.020  -11.467 11.879  1.00 21.88 ? 516 HOH A O   1 
HETATM 1057 O O   . HOH C 3 .   ? -12.450 -15.340 -1.715  1.00 29.47 ? 517 HOH A O   1 
HETATM 1058 O O   . HOH C 3 .   ? -9.813  1.453   13.806  1.00 30.13 ? 518 HOH A O   1 
HETATM 1059 O O   . HOH C 3 .   ? -10.006 -16.218 -2.243  1.00 39.50 ? 519 HOH A O   1 
HETATM 1060 O O   . HOH C 3 .   ? -1.717  2.668   20.837  1.00 34.97 ? 520 HOH A O   1 
HETATM 1061 O O   . HOH C 3 .   ? -7.678  2.443   14.925  1.00 38.28 ? 521 HOH A O   1 
HETATM 1062 O O   . HOH C 3 .   ? 1.324   -8.547  14.158  1.00 17.88 ? 522 HOH A O   1 
HETATM 1063 O O   . HOH C 3 .   ? 2.799   -12.463 10.879  1.00 28.76 ? 523 HOH A O   1 
HETATM 1064 O O   . HOH C 3 .   ? -3.963  -18.075 -0.771  1.00 41.40 ? 524 HOH A O   1 
HETATM 1065 O O   . HOH C 3 .   ? -15.691 4.781   9.116   1.00 46.99 ? 525 HOH A O   1 
HETATM 1066 O O   . HOH C 3 .   ? -13.382 -3.321  3.202   1.00 34.03 ? 526 HOH A O   1 
HETATM 1067 O O   . HOH C 3 .   ? -13.642 -12.220 -5.483  1.00 57.70 ? 527 HOH A O   1 
HETATM 1068 O O   . HOH C 3 .   ? 2.715   -3.130  16.884  1.00 30.70 ? 528 HOH A O   1 
HETATM 1069 O O   . HOH C 3 .   ? 3.560   -15.819 6.696   1.00 27.16 ? 529 HOH A O   1 
HETATM 1070 O O   . HOH C 3 .   ? 4.099   -5.564  15.827  1.00 23.66 ? 530 HOH A O   1 
HETATM 1071 O O   . HOH C 3 .   ? 3.049   -6.601  13.678  1.00 18.87 ? 531 HOH A O   1 
HETATM 1072 O O   . HOH C 3 .   ? 6.779   -14.530 10.309  1.00 59.18 ? 532 HOH A O   1 
HETATM 1073 O O   . HOH C 3 .   ? -12.811 -14.273 -7.414  1.00 43.22 ? 533 HOH A O   1 
HETATM 1074 O O   . HOH C 3 .   ? -0.242  -0.211  15.836  1.00 19.48 ? 534 HOH A O   1 
HETATM 1075 O O   . HOH C 3 .   ? -6.836  5.607   14.046  1.00 15.03 ? 535 HOH A O   1 
HETATM 1076 O O   . HOH C 3 .   ? -10.742 9.091   13.235  1.00 46.92 ? 536 HOH A O   1 
HETATM 1077 O O   . HOH C 3 .   ? 5.406   -8.618  12.652  1.00 36.92 ? 537 HOH A O   1 
HETATM 1078 O O   . HOH C 3 .   ? 1.656   -18.740 2.737   1.00 85.86 ? 538 HOH A O   1 
HETATM 1079 O O   . HOH C 3 .   ? -0.529  -17.504 0.244   1.00 37.11 ? 539 HOH A O   1 
HETATM 1080 O O   . HOH C 3 .   ? -8.572  9.029   14.406  1.00 17.94 ? 540 HOH A O   1 
HETATM 1081 O O   . HOH C 3 .   ? 1.677   -4.833  12.025  1.00 17.34 ? 541 HOH A O   1 
HETATM 1082 O O   . HOH C 3 .   ? -18.611 6.388   3.349   1.00 37.46 ? 542 HOH A O   1 
HETATM 1083 O O   . HOH C 3 .   ? -7.525  -14.771 -5.133  1.00 23.13 ? 543 HOH A O   1 
HETATM 1084 O O   . HOH C 3 .   ? 3.652   -0.803  15.914  1.00 15.98 ? 544 HOH A O   1 
HETATM 1085 O O   . HOH C 3 .   ? -11.297 7.804   9.004   1.00 22.37 ? 545 HOH A O   1 
HETATM 1086 O O   . HOH C 3 .   ? -14.358 8.036   6.262   1.00 39.08 ? 546 HOH A O   1 
HETATM 1087 O O   . HOH C 3 .   ? -13.447 9.302   8.271   1.00 37.52 ? 547 HOH A O   1 
HETATM 1088 O O   . HOH C 3 .   ? 6.458   -1.374  15.148  1.00 9.35  ? 548 HOH A O   1 
HETATM 1089 O O   . HOH C 3 .   ? -10.403 10.478  10.502  1.00 52.90 ? 549 HOH A O   1 
HETATM 1090 O O   . HOH C 3 .   ? -6.804  -12.959 -7.106  1.00 22.83 ? 550 HOH A O   1 
HETATM 1091 O O   . HOH C 3 .   ? -12.165 -6.309  -7.132  1.00 42.89 ? 551 HOH A O   1 
HETATM 1092 O O   . HOH C 3 .   ? -9.190  -11.409 -8.946  1.00 56.61 ? 552 HOH A O   1 
HETATM 1093 O O   . HOH C 3 .   ? -0.315  11.428  17.402  1.00 24.21 ? 553 HOH A O   1 
HETATM 1094 O O   . HOH C 3 .   ? 7.149   2.026   15.835  1.00 21.43 ? 554 HOH A O   1 
HETATM 1095 O O   . HOH C 3 .   ? 5.023   -14.615 -0.732  1.00 36.78 ? 555 HOH A O   1 
HETATM 1096 O O   . HOH C 3 .   ? -0.164  -16.618 -6.533  1.00 19.30 ? 556 HOH A O   1 
HETATM 1097 O O   . HOH C 3 .   ? -8.931  14.389  11.260  1.00 29.21 ? 557 HOH A O   1 
HETATM 1098 O O   . HOH C 3 .   ? -13.761 3.404   -3.293  1.00 52.58 ? 558 HOH A O   1 
HETATM 1099 O O   . HOH C 3 .   ? 5.932   2.120   12.958  1.00 26.25 ? 559 HOH A O   1 
HETATM 1100 O O   . HOH C 3 .   ? 8.432   -3.790  10.016  1.00 32.42 ? 560 HOH A O   1 
HETATM 1101 O O   . HOH C 3 .   ? -8.169  -10.356 -11.112 1.00 23.17 ? 561 HOH A O   1 
HETATM 1102 O O   . HOH C 3 .   ? 1.740   10.046  15.490  1.00 42.19 ? 562 HOH A O   1 
HETATM 1103 O O   . HOH C 3 .   ? 8.719   0.722   14.004  1.00 14.17 ? 563 HOH A O   1 
HETATM 1104 O O   . HOH C 3 .   ? 10.807  -6.268  8.963   1.00 43.45 ? 564 HOH A O   1 
HETATM 1105 O O   . HOH C 3 .   ? -5.015  2.092   2.091   1.00 16.23 ? 565 HOH A O   1 
HETATM 1106 O O   . HOH C 3 .   ? -1.601  -14.774 -9.675  1.00 18.67 ? 566 HOH A O   1 
HETATM 1107 O O   . HOH C 3 .   ? -8.877  -7.887  -10.820 1.00 37.95 ? 567 HOH A O   1 
HETATM 1108 O O   . HOH C 3 .   ? -0.738  9.535   11.594  1.00 11.09 ? 568 HOH A O   1 
HETATM 1109 O O   . HOH C 3 .   ? -3.320  9.197   8.520   1.00 9.59  ? 569 HOH A O   1 
HETATM 1110 O O   . HOH C 3 .   ? 8.596   -4.894  7.608   1.00 27.08 ? 570 HOH A O   1 
HETATM 1111 O O   . HOH C 3 .   ? -0.514  -2.641  1.104   1.00 59.20 ? 571 HOH A O   1 
HETATM 1112 O O   . HOH C 3 .   ? 2.013   8.409   11.713  1.00 32.87 ? 572 HOH A O   1 
HETATM 1113 O O   . HOH C 3 .   ? 13.484  -9.551  6.878   1.00 26.85 ? 573 HOH A O   1 
HETATM 1114 O O   . HOH C 3 .   ? 2.597   -5.222  1.065   1.00 17.20 ? 574 HOH A O   1 
HETATM 1115 O O   . HOH C 3 .   ? -9.380  -2.763  -8.338  1.00 35.34 ? 575 HOH A O   1 
HETATM 1116 O O   . HOH C 3 .   ? -4.872  -9.019  -8.866  1.00 15.42 ? 576 HOH A O   1 
HETATM 1117 O O   . HOH C 3 .   ? 4.806   6.886   12.571  1.00 35.43 ? 577 HOH A O   1 
HETATM 1118 O O   . HOH C 3 .   ? 11.988  -9.685  4.321   1.00 17.82 ? 578 HOH A O   1 
HETATM 1119 O O   . HOH C 3 .   ? -7.314  9.516   3.119   1.00 19.57 ? 579 HOH A O   1 
HETATM 1120 O O   . HOH C 3 .   ? -12.174 1.482   -7.718  1.00 21.22 ? 580 HOH A O   1 
HETATM 1121 O O   . HOH C 3 .   ? -4.189  -11.492 -11.995 1.00 18.04 ? 581 HOH A O   1 
HETATM 1122 O O   . HOH C 3 .   ? 5.395   5.313   10.185  1.00 14.30 ? 582 HOH A O   1 
HETATM 1123 O O   . HOH C 3 .   ? 4.223   -0.281  4.868   1.00 24.11 ? 583 HOH A O   1 
HETATM 1124 O O   . HOH C 3 .   ? 1.565   -13.132 -8.334  1.00 32.61 ? 584 HOH A O   1 
HETATM 1125 O O   . HOH C 3 .   ? -1.585  -11.981 -10.964 1.00 13.53 ? 585 HOH A O   1 
HETATM 1126 O O   . HOH C 3 .   ? 1.758   13.085  12.224  1.00 31.10 ? 586 HOH A O   1 
HETATM 1127 O O   . HOH C 3 .   ? 2.612   -1.786  1.450   1.00 35.88 ? 587 HOH A O   1 
HETATM 1128 O O   . HOH C 3 .   ? 9.822   -12.011 -0.745  1.00 30.65 ? 588 HOH A O   1 
HETATM 1129 O O   . HOH C 3 .   ? 3.955   10.343  12.276  1.00 39.27 ? 589 HOH A O   1 
HETATM 1130 O O   . HOH C 3 .   ? -4.004  15.874  9.532   1.00 36.41 ? 590 HOH A O   1 
HETATM 1131 O O   . HOH C 3 .   ? 14.502  -10.693 2.968   1.00 20.12 ? 591 HOH A O   1 
HETATM 1132 O O   . HOH C 3 .   ? 8.888   -11.676 -2.951  1.00 29.95 ? 592 HOH A O   1 
HETATM 1133 O O   . HOH C 3 .   ? -10.650 4.612   -7.015  1.00 27.18 ? 593 HOH A O   1 
HETATM 1134 O O   . HOH C 3 .   ? 7.816   -5.317  0.713   1.00 12.32 ? 594 HOH A O   1 
HETATM 1135 O O   . HOH C 3 .   ? -7.077  3.732   -5.290  1.00 23.05 ? 595 HOH A O   1 
HETATM 1136 O O   . HOH C 3 .   ? 5.956   -13.041 -8.270  1.00 34.37 ? 596 HOH A O   1 
HETATM 1137 O O   . HOH C 3 .   ? 2.348   -10.863 -8.538  1.00 32.54 ? 597 HOH A O   1 
HETATM 1138 O O   . HOH C 3 .   ? 5.199   9.093   9.698   1.00 71.91 ? 598 HOH A O   1 
HETATM 1139 O O   . HOH C 3 .   ? 2.414   2.600   1.696   1.00 26.19 ? 599 HOH A O   1 
HETATM 1140 O O   . HOH C 3 .   ? 9.042   -14.197 -7.180  1.00 39.36 ? 600 HOH A O   1 
HETATM 1141 O O   . HOH C 3 .   ? 4.540   -9.956  -7.983  1.00 27.36 ? 601 HOH A O   1 
HETATM 1142 O O   . HOH C 3 .   ? 1.290   -10.676 -11.443 1.00 27.86 ? 602 HOH A O   1 
HETATM 1143 O O   . HOH C 3 .   ? -6.754  -5.285  -13.119 1.00 28.02 ? 603 HOH A O   1 
HETATM 1144 O O   . HOH C 3 .   ? 6.393   6.876   8.202   1.00 25.48 ? 604 HOH A O   1 
HETATM 1145 O O   . HOH C 3 .   ? 7.477   3.264   4.938   1.00 32.47 ? 605 HOH A O   1 
HETATM 1146 O O   . HOH C 3 .   ? -4.276  15.301  5.199   1.00 24.91 ? 606 HOH A O   1 
HETATM 1147 O O   . HOH C 3 .   ? 5.790   -0.943  0.847   1.00 15.81 ? 607 HOH A O   1 
HETATM 1148 O O   . HOH C 3 .   ? 5.185   -6.782  -6.044  1.00 20.13 ? 608 HOH A O   1 
HETATM 1149 O O   . HOH C 3 .   ? -6.312  -2.909  -12.016 1.00 19.87 ? 609 HOH A O   1 
HETATM 1150 O O   . HOH C 3 .   ? 14.103  -6.732  2.394   1.00 23.69 ? 610 HOH A O   1 
HETATM 1151 O O   . HOH C 3 .   ? 7.513   -2.708  -0.130  1.00 23.95 ? 611 HOH A O   1 
HETATM 1152 O O   . HOH C 3 .   ? 10.993  -10.064 -3.402  1.00 28.28 ? 612 HOH A O   1 
HETATM 1153 O O   . HOH C 3 .   ? 5.956   2.832   2.841   1.00 17.86 ? 613 HOH A O   1 
HETATM 1154 O O   . HOH C 3 .   ? 14.412  -3.764  3.598   1.00 26.10 ? 614 HOH A O   1 
HETATM 1155 O O   . HOH C 3 .   ? 5.861   1.677   0.382   1.00 19.06 ? 615 HOH A O   1 
HETATM 1156 O O   . HOH C 3 .   ? 3.604   3.158   -1.067  1.00 17.87 ? 616 HOH A O   1 
HETATM 1157 O O   . HOH C 3 .   ? 8.433   13.281  10.525  1.00 36.40 ? 617 HOH A O   1 
HETATM 1158 O O   . HOH C 3 .   ? -1.346  13.542  2.619   1.00 18.79 ? 618 HOH A O   1 
HETATM 1159 O O   . HOH C 3 .   ? 1.652   17.360  8.400   1.00 30.00 ? 619 HOH A O   1 
HETATM 1160 O O   . HOH C 3 .   ? 11.524  -9.334  -5.961  1.00 30.18 ? 620 HOH A O   1 
HETATM 1161 O O   . HOH C 3 .   ? 3.445   6.411   15.316  1.00 31.56 ? 621 HOH A O   1 
HETATM 1162 O O   . HOH C 3 .   ? 16.038  -4.925  0.914   1.00 51.86 ? 622 HOH A O   1 
HETATM 1163 O O   . HOH C 3 .   ? 2.700   4.332   -3.520  1.00 11.08 ? 623 HOH A O   1 
HETATM 1164 O O   . HOH C 3 .   ? 15.201  -9.696  -4.560  1.00 38.06 ? 624 HOH A O   1 
HETATM 1165 O O   . HOH C 3 .   ? -4.650  10.384  -5.751  1.00 30.72 ? 625 HOH A O   1 
HETATM 1166 O O   . HOH C 3 .   ? 6.098   16.864  9.258   1.00 42.43 ? 626 HOH A O   1 
HETATM 1167 O O   . HOH C 3 .   ? -6.985  2.951   -15.178 1.00 19.22 ? 627 HOH A O   1 
HETATM 1168 O O   . HOH C 3 .   ? 1.209   18.957  4.065   1.00 41.60 ? 628 HOH A O   1 
HETATM 1169 O O   . HOH C 3 .   ? -5.810  12.899  -8.018  1.00 36.56 ? 629 HOH A O   1 
HETATM 1170 O O   . HOH C 3 .   ? 6.135   -6.222  -13.190 1.00 23.25 ? 630 HOH A O   1 
HETATM 1171 O O   . HOH C 3 .   ? -1.377  -18.427 -5.065  1.00 25.47 ? 631 HOH A O   1 
HETATM 1172 O O   . HOH C 3 .   ? -6.394  9.563   -11.496 1.00 20.72 ? 632 HOH A O   1 
HETATM 1173 O O   . HOH C 3 .   ? 2.045   -3.384  -15.828 1.00 18.50 ? 633 HOH A O   1 
HETATM 1174 O O   . HOH C 3 .   ? 9.016   16.137  7.625   1.00 55.35 ? 634 HOH A O   1 
HETATM 1175 O O   . HOH C 3 .   ? 8.069   -4.549  -12.594 1.00 23.62 ? 635 HOH A O   1 
HETATM 1176 O O   . HOH C 3 .   ? -1.905  -0.386  -17.102 1.00 26.06 ? 636 HOH A O   1 
HETATM 1177 O O   . HOH C 3 .   ? -2.820  10.430  -9.414  1.00 22.83 ? 637 HOH A O   1 
HETATM 1178 O O   . HOH C 3 .   ? -3.610  2.521   -18.085 1.00 29.44 ? 638 HOH A O   1 
HETATM 1179 O O   . HOH C 3 .   ? 3.249   17.194  -0.243  1.00 35.10 ? 639 HOH A O   1 
HETATM 1180 O O   . HOH C 3 .   ? 5.693   16.842  0.456   1.00 45.75 ? 640 HOH A O   1 
HETATM 1181 O O   . HOH C 3 .   ? -2.976  14.693  -9.068  1.00 33.87 ? 641 HOH A O   1 
HETATM 1182 O O   . HOH C 3 .   ? 0.775   16.918  -4.031  1.00 28.38 ? 642 HOH A O   1 
HETATM 1183 O O   . HOH C 3 .   ? -0.855  13.214  -9.420  1.00 17.30 ? 643 HOH A O   1 
HETATM 1184 O O   . HOH C 3 .   ? 2.877   18.155  -2.650  1.00 25.03 ? 644 HOH A O   1 
HETATM 1185 O O   . HOH C 3 .   ? 13.498  3.650   -5.998  1.00 35.66 ? 645 HOH A O   1 
HETATM 1186 O O   . HOH C 3 .   ? -2.177  6.230   -18.526 1.00 30.46 ? 646 HOH A O   1 
HETATM 1187 O O   . HOH C 3 .   ? 8.824   15.166  -1.267  1.00 27.59 ? 647 HOH A O   1 
HETATM 1188 O O   . HOH C 3 .   ? -1.622  8.053   -16.936 1.00 15.89 ? 648 HOH A O   1 
HETATM 1189 O O   . HOH C 3 .   ? 6.947   17.086  -1.869  1.00 22.97 ? 649 HOH A O   1 
HETATM 1190 O O   . HOH C 3 .   ? 10.810  12.110  -2.969  1.00 18.46 ? 650 HOH A O   1 
HETATM 1191 O O   . HOH C 3 .   ? 0.695   4.033   -18.899 1.00 46.07 ? 651 HOH A O   1 
HETATM 1192 O O   . HOH C 3 .   ? 12.514  7.994   -5.515  1.00 26.70 ? 652 HOH A O   1 
HETATM 1193 O O   . HOH C 3 .   ? 13.257  4.944   -8.094  1.00 35.77 ? 653 HOH A O   1 
HETATM 1194 O O   . HOH C 3 .   ? -2.291  14.618  -13.235 1.00 41.03 ? 654 HOH A O   1 
HETATM 1195 O O   . HOH C 3 .   ? 8.778   -1.502  -17.813 1.00 44.59 ? 655 HOH A O   1 
HETATM 1196 O O   . HOH C 3 .   ? 7.943   10.390  -8.309  1.00 23.15 ? 656 HOH A O   1 
HETATM 1197 O O   . HOH C 3 .   ? 0.238   16.494  -11.168 1.00 44.43 ? 657 HOH A O   1 
HETATM 1198 O O   . HOH C 3 .   ? -1.995  9.973   -18.331 1.00 28.94 ? 658 HOH A O   1 
HETATM 1199 O O   . HOH C 3 .   ? 2.340   2.142   -20.978 1.00 40.72 ? 659 HOH A O   1 
HETATM 1200 O O   . HOH C 3 .   ? 10.120  14.557  -3.695  1.00 32.21 ? 660 HOH A O   1 
HETATM 1201 O O   . HOH C 3 .   ? 12.392  10.564  -4.930  1.00 53.51 ? 661 HOH A O   1 
HETATM 1202 O O   . HOH C 3 .   ? 15.759  2.422   -9.806  1.00 27.37 ? 662 HOH A O   1 
HETATM 1203 O O   . HOH C 3 .   ? 4.050   11.927  -12.617 1.00 31.57 ? 663 HOH A O   1 
HETATM 1204 O O   . HOH C 3 .   ? 3.863   9.540   -14.779 1.00 33.64 ? 664 HOH A O   1 
HETATM 1205 O O   . HOH C 3 .   ? 10.623  11.722  -6.348  1.00 32.71 ? 665 HOH A O   1 
HETATM 1206 O O   . HOH C 3 .   ? 8.974   13.782  -7.520  1.00 26.86 ? 666 HOH A O   1 
HETATM 1207 O O   . HOH C 3 .   ? 10.989  17.702  -3.350  1.00 44.75 ? 667 HOH A O   1 
HETATM 1208 O O   . HOH C 3 .   ? 13.613  7.881   -9.526  1.00 44.96 ? 668 HOH A O   1 
HETATM 1209 O O   . HOH C 3 .   ? 3.469   18.005  -10.035 1.00 27.08 ? 669 HOH A O   1 
HETATM 1210 O O   . HOH C 3 .   ? 4.060   5.756   -20.407 1.00 36.63 ? 670 HOH A O   1 
HETATM 1211 O O   . HOH C 3 .   ? 9.828   11.092  -10.986 1.00 42.55 ? 671 HOH A O   1 
HETATM 1212 O O   . HOH C 3 .   ? 17.100  1.999   -13.351 1.00 29.13 ? 672 HOH A O   1 
HETATM 1213 O O   . HOH C 3 .   ? 12.105  9.220   -12.603 1.00 41.95 ? 673 HOH A O   1 
HETATM 1214 O O   . HOH C 3 .   ? 15.274  6.091   -13.965 1.00 46.60 ? 674 HOH A O   1 
HETATM 1215 O O   . HOH C 3 .   ? 11.049  8.031   -14.354 1.00 51.06 ? 675 HOH A O   1 
# 
